data_6C01
#
_entry.id   6C01
#
_cell.length_a   96.184
_cell.length_b   133.640
_cell.length_c   167.430
_cell.angle_alpha   90.00
_cell.angle_beta   90.00
_cell.angle_gamma   90.00
#
_symmetry.space_group_name_H-M   'P 21 21 21'
#
loop_
_entity.id
_entity.type
_entity.pdbx_description
1 polymer 'Ectonucleotide pyrophosphatase/phosphodiesterase family member 3'
2 branched 2-acetamido-2-deoxy-beta-D-glucopyranose-(1-4)-2-acetamido-2-deoxy-beta-D-glucopyranose
3 branched beta-D-mannopyranose-(1-4)-2-acetamido-2-deoxy-beta-D-glucopyranose-(1-4)-2-acetamido-2-deoxy-beta-D-glucopyranose
4 branched 2-acetamido-2-deoxy-beta-D-glucopyranose-(1-4)-[alpha-L-fucopyranose-(1-6)]2-acetamido-2-deoxy-beta-D-glucopyranose
5 branched alpha-D-mannopyranose-(1-3)-beta-D-mannopyranose-(1-4)-2-acetamido-2-deoxy-beta-D-glucopyranose-(1-4)-[alpha-L-fucopyranose-(1-6)]2-acetamido-2-deoxy-beta-D-glucopyranose
6 branched alpha-D-mannopyranose-(1-6)-beta-D-mannopyranose-(1-4)-2-acetamido-2-deoxy-beta-D-glucopyranose-(1-4)-2-acetamido-2-deoxy-beta-D-glucopyranose
7 branched alpha-D-mannopyranose-(1-3)-beta-D-mannopyranose-(1-4)-2-acetamido-2-deoxy-beta-D-glucopyranose-(1-4)-2-acetamido-2-deoxy-beta-D-glucopyranose
8 branched alpha-D-mannopyranose-(1-3)-[alpha-D-mannopyranose-(1-6)]beta-D-mannopyranose-(1-4)-2-acetamido-2-deoxy-beta-D-glucopyranose-(1-4)-2-acetamido-2-deoxy-beta-D-glucopyranose
9 non-polymer 'ZINC ION'
10 non-polymer 'CALCIUM ION'
11 non-polymer 2-acetamido-2-deoxy-beta-D-glucopyranose
12 non-polymer 'SODIUM ION'
13 water water
#
_entity_poly.entity_id   1
_entity_poly.type   'polypeptide(L)'
_entity_poly.pdbx_seq_one_letter_code
;DRHHHHHHKLLEKQGSCRKKCFDASFRGLENCRCDVACKDRGDCCWDFEDTCVESTRIWMCNKFRCGETRLEASLCSCSD
DCLQRKDCCADYKSVCQGETSWLEENCDTAQQSQCPEGFDLPPVILFSMDGFRAEYLYTWDTLMPNINKLKTCGIHSKYM
RAMYPTKTFPNHYTIVTGLYPESHGIIDNNMYDVNLNKNFSLSSKEQNNPAWWHGQPMWLTAMYQGLKAATYFWPGSEVA
INGSFPSIYMPYNGSVPFEERISTLLKWLDLPKAERPRFYTMYFEEPDSSGHAGGPVSARVIKALQVVDHAFGMLMEGLK
QRNLHNCVNIILLADHGMDQTYCNKMEYMTDYFPRINFFYMYEGPAPRIRAHNIPHDFFSFNSEEIVRNLSCRKPDQHFK
PYLTPDLPKRLHYAKNVRIDKVHLFVDQQWLAVRSKSNTNCGGGNHGYNNEFRSMEAIFLAHGPSFKEKTEVEPFENIEV
YNLMCDLLRIQPAPNNGTHGSLNHLLKVPFYEPSHAEEVSKFSVCGFANPLPTESLDCFCPHLQNSTQLEQVNQMLNLTQ
EEITATVKVNLPFGRPRVLQKNVDHCLLYHREYVSGFGKAMRMPMWSSYTVPQLGDTSPLPPTVPDCLRADVRVPPSESQ
KCSFYLADKNITHGFLYPPASNRTSDSQYDALITSNLVPMYEEFRKMWDYFHSVLLIKHATERNGVNVVSGPIFDYNYDG
HFDAPDEITKHLANTDVPIPTHYFVVLTSCKNKSHTPENCPGWLDVLPFIIPHRPTNVESCPEGKPEALWVEERFTAHIA
RVRDVELLTGLDFYQDKVQPVSEILQLKTYLPTFETTI
;
_entity_poly.pdbx_strand_id   A,B
#
# COMPACT_ATOMS: atom_id res chain seq x y z
N SER A 16 22.58 -49.72 -13.81
CA SER A 16 22.53 -48.27 -13.86
C SER A 16 23.74 -47.70 -14.59
N CYS A 17 23.79 -46.38 -14.77
CA CYS A 17 24.85 -45.73 -15.54
C CYS A 17 25.90 -45.06 -14.67
N ARG A 18 25.91 -45.31 -13.36
CA ARG A 18 26.90 -44.71 -12.50
C ARG A 18 28.30 -45.13 -12.94
N LYS A 19 29.17 -44.14 -13.15
CA LYS A 19 30.55 -44.37 -13.57
C LYS A 19 30.66 -45.05 -14.93
N LYS A 20 29.57 -45.08 -15.71
CA LYS A 20 29.57 -45.70 -17.04
C LYS A 20 28.94 -44.77 -18.07
N CYS A 21 29.02 -43.46 -17.84
CA CYS A 21 28.38 -42.50 -18.74
C CYS A 21 29.06 -42.51 -20.10
N PHE A 22 28.25 -42.64 -21.15
CA PHE A 22 28.66 -42.55 -22.56
C PHE A 22 29.49 -43.75 -23.02
N ASP A 23 29.63 -44.78 -22.18
CA ASP A 23 30.36 -45.98 -22.55
C ASP A 23 29.44 -46.87 -23.38
N ALA A 24 29.65 -46.90 -24.70
CA ALA A 24 28.84 -47.72 -25.58
C ALA A 24 29.03 -49.22 -25.33
N SER A 25 30.14 -49.62 -24.69
CA SER A 25 30.40 -51.02 -24.42
C SER A 25 29.59 -51.58 -23.26
N PHE A 26 29.03 -50.72 -22.41
CA PHE A 26 28.42 -51.17 -21.17
C PHE A 26 26.99 -51.69 -21.40
N ARG A 27 26.68 -52.80 -20.72
CA ARG A 27 25.35 -53.40 -20.75
C ARG A 27 24.98 -53.68 -19.30
N GLY A 28 24.04 -52.91 -18.76
CA GLY A 28 23.66 -53.03 -17.37
C GLY A 28 22.53 -54.01 -17.14
N LEU A 29 21.63 -53.67 -16.21
CA LEU A 29 20.48 -54.51 -15.93
C LEU A 29 19.55 -54.51 -17.14
N GLU A 30 19.20 -55.71 -17.62
CA GLU A 30 18.36 -55.87 -18.81
C GLU A 30 18.98 -55.20 -20.03
N ASN A 31 20.32 -55.16 -20.07
CA ASN A 31 21.06 -54.59 -21.20
C ASN A 31 20.79 -53.10 -21.35
N CYS A 32 20.49 -52.41 -20.26
CA CYS A 32 20.22 -50.97 -20.33
C CYS A 32 21.48 -50.23 -20.75
N ARG A 33 21.31 -49.21 -21.57
CA ARG A 33 22.41 -48.55 -22.24
C ARG A 33 22.74 -47.22 -21.59
N CYS A 34 23.97 -46.76 -21.81
CA CYS A 34 24.46 -45.51 -21.25
C CYS A 34 25.26 -44.75 -22.31
N ASP A 35 24.66 -44.55 -23.48
CA ASP A 35 25.30 -43.84 -24.58
C ASP A 35 24.35 -42.79 -25.13
N VAL A 36 24.93 -41.83 -25.87
CA VAL A 36 24.14 -40.73 -26.41
C VAL A 36 22.97 -41.26 -27.22
N ALA A 37 23.23 -42.25 -28.07
CA ALA A 37 22.18 -42.81 -28.92
C ALA A 37 21.20 -43.69 -28.15
N CYS A 38 21.32 -43.79 -26.83
CA CYS A 38 20.38 -44.62 -26.07
C CYS A 38 18.99 -44.01 -26.04
N LYS A 39 18.92 -42.68 -25.92
CA LYS A 39 17.63 -42.03 -25.73
C LYS A 39 16.70 -42.24 -26.92
N ASP A 40 17.25 -42.41 -28.12
CA ASP A 40 16.42 -42.70 -29.28
C ASP A 40 15.94 -44.14 -29.30
N ARG A 41 16.81 -45.09 -28.92
CA ARG A 41 16.40 -46.49 -28.84
C ARG A 41 15.35 -46.69 -27.77
N GLY A 42 15.48 -45.99 -26.64
CA GLY A 42 14.57 -46.16 -25.53
C GLY A 42 14.98 -47.21 -24.52
N ASP A 43 16.28 -47.53 -24.43
CA ASP A 43 16.78 -48.54 -23.51
C ASP A 43 17.84 -47.97 -22.57
N CYS A 44 17.81 -46.66 -22.31
CA CYS A 44 18.69 -46.07 -21.32
C CYS A 44 18.34 -46.57 -19.93
N CYS A 45 19.36 -46.75 -19.09
CA CYS A 45 19.10 -47.09 -17.71
C CYS A 45 18.30 -45.96 -17.05
N TRP A 46 17.59 -46.31 -15.98
CA TRP A 46 16.61 -45.40 -15.40
C TRP A 46 17.25 -44.10 -14.91
N ASP A 47 18.52 -44.15 -14.49
CA ASP A 47 19.20 -42.99 -13.93
C ASP A 47 20.14 -42.32 -14.92
N PHE A 48 20.01 -42.63 -16.22
CA PHE A 48 20.92 -42.06 -17.20
C PHE A 48 20.80 -40.55 -17.27
N GLU A 49 19.57 -40.04 -17.40
CA GLU A 49 19.38 -38.62 -17.63
C GLU A 49 19.98 -37.78 -16.50
N ASP A 50 19.85 -38.24 -15.26
CA ASP A 50 20.32 -37.46 -14.12
C ASP A 50 21.81 -37.64 -13.86
N THR A 51 22.37 -38.82 -14.16
CA THR A 51 23.77 -39.08 -13.90
C THR A 51 24.68 -38.58 -15.02
N CYS A 52 24.21 -38.58 -16.26
CA CYS A 52 25.07 -38.35 -17.42
C CYS A 52 24.76 -37.07 -18.19
N VAL A 53 23.51 -36.62 -18.21
CA VAL A 53 23.13 -35.47 -19.04
C VAL A 53 23.02 -34.22 -18.17
N GLU A 54 22.13 -34.25 -17.18
CA GLU A 54 21.90 -33.08 -16.36
C GLU A 54 23.07 -32.79 -15.42
N SER A 55 23.91 -33.79 -15.13
CA SER A 55 25.02 -33.60 -14.21
C SER A 55 26.08 -32.62 -14.75
N THR A 56 26.06 -32.31 -16.05
CA THR A 56 27.01 -31.38 -16.64
C THR A 56 26.45 -29.97 -16.77
N ARG A 57 25.16 -29.75 -16.46
CA ARG A 57 24.52 -28.45 -16.65
C ARG A 57 24.09 -27.81 -15.35
N ILE A 58 24.50 -28.35 -14.19
CA ILE A 58 24.08 -27.84 -12.89
C ILE A 58 25.31 -27.54 -12.04
N TRP A 59 25.08 -26.82 -10.95
CA TRP A 59 26.14 -26.39 -10.05
C TRP A 59 26.09 -27.07 -8.69
N MET A 60 25.26 -28.11 -8.54
CA MET A 60 25.06 -28.78 -7.26
C MET A 60 25.37 -30.27 -7.36
N CYS A 61 25.78 -30.84 -6.24
CA CYS A 61 25.90 -32.28 -6.11
C CYS A 61 24.56 -32.85 -5.66
N ASN A 62 24.34 -34.12 -6.00
CA ASN A 62 23.13 -34.81 -5.60
C ASN A 62 23.47 -36.29 -5.47
N LYS A 63 22.48 -37.08 -5.08
CA LYS A 63 22.72 -38.50 -4.89
C LYS A 63 23.13 -39.17 -6.19
N PHE A 64 22.69 -38.66 -7.34
CA PHE A 64 23.08 -39.24 -8.61
C PHE A 64 24.54 -38.94 -8.95
N ARG A 65 25.11 -37.87 -8.39
CA ARG A 65 26.42 -37.41 -8.80
C ARG A 65 27.54 -37.79 -7.83
N CYS A 66 27.24 -38.00 -6.55
CA CYS A 66 28.30 -38.20 -5.57
C CYS A 66 29.17 -39.41 -5.95
N GLY A 67 30.48 -39.20 -5.96
CA GLY A 67 31.39 -40.24 -6.39
C GLY A 67 31.40 -40.51 -7.88
N GLU A 68 30.79 -39.63 -8.68
CA GLU A 68 30.68 -39.87 -10.11
C GLU A 68 32.07 -39.98 -10.75
N THR A 69 32.09 -40.54 -11.95
CA THR A 69 33.25 -40.43 -12.82
C THR A 69 33.24 -39.08 -13.50
N ARG A 70 34.42 -38.50 -13.66
CA ARG A 70 34.53 -37.16 -14.22
C ARG A 70 34.09 -37.14 -15.69
N LEU A 71 33.33 -36.11 -16.04
CA LEU A 71 32.95 -35.84 -17.42
C LEU A 71 33.53 -34.50 -17.82
N GLU A 72 33.84 -34.36 -19.11
CA GLU A 72 34.60 -33.19 -19.56
C GLU A 72 33.81 -31.90 -19.37
N ALA A 73 32.51 -31.91 -19.64
CA ALA A 73 31.74 -30.67 -19.78
C ALA A 73 31.00 -30.28 -18.51
N SER A 74 31.41 -30.79 -17.34
CA SER A 74 30.72 -30.46 -16.10
C SER A 74 31.18 -29.11 -15.56
N LEU A 75 30.22 -28.34 -15.05
CA LEU A 75 30.52 -27.00 -14.54
C LEU A 75 31.24 -27.06 -13.20
N CYS A 76 30.94 -28.08 -12.40
CA CYS A 76 31.74 -28.40 -11.22
C CYS A 76 31.63 -29.91 -11.01
N SER A 77 32.46 -30.43 -10.10
CA SER A 77 32.64 -31.87 -9.96
C SER A 77 32.15 -32.35 -8.60
N CYS A 78 31.65 -33.59 -8.57
CA CYS A 78 31.37 -34.30 -7.32
C CYS A 78 32.18 -35.59 -7.24
N SER A 79 33.28 -35.68 -7.97
CA SER A 79 34.11 -36.86 -7.96
C SER A 79 34.91 -36.94 -6.66
N ASP A 80 35.42 -38.14 -6.37
CA ASP A 80 36.16 -38.39 -5.15
C ASP A 80 37.43 -37.57 -5.03
N ASP A 81 37.89 -36.95 -6.13
CA ASP A 81 39.13 -36.18 -6.12
C ASP A 81 38.88 -34.69 -6.37
N CYS A 82 37.64 -34.21 -6.24
CA CYS A 82 37.37 -32.81 -6.55
C CYS A 82 37.99 -31.88 -5.54
N LEU A 83 38.15 -32.31 -4.29
CA LEU A 83 38.79 -31.46 -3.29
C LEU A 83 40.27 -31.27 -3.58
N GLN A 84 40.96 -32.34 -3.98
CA GLN A 84 42.36 -32.23 -4.37
C GLN A 84 42.53 -31.34 -5.58
N ARG A 85 41.66 -31.51 -6.59
CA ARG A 85 41.70 -30.69 -7.80
C ARG A 85 41.08 -29.32 -7.61
N LYS A 86 40.46 -29.06 -6.46
CA LYS A 86 39.88 -27.74 -6.17
C LYS A 86 38.80 -27.35 -7.19
N ASP A 87 37.94 -28.29 -7.56
CA ASP A 87 36.84 -28.03 -8.49
C ASP A 87 35.52 -28.63 -8.01
N CYS A 88 35.37 -28.87 -6.70
CA CYS A 88 34.10 -29.36 -6.17
C CYS A 88 33.00 -28.32 -6.35
N CYS A 89 31.77 -28.81 -6.56
CA CYS A 89 30.62 -27.95 -6.40
C CYS A 89 30.57 -27.44 -4.96
N ALA A 90 29.89 -26.31 -4.77
CA ALA A 90 29.92 -25.65 -3.47
C ALA A 90 29.41 -26.57 -2.36
N ASP A 91 28.36 -27.35 -2.64
CA ASP A 91 27.70 -28.15 -1.62
C ASP A 91 28.23 -29.58 -1.54
N TYR A 92 29.44 -29.83 -2.05
CA TYR A 92 29.95 -31.20 -2.10
C TYR A 92 30.06 -31.82 -0.71
N LYS A 93 30.70 -31.11 0.21
CA LYS A 93 30.96 -31.69 1.52
C LYS A 93 29.66 -32.02 2.26
N SER A 94 28.61 -31.19 2.09
CA SER A 94 27.37 -31.46 2.80
C SER A 94 26.54 -32.55 2.11
N VAL A 95 26.52 -32.55 0.78
CA VAL A 95 25.67 -33.50 0.05
C VAL A 95 26.35 -34.86 -0.06
N CYS A 96 27.67 -34.89 -0.29
CA CYS A 96 28.37 -36.13 -0.57
C CYS A 96 29.14 -36.69 0.62
N GLN A 97 29.69 -35.83 1.48
CA GLN A 97 30.39 -36.29 2.67
C GLN A 97 29.56 -36.15 3.94
N GLY A 98 28.30 -35.73 3.84
CA GLY A 98 27.40 -35.75 4.97
C GLY A 98 27.70 -34.74 6.06
N GLU A 99 28.48 -33.71 5.78
CA GLU A 99 28.77 -32.71 6.79
C GLU A 99 27.68 -31.65 6.81
N THR A 100 27.54 -30.99 7.96
CA THR A 100 26.51 -29.97 8.10
C THR A 100 26.80 -28.80 7.17
N SER A 101 25.76 -28.33 6.49
CA SER A 101 25.89 -27.18 5.62
C SER A 101 26.10 -25.91 6.44
N TRP A 102 26.52 -24.85 5.76
CA TRP A 102 26.57 -23.55 6.41
C TRP A 102 25.19 -23.14 6.89
N LEU A 103 24.16 -23.37 6.06
CA LEU A 103 22.82 -22.91 6.38
C LEU A 103 22.31 -23.55 7.66
N GLU A 104 22.62 -24.83 7.88
CA GLU A 104 22.11 -25.56 9.04
C GLU A 104 22.97 -25.37 10.28
N GLU A 105 24.22 -24.96 10.13
CA GLU A 105 25.07 -24.71 11.29
C GLU A 105 24.55 -23.53 12.09
N ASN A 106 24.65 -23.64 13.41
CA ASN A 106 24.27 -22.54 14.28
C ASN A 106 25.27 -21.40 14.13
N CYS A 107 24.80 -20.18 14.43
CA CYS A 107 25.69 -19.02 14.43
C CYS A 107 26.86 -19.26 15.37
N ASP A 108 28.07 -19.36 14.83
CA ASP A 108 29.28 -19.48 15.64
C ASP A 108 30.15 -18.25 15.42
N THR A 109 30.90 -17.89 16.45
CA THR A 109 31.68 -16.65 16.43
C THR A 109 32.75 -16.69 15.36
N ALA A 110 32.83 -15.62 14.56
CA ALA A 110 33.88 -15.44 13.58
C ALA A 110 35.07 -14.75 14.23
N GLN A 111 36.24 -15.37 14.13
CA GLN A 111 37.45 -14.84 14.75
C GLN A 111 38.64 -15.23 13.87
N GLN A 112 39.81 -14.69 14.22
CA GLN A 112 41.01 -14.97 13.44
C GLN A 112 41.40 -16.44 13.51
N SER A 113 41.02 -17.14 14.59
CA SER A 113 41.31 -18.56 14.69
C SER A 113 40.68 -19.36 13.56
N GLN A 114 39.57 -18.86 13.01
CA GLN A 114 38.86 -19.51 11.91
C GLN A 114 39.41 -19.12 10.54
N CYS A 115 40.58 -18.47 10.49
CA CYS A 115 41.22 -18.20 9.21
C CYS A 115 42.29 -19.24 8.91
N PRO A 116 42.23 -19.92 7.76
CA PRO A 116 43.28 -20.89 7.43
C PRO A 116 44.62 -20.22 7.24
N GLU A 117 45.65 -21.05 7.11
CA GLU A 117 47.02 -20.56 6.96
C GLU A 117 47.12 -19.70 5.71
N GLY A 118 47.68 -18.50 5.87
CA GLY A 118 47.87 -17.55 4.79
C GLY A 118 46.87 -16.41 4.80
N PHE A 119 45.70 -16.60 5.39
CA PHE A 119 44.69 -15.55 5.47
C PHE A 119 44.87 -14.74 6.76
N ASP A 120 46.07 -14.20 6.93
CA ASP A 120 46.36 -13.37 8.09
C ASP A 120 45.43 -12.16 8.11
N LEU A 121 45.39 -11.40 7.01
CA LEU A 121 44.38 -10.36 6.84
C LEU A 121 43.14 -10.98 6.22
N PRO A 122 41.96 -10.86 6.82
CA PRO A 122 40.76 -11.40 6.19
C PRO A 122 40.40 -10.61 4.95
N PRO A 123 40.02 -11.28 3.86
CA PRO A 123 39.58 -10.54 2.66
C PRO A 123 38.22 -9.91 2.87
N VAL A 124 37.98 -8.86 2.10
CA VAL A 124 36.70 -8.16 2.08
C VAL A 124 35.98 -8.53 0.80
N ILE A 125 34.72 -8.95 0.92
CA ILE A 125 33.85 -9.17 -0.23
C ILE A 125 32.73 -8.15 -0.15
N LEU A 126 32.65 -7.30 -1.16
CA LEU A 126 31.59 -6.30 -1.29
C LEU A 126 30.60 -6.83 -2.30
N PHE A 127 29.39 -7.15 -1.84
CA PHE A 127 28.39 -7.86 -2.63
C PHE A 127 27.17 -6.96 -2.75
N SER A 128 26.77 -6.66 -3.99
CA SER A 128 25.61 -5.83 -4.25
C SER A 128 24.56 -6.58 -5.06
N MET A 129 23.32 -6.55 -4.58
CA MET A 129 22.17 -7.09 -5.29
C MET A 129 21.33 -5.90 -5.72
N ASP A 130 21.44 -5.54 -6.99
CA ASP A 130 20.85 -4.31 -7.49
C ASP A 130 19.36 -4.26 -7.19
N GLY A 131 18.92 -3.15 -6.60
CA GLY A 131 17.51 -2.92 -6.39
C GLY A 131 16.89 -3.67 -5.24
N PHE A 132 17.70 -4.12 -4.28
CA PHE A 132 17.22 -4.89 -3.14
C PHE A 132 16.66 -3.90 -2.12
N ARG A 133 15.39 -3.56 -2.32
CA ARG A 133 14.62 -2.75 -1.39
C ARG A 133 14.76 -3.26 0.04
N ALA A 134 15.04 -2.34 0.97
CA ALA A 134 15.14 -2.74 2.38
C ALA A 134 13.91 -3.52 2.86
N GLU A 135 12.72 -3.12 2.43
CA GLU A 135 11.50 -3.78 2.89
C GLU A 135 11.46 -5.25 2.46
N TYR A 136 12.12 -5.61 1.36
CA TYR A 136 12.23 -7.02 0.97
C TYR A 136 12.75 -7.88 2.10
N LEU A 137 13.80 -7.42 2.77
CA LEU A 137 14.52 -8.25 3.74
C LEU A 137 13.62 -8.64 4.89
N TYR A 138 12.62 -7.82 5.21
CA TYR A 138 11.76 -8.12 6.36
C TYR A 138 10.44 -8.76 5.96
N THR A 139 9.86 -8.38 4.83
CA THR A 139 8.63 -9.02 4.40
C THR A 139 8.89 -10.46 3.95
N TRP A 140 9.97 -10.68 3.20
CA TRP A 140 10.22 -11.96 2.55
C TRP A 140 11.36 -12.73 3.21
N ASP A 141 11.62 -12.45 4.49
CA ASP A 141 12.80 -12.98 5.17
C ASP A 141 12.89 -14.50 5.03
N THR A 142 11.81 -15.22 5.38
CA THR A 142 11.88 -16.68 5.37
C THR A 142 11.91 -17.26 3.96
N LEU A 143 11.59 -16.48 2.93
CA LEU A 143 11.76 -16.94 1.56
C LEU A 143 13.21 -16.88 1.10
N MET A 144 14.09 -16.32 1.92
CA MET A 144 15.51 -16.15 1.57
C MET A 144 16.35 -16.70 2.72
N PRO A 145 16.41 -18.03 2.86
CA PRO A 145 17.03 -18.60 4.07
C PRO A 145 18.48 -18.21 4.25
N ASN A 146 19.24 -18.07 3.17
CA ASN A 146 20.67 -17.82 3.30
C ASN A 146 20.93 -16.38 3.70
N ILE A 147 20.28 -15.43 3.04
CA ILE A 147 20.38 -14.04 3.46
C ILE A 147 19.81 -13.88 4.86
N ASN A 148 18.76 -14.63 5.18
CA ASN A 148 18.15 -14.50 6.50
C ASN A 148 19.10 -15.00 7.58
N LYS A 149 19.87 -16.03 7.27
CA LYS A 149 20.86 -16.49 8.24
C LYS A 149 21.96 -15.45 8.41
N LEU A 150 22.43 -14.88 7.31
CA LEU A 150 23.37 -13.77 7.41
C LEU A 150 22.81 -12.69 8.32
N LYS A 151 21.54 -12.33 8.11
CA LYS A 151 20.92 -11.29 8.94
C LYS A 151 20.88 -11.69 10.40
N THR A 152 20.69 -12.98 10.67
CA THR A 152 20.58 -13.46 12.05
C THR A 152 21.94 -13.51 12.74
N CYS A 153 22.94 -14.07 12.06
CA CYS A 153 24.25 -14.28 12.67
C CYS A 153 25.10 -13.01 12.68
N GLY A 154 25.02 -12.21 11.63
CA GLY A 154 25.90 -11.08 11.46
C GLY A 154 25.32 -9.79 11.98
N ILE A 155 25.82 -8.69 11.43
CA ILE A 155 25.36 -7.35 11.77
C ILE A 155 24.51 -6.83 10.62
N HIS A 156 23.37 -6.23 10.94
CA HIS A 156 22.55 -5.67 9.88
C HIS A 156 21.97 -4.34 10.33
N SER A 157 21.84 -3.43 9.37
CA SER A 157 21.22 -2.13 9.59
C SER A 157 19.74 -2.21 9.26
N LYS A 158 18.94 -1.42 10.00
CA LYS A 158 17.53 -1.30 9.67
C LYS A 158 17.36 -1.01 8.18
N TYR A 159 18.19 -0.12 7.64
CA TYR A 159 18.28 0.09 6.20
C TYR A 159 19.51 0.93 5.95
N MET A 160 19.97 0.96 4.71
CA MET A 160 21.03 1.84 4.28
C MET A 160 20.41 2.87 3.35
N ARG A 161 20.71 4.14 3.61
CA ARG A 161 20.18 5.23 2.79
C ARG A 161 21.11 5.48 1.62
N ALA A 162 20.54 5.53 0.42
CA ALA A 162 21.31 5.81 -0.78
C ALA A 162 21.46 7.32 -0.96
N MET A 163 22.15 7.70 -2.04
CA MET A 163 22.25 9.09 -2.44
C MET A 163 21.28 9.40 -3.57
N TYR A 164 20.91 10.67 -3.66
CA TYR A 164 20.03 11.16 -4.71
C TYR A 164 20.82 11.59 -5.94
N PRO A 165 20.35 11.23 -7.15
CA PRO A 165 19.19 10.39 -7.47
C PRO A 165 19.44 8.91 -7.19
N THR A 166 18.42 8.18 -6.76
CA THR A 166 18.58 6.78 -6.35
C THR A 166 18.70 5.90 -7.60
N LYS A 167 19.84 6.05 -8.28
CA LYS A 167 20.17 5.36 -9.52
C LYS A 167 21.37 4.43 -9.34
N THR A 168 21.58 3.56 -10.33
CA THR A 168 22.53 2.46 -10.18
C THR A 168 23.97 2.94 -10.23
N PHE A 169 24.34 3.64 -11.29
CA PHE A 169 25.75 4.00 -11.44
C PHE A 169 26.17 5.04 -10.41
N PRO A 170 25.39 6.10 -10.17
CA PRO A 170 25.79 7.06 -9.12
C PRO A 170 25.98 6.43 -7.77
N ASN A 171 25.13 5.48 -7.39
CA ASN A 171 25.21 4.93 -6.05
C ASN A 171 26.23 3.81 -5.93
N HIS A 172 26.39 2.97 -6.96
CA HIS A 172 27.45 1.98 -6.92
C HIS A 172 28.81 2.64 -6.82
N TYR A 173 29.00 3.76 -7.54
CA TYR A 173 30.29 4.43 -7.47
C TYR A 173 30.45 5.21 -6.16
N THR A 174 29.35 5.73 -5.60
CA THR A 174 29.43 6.32 -4.26
C THR A 174 29.91 5.30 -3.24
N ILE A 175 29.41 4.07 -3.32
CA ILE A 175 29.74 3.07 -2.30
C ILE A 175 31.25 2.85 -2.25
N VAL A 176 31.88 2.68 -3.41
CA VAL A 176 33.31 2.36 -3.44
C VAL A 176 34.20 3.60 -3.44
N THR A 177 33.63 4.81 -3.37
CA THR A 177 34.42 6.04 -3.23
C THR A 177 34.16 6.81 -1.95
N GLY A 178 33.00 6.63 -1.33
CA GLY A 178 32.64 7.49 -0.22
C GLY A 178 32.35 8.93 -0.61
N LEU A 179 32.02 9.18 -1.87
CA LEU A 179 31.83 10.53 -2.40
C LEU A 179 30.39 10.75 -2.84
N TYR A 180 29.89 11.97 -2.61
CA TYR A 180 28.63 12.36 -3.23
C TYR A 180 28.79 12.33 -4.75
N PRO A 181 27.73 11.99 -5.48
CA PRO A 181 27.82 12.03 -6.95
C PRO A 181 28.35 13.33 -7.52
N GLU A 182 27.94 14.47 -6.99
CA GLU A 182 28.46 15.74 -7.50
C GLU A 182 29.98 15.79 -7.46
N SER A 183 30.61 15.03 -6.57
CA SER A 183 32.07 15.02 -6.47
C SER A 183 32.70 13.92 -7.32
N HIS A 184 32.07 12.75 -7.43
CA HIS A 184 32.68 11.69 -8.22
C HIS A 184 32.23 11.69 -9.68
N GLY A 185 31.37 12.62 -10.08
CA GLY A 185 31.12 12.88 -11.47
C GLY A 185 30.01 12.07 -12.10
N ILE A 186 29.63 10.94 -11.51
CA ILE A 186 28.58 10.07 -12.09
C ILE A 186 27.28 10.48 -11.41
N ILE A 187 26.69 11.58 -11.91
CA ILE A 187 25.52 12.18 -11.29
C ILE A 187 24.21 11.59 -11.79
N ASP A 188 24.26 10.69 -12.76
CA ASP A 188 23.11 9.96 -13.25
C ASP A 188 23.61 8.90 -14.22
N ASN A 189 22.73 7.94 -14.53
CA ASN A 189 23.05 6.94 -15.54
C ASN A 189 23.15 7.55 -16.93
N ASN A 190 22.53 8.71 -17.15
CA ASN A 190 22.61 9.43 -18.41
C ASN A 190 22.92 10.88 -18.09
N MET A 191 23.87 11.48 -18.82
CA MET A 191 24.22 12.87 -18.57
C MET A 191 25.01 13.44 -19.75
N TYR A 192 25.13 14.75 -19.76
CA TYR A 192 25.89 15.47 -20.78
C TYR A 192 26.88 16.40 -20.09
N ASP A 193 28.12 16.38 -20.57
CA ASP A 193 29.19 17.23 -20.05
C ASP A 193 29.54 18.24 -21.13
N VAL A 194 29.22 19.51 -20.89
CA VAL A 194 29.42 20.54 -21.91
C VAL A 194 30.91 20.76 -22.17
N ASN A 195 31.76 20.57 -21.16
CA ASN A 195 33.19 20.75 -21.35
C ASN A 195 33.75 19.68 -22.27
N LEU A 196 33.44 18.41 -21.99
CA LEU A 196 33.85 17.34 -22.88
C LEU A 196 33.03 17.31 -24.16
N ASN A 197 31.87 17.97 -24.18
CA ASN A 197 30.92 17.83 -25.27
C ASN A 197 30.74 16.36 -25.64
N LYS A 198 30.42 15.55 -24.63
CA LYS A 198 30.17 14.13 -24.81
C LYS A 198 28.91 13.73 -24.05
N ASN A 199 28.38 12.58 -24.42
CA ASN A 199 27.21 12.00 -23.78
C ASN A 199 27.61 10.75 -23.03
N PHE A 200 27.04 10.59 -21.84
CA PHE A 200 27.25 9.40 -21.03
C PHE A 200 25.94 8.63 -20.96
N SER A 201 25.98 7.36 -21.31
CA SER A 201 24.84 6.47 -21.14
C SER A 201 25.39 5.04 -21.05
N LEU A 202 24.57 4.15 -20.50
CA LEU A 202 25.00 2.77 -20.32
C LEU A 202 25.03 1.98 -21.62
N SER A 203 24.51 2.53 -22.73
CA SER A 203 24.55 1.86 -24.02
C SER A 203 25.68 2.33 -24.91
N SER A 204 26.30 3.46 -24.60
CA SER A 204 27.42 3.98 -25.37
C SER A 204 28.75 3.61 -24.72
N LYS A 205 29.81 3.60 -25.54
CA LYS A 205 31.14 3.33 -25.04
C LYS A 205 31.74 4.50 -24.28
N GLU A 206 31.10 5.67 -24.33
CA GLU A 206 31.57 6.79 -23.53
C GLU A 206 31.58 6.47 -22.04
N GLN A 207 30.77 5.50 -21.59
CA GLN A 207 30.78 5.15 -20.18
C GLN A 207 32.14 4.66 -19.72
N ASN A 208 32.97 4.19 -20.65
CA ASN A 208 34.30 3.70 -20.32
C ASN A 208 35.36 4.79 -20.37
N ASN A 209 34.99 6.01 -20.76
CA ASN A 209 35.93 7.12 -20.78
C ASN A 209 36.32 7.50 -19.36
N PRO A 210 37.60 7.42 -18.97
CA PRO A 210 37.98 7.79 -17.60
C PRO A 210 37.67 9.24 -17.25
N ALA A 211 37.40 10.12 -18.23
CA ALA A 211 37.14 11.52 -17.95
C ALA A 211 35.91 11.73 -17.08
N TRP A 212 34.98 10.77 -17.06
CA TRP A 212 33.77 10.92 -16.26
C TRP A 212 33.99 10.56 -14.79
N TRP A 213 35.00 9.74 -14.47
CA TRP A 213 35.11 9.10 -13.15
C TRP A 213 36.18 9.80 -12.32
N HIS A 214 35.74 10.48 -11.26
CA HIS A 214 36.65 11.19 -10.38
C HIS A 214 36.79 10.40 -9.08
N GLY A 215 37.60 10.93 -8.16
CA GLY A 215 37.84 10.24 -6.91
C GLY A 215 38.67 8.99 -7.10
N GLN A 216 38.70 8.18 -6.05
CA GLN A 216 39.52 6.97 -6.02
C GLN A 216 38.65 5.80 -5.58
N PRO A 217 38.33 4.86 -6.46
CA PRO A 217 37.48 3.72 -6.05
C PRO A 217 38.24 2.74 -5.14
N MET A 218 37.44 1.95 -4.41
CA MET A 218 38.00 1.12 -3.33
C MET A 218 39.09 0.18 -3.84
N TRP A 219 38.88 -0.45 -5.00
CA TRP A 219 39.88 -1.39 -5.49
C TRP A 219 41.22 -0.71 -5.74
N LEU A 220 41.21 0.56 -6.13
CA LEU A 220 42.49 1.27 -6.31
C LEU A 220 43.08 1.69 -4.97
N THR A 221 42.24 2.12 -4.03
CA THR A 221 42.75 2.42 -2.69
C THR A 221 43.52 1.23 -2.14
N ALA A 222 42.98 0.02 -2.36
CA ALA A 222 43.66 -1.18 -1.92
C ALA A 222 44.91 -1.45 -2.76
N MET A 223 44.80 -1.36 -4.08
CA MET A 223 45.93 -1.70 -4.93
C MET A 223 47.09 -0.75 -4.70
N TYR A 224 46.80 0.55 -4.59
CA TYR A 224 47.85 1.53 -4.32
C TYR A 224 48.56 1.26 -3.00
N GLN A 225 47.93 0.52 -2.09
CA GLN A 225 48.54 0.20 -0.80
C GLN A 225 48.89 -1.28 -0.68
N GLY A 226 49.11 -1.97 -1.81
CA GLY A 226 49.71 -3.28 -1.82
C GLY A 226 48.76 -4.45 -1.84
N LEU A 227 47.45 -4.22 -1.94
CA LEU A 227 46.46 -5.28 -1.86
C LEU A 227 45.75 -5.41 -3.20
N LYS A 228 45.86 -6.59 -3.82
CA LYS A 228 45.20 -6.84 -5.10
C LYS A 228 43.69 -6.88 -4.93
N ALA A 229 42.98 -6.48 -5.99
CA ALA A 229 41.53 -6.40 -6.01
C ALA A 229 41.00 -7.11 -7.24
N ALA A 230 39.91 -7.86 -7.06
CA ALA A 230 39.22 -8.53 -8.15
C ALA A 230 37.75 -8.13 -8.11
N THR A 231 37.24 -7.65 -9.23
CA THR A 231 35.89 -7.12 -9.32
C THR A 231 35.09 -7.94 -10.31
N TYR A 232 33.87 -8.30 -9.92
CA TYR A 232 32.93 -9.00 -10.81
C TYR A 232 31.73 -8.09 -11.04
N PHE A 233 31.83 -7.20 -12.04
CA PHE A 233 30.72 -6.44 -12.61
C PHE A 233 30.35 -5.18 -11.83
N TRP A 234 31.23 -4.59 -11.05
CA TRP A 234 30.84 -3.35 -10.37
C TRP A 234 30.87 -2.16 -11.34
N PRO A 235 29.87 -1.29 -11.35
CA PRO A 235 29.94 -0.07 -12.17
C PRO A 235 31.24 0.69 -11.93
N GLY A 236 31.97 0.94 -13.01
CA GLY A 236 33.28 1.56 -12.95
C GLY A 236 34.43 0.58 -12.98
N SER A 237 34.19 -0.70 -12.67
CA SER A 237 35.27 -1.67 -12.57
C SER A 237 35.92 -1.98 -13.91
N GLU A 238 35.22 -1.78 -15.03
CA GLU A 238 35.81 -1.94 -16.36
C GLU A 238 36.19 -0.61 -16.99
N VAL A 239 36.48 0.39 -16.16
CA VAL A 239 36.99 1.68 -16.58
C VAL A 239 38.41 1.83 -16.05
N ALA A 240 39.28 2.44 -16.86
CA ALA A 240 40.65 2.71 -16.43
C ALA A 240 40.67 4.00 -15.61
N ILE A 241 40.02 3.94 -14.44
CA ILE A 241 39.91 5.13 -13.59
C ILE A 241 41.28 5.53 -13.11
N ASN A 242 41.62 6.80 -13.33
CA ASN A 242 42.95 7.33 -13.03
C ASN A 242 44.04 6.60 -13.82
N GLY A 243 43.67 5.99 -14.94
CA GLY A 243 44.61 5.26 -15.76
C GLY A 243 44.87 3.83 -15.34
N SER A 244 44.00 3.23 -14.50
CA SER A 244 44.27 1.91 -13.95
C SER A 244 43.00 1.07 -13.83
N PHE A 245 43.08 -0.16 -14.30
CA PHE A 245 42.06 -1.16 -14.09
C PHE A 245 42.29 -1.93 -12.79
N PRO A 246 41.25 -2.56 -12.25
CA PRO A 246 41.47 -3.46 -11.11
C PRO A 246 42.44 -4.56 -11.50
N SER A 247 43.06 -5.17 -10.48
CA SER A 247 43.97 -6.27 -10.71
C SER A 247 43.34 -7.33 -11.61
N ILE A 248 42.13 -7.75 -11.26
CA ILE A 248 41.30 -8.61 -12.08
C ILE A 248 39.96 -7.92 -12.24
N TYR A 249 39.40 -7.99 -13.44
CA TYR A 249 38.06 -7.47 -13.67
C TYR A 249 37.44 -8.22 -14.84
N MET A 250 36.10 -8.20 -14.87
CA MET A 250 35.35 -8.92 -15.88
C MET A 250 34.59 -7.93 -16.75
N PRO A 251 34.74 -7.98 -18.07
CA PRO A 251 33.87 -7.14 -18.91
C PRO A 251 32.42 -7.47 -18.65
N TYR A 252 31.58 -6.43 -18.57
CA TYR A 252 30.21 -6.64 -18.14
C TYR A 252 29.41 -7.42 -19.19
N ASN A 253 28.66 -8.41 -18.72
CA ASN A 253 27.72 -9.14 -19.55
C ASN A 253 26.63 -9.66 -18.61
N GLY A 254 25.44 -9.08 -18.70
CA GLY A 254 24.36 -9.43 -17.78
C GLY A 254 23.84 -10.84 -17.95
N SER A 255 24.26 -11.57 -18.98
CA SER A 255 23.78 -12.92 -19.25
C SER A 255 24.53 -14.00 -18.48
N VAL A 256 25.67 -13.68 -17.87
CA VAL A 256 26.44 -14.69 -17.15
C VAL A 256 25.64 -15.15 -15.94
N PRO A 257 25.37 -16.44 -15.78
CA PRO A 257 24.57 -16.90 -14.64
C PRO A 257 25.20 -16.54 -13.29
N PHE A 258 24.35 -16.24 -12.32
CA PHE A 258 24.84 -15.88 -10.99
C PHE A 258 25.74 -16.96 -10.42
N GLU A 259 25.44 -18.24 -10.70
CA GLU A 259 26.26 -19.33 -10.18
C GLU A 259 27.67 -19.30 -10.74
N GLU A 260 27.82 -18.95 -12.02
CA GLU A 260 29.14 -18.85 -12.60
C GLU A 260 29.96 -17.74 -11.95
N ARG A 261 29.32 -16.60 -11.69
CA ARG A 261 30.01 -15.49 -11.04
C ARG A 261 30.53 -15.91 -9.68
N ILE A 262 29.68 -16.55 -8.87
CA ILE A 262 30.10 -17.02 -7.55
C ILE A 262 31.22 -18.03 -7.69
N SER A 263 31.15 -18.89 -8.71
CA SER A 263 32.18 -19.89 -8.91
C SER A 263 33.54 -19.22 -9.19
N THR A 264 33.54 -18.22 -10.09
CA THR A 264 34.76 -17.47 -10.35
C THR A 264 35.31 -16.87 -9.06
N LEU A 265 34.45 -16.24 -8.26
CA LEU A 265 34.89 -15.64 -7.01
C LEU A 265 35.57 -16.67 -6.10
N LEU A 266 35.01 -17.87 -6.01
CA LEU A 266 35.62 -18.91 -5.18
C LEU A 266 36.96 -19.35 -5.75
N LYS A 267 37.08 -19.44 -7.07
CA LYS A 267 38.37 -19.77 -7.68
C LYS A 267 39.43 -18.73 -7.34
N TRP A 268 39.06 -17.45 -7.42
CA TRP A 268 39.98 -16.38 -7.02
C TRP A 268 40.46 -16.59 -5.59
N LEU A 269 39.54 -16.94 -4.68
CA LEU A 269 39.95 -17.19 -3.30
C LEU A 269 40.83 -18.42 -3.16
N ASP A 270 40.91 -19.27 -4.17
CA ASP A 270 41.80 -20.43 -4.13
C ASP A 270 43.19 -20.13 -4.67
N LEU A 271 43.39 -18.95 -5.28
CA LEU A 271 44.67 -18.63 -5.87
C LEU A 271 45.78 -18.68 -4.83
N PRO A 272 47.02 -18.89 -5.26
CA PRO A 272 48.15 -18.80 -4.33
C PRO A 272 48.20 -17.44 -3.66
N LYS A 273 48.63 -17.44 -2.39
CA LYS A 273 48.62 -16.20 -1.61
C LYS A 273 49.32 -15.06 -2.33
N ALA A 274 50.35 -15.37 -3.12
CA ALA A 274 51.08 -14.32 -3.83
C ALA A 274 50.20 -13.62 -4.85
N GLU A 275 49.20 -14.31 -5.38
CA GLU A 275 48.34 -13.75 -6.41
C GLU A 275 46.91 -13.51 -5.93
N ARG A 276 46.59 -13.91 -4.71
CA ARG A 276 45.20 -13.89 -4.25
C ARG A 276 44.78 -12.46 -3.93
N PRO A 277 43.69 -11.97 -4.52
CA PRO A 277 43.18 -10.66 -4.11
C PRO A 277 42.77 -10.64 -2.64
N ARG A 278 42.70 -9.45 -2.08
CA ARG A 278 42.19 -9.27 -0.74
C ARG A 278 40.95 -8.40 -0.69
N PHE A 279 40.56 -7.78 -1.80
CA PHE A 279 39.33 -7.02 -1.91
C PHE A 279 38.59 -7.53 -3.12
N TYR A 280 37.32 -7.90 -2.92
CA TYR A 280 36.51 -8.45 -3.99
C TYR A 280 35.20 -7.69 -4.07
N THR A 281 34.68 -7.55 -5.27
CA THR A 281 33.32 -7.03 -5.47
C THR A 281 32.54 -8.02 -6.32
N MET A 282 31.25 -8.16 -6.00
CA MET A 282 30.32 -8.99 -6.73
C MET A 282 29.06 -8.18 -6.97
N TYR A 283 28.45 -8.37 -8.14
CA TYR A 283 27.27 -7.59 -8.53
C TYR A 283 26.24 -8.47 -9.23
N PHE A 284 24.99 -8.38 -8.77
CA PHE A 284 23.84 -9.02 -9.38
C PHE A 284 22.87 -7.96 -9.89
N GLU A 285 22.25 -8.21 -11.05
CA GLU A 285 21.24 -7.32 -11.59
C GLU A 285 19.88 -7.50 -10.93
N GLU A 286 19.69 -8.57 -10.18
CA GLU A 286 18.43 -8.81 -9.47
C GLU A 286 18.58 -8.37 -8.01
N PRO A 287 17.46 -8.03 -7.35
CA PRO A 287 16.09 -8.06 -7.84
C PRO A 287 15.65 -6.83 -8.65
N ASP A 288 16.61 -6.01 -9.11
CA ASP A 288 16.26 -4.81 -9.87
C ASP A 288 15.48 -5.16 -11.13
N SER A 289 16.01 -6.09 -11.94
CA SER A 289 15.37 -6.42 -13.21
C SER A 289 13.91 -6.83 -13.01
N SER A 290 13.67 -7.75 -12.09
CA SER A 290 12.30 -8.21 -11.85
C SER A 290 11.45 -7.11 -11.22
N GLY A 291 12.07 -6.20 -10.46
CA GLY A 291 11.31 -5.10 -9.91
C GLY A 291 10.74 -4.21 -10.98
N HIS A 292 11.52 -3.94 -12.03
CA HIS A 292 11.03 -3.14 -13.14
C HIS A 292 9.91 -3.86 -13.87
N ALA A 293 10.07 -5.16 -14.10
CA ALA A 293 9.08 -5.92 -14.87
C ALA A 293 7.74 -6.00 -14.13
N GLY A 294 7.76 -6.41 -12.87
CA GLY A 294 6.52 -6.72 -12.16
C GLY A 294 6.17 -5.76 -11.04
N GLY A 295 7.10 -4.89 -10.66
CA GLY A 295 6.91 -4.01 -9.54
C GLY A 295 7.41 -4.66 -8.26
N PRO A 296 7.59 -3.84 -7.22
CA PRO A 296 8.20 -4.36 -5.99
C PRO A 296 7.37 -5.43 -5.30
N VAL A 297 6.05 -5.44 -5.50
CA VAL A 297 5.19 -6.47 -4.94
C VAL A 297 4.62 -7.28 -6.09
N SER A 298 5.29 -8.38 -6.44
CA SER A 298 4.92 -9.16 -7.62
C SER A 298 5.56 -10.54 -7.56
N ALA A 299 4.97 -11.46 -8.31
CA ALA A 299 5.52 -12.81 -8.40
C ALA A 299 6.96 -12.78 -8.92
N ARG A 300 7.25 -11.93 -9.90
CA ARG A 300 8.59 -11.89 -10.49
C ARG A 300 9.63 -11.47 -9.47
N VAL A 301 9.31 -10.52 -8.59
CA VAL A 301 10.26 -10.12 -7.56
C VAL A 301 10.49 -11.26 -6.57
N ILE A 302 9.41 -11.94 -6.16
CA ILE A 302 9.56 -13.08 -5.26
C ILE A 302 10.52 -14.10 -5.85
N LYS A 303 10.34 -14.44 -7.13
CA LYS A 303 11.21 -15.42 -7.77
C LYS A 303 12.65 -14.96 -7.76
N ALA A 304 12.89 -13.70 -8.11
CA ALA A 304 14.25 -13.19 -8.16
C ALA A 304 14.90 -13.20 -6.78
N LEU A 305 14.14 -12.81 -5.75
CA LEU A 305 14.69 -12.85 -4.40
C LEU A 305 15.12 -14.27 -4.03
N GLN A 306 14.39 -15.28 -4.50
CA GLN A 306 14.79 -16.66 -4.26
C GLN A 306 16.02 -17.03 -5.07
N VAL A 307 16.13 -16.52 -6.30
CA VAL A 307 17.31 -16.77 -7.11
C VAL A 307 18.56 -16.22 -6.42
N VAL A 308 18.54 -14.93 -6.07
CA VAL A 308 19.75 -14.32 -5.51
C VAL A 308 20.08 -14.91 -4.14
N ASP A 309 19.06 -15.31 -3.37
CA ASP A 309 19.35 -15.96 -2.09
C ASP A 309 20.04 -17.29 -2.31
N HIS A 310 19.62 -18.03 -3.34
CA HIS A 310 20.28 -19.29 -3.64
C HIS A 310 21.73 -19.07 -4.06
N ALA A 311 21.97 -18.08 -4.93
CA ALA A 311 23.33 -17.81 -5.36
C ALA A 311 24.21 -17.39 -4.21
N PHE A 312 23.68 -16.53 -3.32
CA PHE A 312 24.44 -16.13 -2.14
C PHE A 312 24.70 -17.33 -1.24
N GLY A 313 23.72 -18.23 -1.12
CA GLY A 313 23.94 -19.45 -0.37
C GLY A 313 25.06 -20.29 -0.95
N MET A 314 25.11 -20.35 -2.28
CA MET A 314 26.21 -21.05 -2.94
C MET A 314 27.56 -20.50 -2.49
N LEU A 315 27.66 -19.16 -2.42
CA LEU A 315 28.91 -18.54 -1.98
C LEU A 315 29.26 -18.96 -0.56
N MET A 316 28.27 -18.96 0.35
CA MET A 316 28.57 -19.28 1.74
C MET A 316 28.96 -20.74 1.90
N GLU A 317 28.26 -21.65 1.20
CA GLU A 317 28.65 -23.05 1.23
C GLU A 317 30.06 -23.25 0.68
N GLY A 318 30.37 -22.59 -0.45
CA GLY A 318 31.70 -22.68 -1.00
C GLY A 318 32.76 -22.14 -0.05
N LEU A 319 32.43 -21.07 0.67
CA LEU A 319 33.37 -20.54 1.65
C LEU A 319 33.56 -21.53 2.81
N LYS A 320 32.48 -22.18 3.25
CA LYS A 320 32.61 -23.13 4.35
C LYS A 320 33.41 -24.34 3.92
N GLN A 321 33.23 -24.80 2.68
CA GLN A 321 34.06 -25.86 2.15
C GLN A 321 35.53 -25.53 2.32
N ARG A 322 35.90 -24.26 2.13
CA ARG A 322 37.29 -23.82 2.22
C ARG A 322 37.68 -23.35 3.62
N ASN A 323 36.79 -23.49 4.60
CA ASN A 323 37.04 -22.97 5.96
C ASN A 323 37.26 -21.46 5.94
N LEU A 324 36.45 -20.75 5.16
CA LEU A 324 36.55 -19.31 5.02
C LEU A 324 35.28 -18.57 5.43
N HIS A 325 34.22 -19.27 5.81
CA HIS A 325 32.95 -18.63 6.12
C HIS A 325 33.05 -17.74 7.35
N ASN A 326 33.94 -18.06 8.28
CA ASN A 326 34.19 -17.23 9.45
C ASN A 326 35.52 -16.49 9.35
N CYS A 327 36.12 -16.47 8.16
CA CYS A 327 37.34 -15.72 7.93
C CYS A 327 37.14 -14.50 7.04
N VAL A 328 36.13 -14.52 6.20
CA VAL A 328 35.88 -13.43 5.27
C VAL A 328 35.05 -12.36 5.95
N ASN A 329 35.36 -11.09 5.67
CA ASN A 329 34.52 -9.96 6.04
C ASN A 329 33.67 -9.62 4.82
N ILE A 330 32.40 -10.02 4.85
CA ILE A 330 31.50 -9.89 3.72
C ILE A 330 30.49 -8.79 4.02
N ILE A 331 30.16 -8.02 2.99
CA ILE A 331 29.17 -6.96 3.04
C ILE A 331 28.18 -7.20 1.93
N LEU A 332 26.90 -7.33 2.28
CA LEU A 332 25.83 -7.48 1.30
C LEU A 332 24.93 -6.25 1.40
N LEU A 333 24.78 -5.54 0.28
CA LEU A 333 24.02 -4.31 0.25
C LEU A 333 23.41 -4.14 -1.13
N ALA A 334 22.79 -3.00 -1.37
CA ALA A 334 22.20 -2.68 -2.66
C ALA A 334 22.44 -1.20 -2.94
N ASP A 335 22.21 -0.81 -4.19
CA ASP A 335 22.41 0.57 -4.59
C ASP A 335 21.21 1.45 -4.29
N HIS A 336 20.01 0.88 -4.17
CA HIS A 336 18.77 1.63 -4.00
C HIS A 336 17.61 0.64 -3.92
N GLY A 337 16.45 1.16 -3.54
CA GLY A 337 15.23 0.37 -3.42
C GLY A 337 14.44 0.32 -4.71
N MET A 338 13.13 0.16 -4.57
CA MET A 338 12.24 0.02 -5.72
C MET A 338 10.83 0.42 -5.28
N ASP A 339 10.11 1.12 -6.15
CA ASP A 339 8.74 1.56 -5.89
C ASP A 339 7.88 1.23 -7.11
N GLN A 340 6.58 1.47 -6.99
CA GLN A 340 5.63 1.18 -8.05
C GLN A 340 5.27 2.46 -8.79
N THR A 341 5.25 2.39 -10.12
CA THR A 341 4.78 3.50 -10.94
C THR A 341 3.45 3.13 -11.58
N TYR A 342 2.73 4.16 -12.02
CA TYR A 342 1.43 3.99 -12.62
C TYR A 342 1.31 4.94 -13.81
N CYS A 343 0.66 4.48 -14.88
CA CYS A 343 0.53 5.31 -16.07
C CYS A 343 -0.46 6.45 -15.85
N ASN A 344 -1.35 6.33 -14.87
CA ASN A 344 -2.21 7.43 -14.48
C ASN A 344 -1.57 8.32 -13.42
N LYS A 345 -0.30 8.06 -13.09
CA LYS A 345 0.46 8.96 -12.23
C LYS A 345 1.66 9.52 -12.99
N MET A 346 1.38 10.27 -14.06
CA MET A 346 2.40 10.87 -14.89
C MET A 346 2.09 12.33 -15.14
N GLU A 347 3.07 13.20 -14.90
CA GLU A 347 2.98 14.59 -15.29
C GLU A 347 3.61 14.78 -16.67
N TYR A 348 3.08 15.72 -17.43
CA TYR A 348 3.57 16.00 -18.77
C TYR A 348 3.99 17.46 -18.88
N MET A 349 5.13 17.69 -19.54
CA MET A 349 5.59 19.06 -19.73
C MET A 349 4.71 19.81 -20.72
N THR A 350 4.02 19.11 -21.61
CA THR A 350 3.11 19.78 -22.53
C THR A 350 1.99 20.50 -21.79
N ASP A 351 1.65 20.06 -20.57
CA ASP A 351 0.63 20.73 -19.79
C ASP A 351 1.11 22.07 -19.24
N TYR A 352 2.41 22.35 -19.29
CA TYR A 352 2.96 23.58 -18.73
C TYR A 352 3.64 24.48 -19.76
N PHE A 353 4.02 23.94 -20.92
CA PHE A 353 4.66 24.73 -21.96
C PHE A 353 3.91 24.51 -23.27
N PRO A 354 3.48 25.58 -23.95
CA PRO A 354 2.93 25.37 -25.31
C PRO A 354 3.97 24.87 -26.30
N ARG A 355 5.24 25.22 -26.10
CA ARG A 355 6.34 24.76 -26.94
C ARG A 355 7.36 24.05 -26.05
N ILE A 356 7.64 22.78 -26.36
CA ILE A 356 8.65 22.01 -25.67
C ILE A 356 9.83 21.66 -26.55
N ASN A 357 9.82 22.11 -27.81
CA ASN A 357 10.87 21.73 -28.76
C ASN A 357 12.25 22.19 -28.31
N PHE A 358 12.33 23.33 -27.61
CA PHE A 358 13.58 24.03 -27.39
C PHE A 358 14.40 23.47 -26.22
N PHE A 359 13.89 22.49 -25.48
CA PHE A 359 14.66 21.91 -24.38
C PHE A 359 14.64 20.40 -24.48
N TYR A 360 15.66 19.79 -23.90
CA TYR A 360 15.75 18.34 -23.73
C TYR A 360 15.48 18.00 -22.27
N MET A 361 14.87 16.84 -22.05
CA MET A 361 14.46 16.43 -20.70
C MET A 361 14.91 15.01 -20.43
N TYR A 362 15.75 14.84 -19.40
CA TYR A 362 15.97 13.53 -18.83
C TYR A 362 14.74 13.14 -18.01
N GLU A 363 13.97 12.17 -18.50
CA GLU A 363 12.67 11.89 -17.94
C GLU A 363 12.74 10.91 -16.77
N GLY A 364 11.65 10.83 -16.01
CA GLY A 364 11.48 9.79 -15.02
C GLY A 364 11.28 10.29 -13.61
N PRO A 365 11.81 9.56 -12.62
CA PRO A 365 11.64 9.97 -11.22
C PRO A 365 12.54 11.09 -10.76
N ALA A 366 13.61 11.41 -11.48
CA ALA A 366 14.53 12.48 -11.06
C ALA A 366 14.96 13.27 -12.29
N PRO A 367 14.03 13.98 -12.91
CA PRO A 367 14.32 14.57 -14.22
C PRO A 367 15.08 15.89 -14.15
N ARG A 368 15.70 16.22 -15.28
CA ARG A 368 16.42 17.46 -15.48
C ARG A 368 16.12 17.95 -16.88
N ILE A 369 16.24 19.26 -17.07
CA ILE A 369 15.92 19.91 -18.33
C ILE A 369 17.10 20.80 -18.74
N ARG A 370 17.50 20.69 -20.00
CA ARG A 370 18.59 21.48 -20.55
C ARG A 370 18.23 21.90 -21.96
N ALA A 371 19.07 22.77 -22.53
CA ALA A 371 18.84 23.23 -23.89
C ALA A 371 18.89 22.07 -24.86
N HIS A 372 18.10 22.19 -25.94
CA HIS A 372 18.09 21.17 -26.98
C HIS A 372 19.34 21.26 -27.86
N ASN A 373 19.75 22.47 -28.21
CA ASN A 373 20.90 22.70 -29.09
C ASN A 373 22.14 22.83 -28.21
N ILE A 374 22.80 21.70 -27.99
CA ILE A 374 24.04 21.67 -27.20
C ILE A 374 25.19 21.39 -28.15
N PRO A 375 26.39 21.93 -27.85
CA PRO A 375 26.75 22.74 -26.69
C PRO A 375 26.39 24.23 -26.80
N HIS A 376 25.97 24.69 -27.98
CA HIS A 376 25.89 26.12 -28.24
C HIS A 376 25.06 26.84 -27.19
N ASP A 377 23.87 26.32 -26.87
CA ASP A 377 22.92 27.00 -26.01
C ASP A 377 22.90 26.47 -24.59
N PHE A 378 23.93 25.72 -24.19
CA PHE A 378 23.90 25.12 -22.85
C PHE A 378 23.86 26.19 -21.77
N PHE A 379 24.66 27.24 -21.91
CA PHE A 379 24.74 28.28 -20.90
C PHE A 379 23.72 29.40 -21.12
N SER A 380 23.45 29.74 -22.38
CA SER A 380 22.44 30.75 -22.67
C SER A 380 21.04 30.30 -22.28
N PHE A 381 20.83 28.99 -22.15
CA PHE A 381 19.54 28.44 -21.74
C PHE A 381 19.05 29.13 -20.48
N ASN A 382 17.81 29.62 -20.53
CA ASN A 382 17.20 30.31 -19.39
C ASN A 382 16.57 29.26 -18.48
N SER A 383 17.42 28.69 -17.61
CA SER A 383 16.91 27.73 -16.63
C SER A 383 15.97 28.38 -15.64
N GLU A 384 16.18 29.67 -15.34
CA GLU A 384 15.30 30.36 -14.41
C GLU A 384 13.87 30.39 -14.93
N GLU A 385 13.70 30.65 -16.23
CA GLU A 385 12.36 30.73 -16.79
C GLU A 385 11.64 29.40 -16.70
N ILE A 386 12.35 28.30 -16.99
CA ILE A 386 11.75 26.98 -16.88
C ILE A 386 11.21 26.76 -15.47
N VAL A 387 12.05 26.98 -14.46
CA VAL A 387 11.64 26.72 -13.08
C VAL A 387 10.51 27.64 -12.69
N ARG A 388 10.57 28.90 -13.12
CA ARG A 388 9.49 29.83 -12.85
C ARG A 388 8.19 29.34 -13.46
N ASN A 389 8.21 28.99 -14.75
CA ASN A 389 6.99 28.61 -15.46
C ASN A 389 6.44 27.26 -15.03
N LEU A 390 7.18 26.50 -14.23
CA LEU A 390 6.70 25.23 -13.69
C LEU A 390 6.30 25.33 -12.23
N SER A 391 6.41 26.51 -11.61
CA SER A 391 6.16 26.66 -10.18
C SER A 391 4.71 27.04 -9.92
N CYS A 392 4.06 26.29 -9.03
CA CYS A 392 2.73 26.61 -8.53
C CYS A 392 1.75 26.84 -9.69
N ARG A 393 1.80 25.94 -10.68
CA ARG A 393 0.89 26.03 -11.83
C ARG A 393 -0.45 25.35 -11.57
N LYS A 394 -0.43 24.17 -10.96
CA LYS A 394 -1.63 23.49 -10.50
C LYS A 394 -1.56 23.27 -9.00
N PRO A 395 -2.67 23.43 -8.27
CA PRO A 395 -2.61 23.26 -6.81
C PRO A 395 -2.20 21.85 -6.38
N ASP A 396 -2.39 20.85 -7.25
CA ASP A 396 -2.08 19.46 -6.90
C ASP A 396 -1.00 18.87 -7.78
N GLN A 397 -0.16 19.70 -8.40
CA GLN A 397 0.86 19.16 -9.28
C GLN A 397 1.85 18.33 -8.47
N HIS A 398 2.28 17.22 -9.05
CA HIS A 398 2.99 16.17 -8.32
C HIS A 398 4.51 16.25 -8.50
N PHE A 399 5.03 17.46 -8.63
CA PHE A 399 6.46 17.70 -8.68
C PHE A 399 6.71 19.16 -8.35
N LYS A 400 7.93 19.45 -7.92
CA LYS A 400 8.32 20.82 -7.59
C LYS A 400 9.60 21.12 -8.35
N PRO A 401 9.62 22.15 -9.20
CA PRO A 401 10.86 22.51 -9.88
C PRO A 401 11.80 23.24 -8.94
N TYR A 402 13.09 23.07 -9.21
CA TYR A 402 14.15 23.70 -8.44
C TYR A 402 15.29 24.06 -9.37
N LEU A 403 15.83 25.26 -9.21
CA LEU A 403 17.23 25.49 -9.55
C LEU A 403 18.07 24.73 -8.53
N THR A 404 19.06 23.99 -9.01
CA THR A 404 19.76 23.06 -8.13
C THR A 404 20.35 23.72 -6.88
N PRO A 405 20.83 24.96 -6.90
CA PRO A 405 21.26 25.59 -5.64
C PRO A 405 20.14 25.70 -4.61
N ASP A 406 18.89 25.66 -5.04
CA ASP A 406 17.76 25.75 -4.12
C ASP A 406 17.28 24.40 -3.61
N LEU A 407 17.82 23.29 -4.13
CA LEU A 407 17.45 21.98 -3.61
C LEU A 407 17.85 21.87 -2.14
N PRO A 408 17.13 21.08 -1.35
CA PRO A 408 17.56 20.82 0.02
C PRO A 408 19.03 20.46 0.06
N LYS A 409 19.74 21.07 0.99
CA LYS A 409 21.19 20.92 1.02
C LYS A 409 21.61 19.51 1.43
N ARG A 410 20.76 18.75 2.12
CA ARG A 410 21.14 17.40 2.51
C ARG A 410 21.38 16.49 1.31
N LEU A 411 20.83 16.84 0.13
CA LEU A 411 20.99 16.01 -1.05
C LEU A 411 22.39 16.14 -1.67
N HIS A 412 23.04 17.28 -1.47
CA HIS A 412 24.38 17.52 -2.00
C HIS A 412 24.43 17.27 -3.50
N TYR A 413 23.45 17.82 -4.23
CA TYR A 413 23.28 17.52 -5.66
C TYR A 413 23.20 18.83 -6.46
N ALA A 414 24.35 19.49 -6.65
CA ALA A 414 24.35 20.74 -7.42
C ALA A 414 25.72 21.12 -7.99
N LYS A 415 26.80 20.76 -7.30
CA LYS A 415 28.13 21.29 -7.65
C LYS A 415 28.78 20.42 -8.72
N ASN A 416 28.23 20.50 -9.93
CA ASN A 416 28.80 19.79 -11.06
C ASN A 416 28.13 20.27 -12.33
N VAL A 417 28.92 20.63 -13.34
CA VAL A 417 28.35 21.17 -14.57
C VAL A 417 27.46 20.15 -15.25
N ARG A 418 27.66 18.87 -14.97
CA ARG A 418 26.81 17.82 -15.53
C ARG A 418 25.42 17.80 -14.90
N ILE A 419 25.27 18.38 -13.72
CA ILE A 419 23.96 18.51 -13.07
C ILE A 419 23.32 19.78 -13.62
N ASP A 420 22.41 19.61 -14.56
CA ASP A 420 21.73 20.75 -15.17
C ASP A 420 21.02 21.57 -14.10
N LYS A 421 20.94 22.88 -14.35
CA LYS A 421 20.38 23.79 -13.35
C LYS A 421 18.90 23.49 -13.10
N VAL A 422 18.16 23.12 -14.15
CA VAL A 422 16.75 22.80 -13.98
C VAL A 422 16.62 21.39 -13.44
N HIS A 423 15.93 21.26 -12.31
CA HIS A 423 15.65 19.97 -11.71
C HIS A 423 14.17 19.91 -11.33
N LEU A 424 13.60 18.69 -11.35
CA LEU A 424 12.27 18.48 -10.82
C LEU A 424 12.33 17.44 -9.71
N PHE A 425 11.77 17.78 -8.55
CA PHE A 425 11.69 16.87 -7.42
C PHE A 425 10.29 16.27 -7.45
N VAL A 426 10.20 14.96 -7.74
CA VAL A 426 8.95 14.30 -8.10
C VAL A 426 8.40 13.55 -6.88
N ASP A 427 7.07 13.61 -6.70
CA ASP A 427 6.42 12.96 -5.58
C ASP A 427 6.47 11.43 -5.70
N GLN A 428 6.24 10.77 -4.56
CA GLN A 428 6.21 9.32 -4.49
C GLN A 428 5.35 8.73 -5.60
N GLN A 429 5.89 7.73 -6.28
CA GLN A 429 5.17 6.91 -7.25
C GLN A 429 4.69 7.69 -8.47
N TRP A 430 5.22 8.90 -8.70
CA TRP A 430 4.89 9.69 -9.88
C TRP A 430 6.08 9.73 -10.84
N LEU A 431 5.78 10.11 -12.08
CA LEU A 431 6.77 10.30 -13.11
C LEU A 431 6.49 11.61 -13.82
N ALA A 432 7.56 12.31 -14.20
CA ALA A 432 7.46 13.52 -15.01
C ALA A 432 8.14 13.27 -16.34
N VAL A 433 7.40 13.42 -17.44
CA VAL A 433 7.89 13.11 -18.77
C VAL A 433 7.62 14.31 -19.69
N ARG A 434 8.11 14.19 -20.92
CA ARG A 434 8.02 15.28 -21.88
C ARG A 434 6.58 15.45 -22.38
N SER A 435 5.97 14.37 -22.86
CA SER A 435 4.64 14.42 -23.45
C SER A 435 3.95 13.08 -23.23
N LYS A 436 2.71 12.98 -23.68
CA LYS A 436 1.95 11.75 -23.52
C LYS A 436 2.41 10.64 -24.46
N SER A 437 3.46 10.87 -25.24
CA SER A 437 4.07 9.84 -26.06
C SER A 437 5.01 8.93 -25.27
N ASN A 438 5.36 9.30 -24.04
CA ASN A 438 6.19 8.46 -23.19
C ASN A 438 5.32 7.40 -22.51
N THR A 439 5.76 6.14 -22.58
CA THR A 439 5.01 5.04 -21.99
C THR A 439 5.89 4.18 -21.09
N ASN A 440 6.96 4.76 -20.54
CA ASN A 440 7.80 4.03 -19.59
C ASN A 440 7.18 4.08 -18.20
N CYS A 441 5.96 3.53 -18.11
CA CYS A 441 5.19 3.54 -16.87
C CYS A 441 4.55 2.16 -16.68
N GLY A 442 4.02 1.94 -15.47
CA GLY A 442 3.25 0.77 -15.15
C GLY A 442 4.03 -0.27 -14.36
N GLY A 443 5.35 -0.31 -14.50
CA GLY A 443 6.19 -1.22 -13.76
C GLY A 443 6.81 -0.57 -12.55
N GLY A 444 7.87 -1.19 -12.06
CA GLY A 444 8.63 -0.61 -10.97
C GLY A 444 9.69 0.36 -11.45
N ASN A 445 10.08 1.28 -10.58
CA ASN A 445 11.13 2.22 -10.93
C ASN A 445 11.69 2.83 -9.65
N HIS A 446 12.73 3.66 -9.82
CA HIS A 446 13.48 4.23 -8.72
C HIS A 446 14.23 5.46 -9.24
N GLY A 447 14.89 6.16 -8.33
CA GLY A 447 15.53 7.44 -8.62
C GLY A 447 15.03 8.57 -7.76
N TYR A 448 13.92 8.35 -7.06
CA TYR A 448 13.25 9.35 -6.26
C TYR A 448 14.08 9.75 -5.05
N ASN A 449 13.60 10.77 -4.35
CA ASN A 449 14.08 11.14 -3.02
C ASN A 449 14.62 9.94 -2.27
N ASN A 450 15.89 10.01 -1.85
CA ASN A 450 16.49 8.91 -1.11
C ASN A 450 15.88 8.73 0.27
N GLU A 451 14.99 9.62 0.69
CA GLU A 451 14.33 9.49 1.98
C GLU A 451 13.05 8.67 1.89
N PHE A 452 12.47 8.51 0.71
CA PHE A 452 11.31 7.63 0.55
C PHE A 452 11.68 6.22 1.00
N ARG A 453 10.83 5.63 1.84
CA ARG A 453 11.13 4.30 2.37
C ARG A 453 11.33 3.29 1.24
N SER A 454 10.55 3.42 0.15
CA SER A 454 10.70 2.53 -0.99
C SER A 454 12.10 2.57 -1.58
N MET A 455 12.83 3.66 -1.37
CA MET A 455 14.16 3.83 -1.95
C MET A 455 15.28 3.37 -1.03
N GLU A 456 14.97 2.99 0.20
CA GLU A 456 15.99 2.52 1.13
C GLU A 456 16.57 1.19 0.66
N ALA A 457 17.87 0.99 0.88
CA ALA A 457 18.55 -0.23 0.49
C ALA A 457 18.90 -1.05 1.73
N ILE A 458 19.30 -2.32 1.49
CA ILE A 458 19.74 -3.23 2.54
C ILE A 458 21.22 -3.03 2.81
N PHE A 459 21.62 -3.35 4.04
CA PHE A 459 23.03 -3.52 4.40
C PHE A 459 23.12 -4.63 5.44
N LEU A 460 23.80 -5.71 5.08
CA LEU A 460 24.16 -6.78 6.01
C LEU A 460 25.67 -6.98 5.94
N ALA A 461 26.25 -7.46 7.05
CA ALA A 461 27.67 -7.72 7.10
C ALA A 461 27.94 -8.85 8.10
N HIS A 462 29.01 -9.60 7.84
CA HIS A 462 29.42 -10.71 8.68
C HIS A 462 30.91 -10.95 8.49
N GLY A 463 31.59 -11.31 9.57
CA GLY A 463 32.99 -11.66 9.48
C GLY A 463 33.75 -11.45 10.78
N PRO A 464 35.00 -11.87 10.81
CA PRO A 464 35.77 -11.81 12.06
C PRO A 464 35.94 -10.39 12.59
N SER A 465 35.82 -9.36 11.75
CA SER A 465 36.00 -7.99 12.19
C SER A 465 34.68 -7.32 12.60
N PHE A 466 33.55 -7.90 12.25
CA PHE A 466 32.25 -7.33 12.57
C PHE A 466 31.68 -7.91 13.87
N LYS A 467 30.84 -7.12 14.52
CA LYS A 467 30.10 -7.64 15.67
C LYS A 467 29.04 -8.63 15.21
N GLU A 468 28.62 -9.48 16.13
CA GLU A 468 27.72 -10.58 15.80
C GLU A 468 26.34 -10.32 16.37
N LYS A 469 25.33 -10.83 15.67
CA LYS A 469 23.93 -10.77 16.09
C LYS A 469 23.58 -9.38 16.62
N THR A 470 23.97 -8.37 15.85
CA THR A 470 23.76 -6.99 16.23
C THR A 470 22.92 -6.29 15.17
N GLU A 471 21.95 -5.50 15.61
CA GLU A 471 21.21 -4.60 14.73
C GLU A 471 21.68 -3.18 15.01
N VAL A 472 21.97 -2.44 13.94
CA VAL A 472 22.43 -1.06 14.05
C VAL A 472 21.40 -0.17 13.37
N GLU A 473 21.44 1.11 13.75
CA GLU A 473 20.52 2.09 13.20
C GLU A 473 20.90 2.42 11.76
N PRO A 474 19.97 3.00 10.99
CA PRO A 474 20.27 3.28 9.58
C PRO A 474 21.45 4.22 9.44
N PHE A 475 22.19 4.06 8.35
CA PHE A 475 23.29 4.95 8.02
C PHE A 475 23.36 5.10 6.51
N GLU A 476 24.17 6.04 6.07
CA GLU A 476 24.25 6.41 4.67
C GLU A 476 25.40 5.69 3.98
N ASN A 477 25.21 5.39 2.69
CA ASN A 477 26.15 4.56 1.95
C ASN A 477 27.48 5.26 1.69
N ILE A 478 27.54 6.59 1.83
CA ILE A 478 28.83 7.29 1.75
C ILE A 478 29.77 6.88 2.87
N GLU A 479 29.28 6.16 3.89
CA GLU A 479 30.11 5.75 5.01
C GLU A 479 30.84 4.42 4.79
N VAL A 480 30.38 3.63 3.83
CA VAL A 480 30.90 2.27 3.66
C VAL A 480 32.37 2.30 3.28
N TYR A 481 32.77 3.28 2.46
CA TYR A 481 34.15 3.35 1.98
C TYR A 481 35.14 3.39 3.14
N ASN A 482 34.94 4.31 4.10
CA ASN A 482 35.82 4.33 5.27
C ASN A 482 35.79 2.99 5.99
N LEU A 483 34.62 2.38 6.12
CA LEU A 483 34.52 1.09 6.80
C LEU A 483 35.36 0.03 6.11
N MET A 484 35.31 -0.03 4.77
CA MET A 484 36.07 -1.04 4.05
C MET A 484 37.57 -0.82 4.20
N CYS A 485 38.02 0.45 4.17
CA CYS A 485 39.42 0.75 4.42
C CYS A 485 39.84 0.30 5.82
N ASP A 486 38.97 0.49 6.82
CA ASP A 486 39.26 0.01 8.16
C ASP A 486 39.34 -1.52 8.21
N LEU A 487 38.48 -2.21 7.44
CA LEU A 487 38.53 -3.67 7.39
C LEU A 487 39.85 -4.17 6.82
N LEU A 488 40.35 -3.51 5.77
CA LEU A 488 41.62 -3.88 5.16
C LEU A 488 42.81 -3.22 5.84
N ARG A 489 42.58 -2.33 6.79
CA ARG A 489 43.64 -1.68 7.56
C ARG A 489 44.51 -0.79 6.66
N ILE A 490 43.85 -0.08 5.75
CA ILE A 490 44.50 0.85 4.84
C ILE A 490 43.87 2.23 5.04
N GLN A 491 44.53 3.21 4.52
CA GLN A 491 44.11 4.60 4.66
C GLN A 491 43.12 4.97 3.55
N PRO A 492 42.04 5.67 3.89
CA PRO A 492 41.10 6.10 2.86
C PRO A 492 41.52 7.39 2.19
N ALA A 493 41.13 7.51 0.92
CA ALA A 493 41.25 8.76 0.22
C ALA A 493 40.23 9.75 0.77
N PRO A 494 40.48 11.05 0.61
CA PRO A 494 39.51 12.04 1.11
C PRO A 494 38.12 11.80 0.52
N ASN A 495 37.14 11.70 1.41
CA ASN A 495 35.78 11.36 1.02
C ASN A 495 34.81 12.04 1.98
N ASN A 496 33.52 11.82 1.77
CA ASN A 496 32.47 12.51 2.49
C ASN A 496 31.92 11.72 3.64
N GLY A 497 32.34 10.48 3.80
CA GLY A 497 32.06 9.75 5.03
C GLY A 497 32.62 10.51 6.24
N THR A 498 32.17 10.08 7.41
CA THR A 498 32.61 10.61 8.69
C THR A 498 33.35 9.47 9.40
N HIS A 499 34.68 9.45 9.23
CA HIS A 499 35.49 8.33 9.68
C HIS A 499 35.32 8.11 11.18
N GLY A 500 34.80 6.94 11.53
CA GLY A 500 34.54 6.60 12.91
C GLY A 500 33.08 6.49 13.25
N SER A 501 32.18 6.96 12.36
CA SER A 501 30.76 6.87 12.64
C SER A 501 30.22 5.45 12.51
N LEU A 502 30.97 4.52 11.93
CA LEU A 502 30.56 3.12 11.83
C LEU A 502 31.43 2.21 12.70
N ASN A 503 32.16 2.78 13.65
CA ASN A 503 32.97 1.97 14.55
C ASN A 503 32.12 1.01 15.37
N HIS A 504 30.85 1.37 15.62
CA HIS A 504 30.01 0.48 16.42
C HIS A 504 29.65 -0.80 15.68
N LEU A 505 30.04 -0.93 14.42
CA LEU A 505 29.90 -2.19 13.70
C LEU A 505 31.10 -3.11 13.90
N LEU A 506 32.21 -2.59 14.40
CA LEU A 506 33.47 -3.33 14.45
C LEU A 506 33.77 -3.80 15.86
N LYS A 507 34.29 -5.03 15.96
CA LYS A 507 34.74 -5.53 17.26
C LYS A 507 35.86 -4.64 17.81
N VAL A 508 36.86 -4.34 17.00
CA VAL A 508 38.01 -3.54 17.43
C VAL A 508 38.27 -2.46 16.39
N PRO A 509 37.72 -1.26 16.55
CA PRO A 509 37.90 -0.22 15.53
C PRO A 509 39.36 -0.05 15.14
N PHE A 510 39.60 0.11 13.84
CA PHE A 510 40.94 0.39 13.34
C PHE A 510 41.28 1.86 13.45
N TYR A 511 40.28 2.74 13.37
CA TYR A 511 40.48 4.18 13.46
C TYR A 511 39.69 4.70 14.65
N GLU A 512 40.38 5.35 15.58
CA GLU A 512 39.72 5.97 16.72
C GLU A 512 39.62 7.47 16.46
N PRO A 513 38.43 8.03 16.28
CA PRO A 513 38.33 9.46 16.01
C PRO A 513 38.59 10.30 17.25
N SER A 514 38.85 11.58 17.02
CA SER A 514 39.01 12.54 18.11
C SER A 514 38.29 13.82 17.73
N HIS A 515 38.09 14.68 18.74
CA HIS A 515 37.52 15.99 18.50
C HIS A 515 38.45 16.79 17.61
N ALA A 516 37.88 17.53 16.66
CA ALA A 516 38.65 18.46 15.86
C ALA A 516 38.95 19.69 16.70
N GLU A 517 40.23 19.97 16.92
CA GLU A 517 40.60 21.08 17.77
C GLU A 517 40.27 22.42 17.10
N GLU A 518 39.90 23.39 17.92
CA GLU A 518 39.55 24.71 17.42
C GLU A 518 40.72 25.34 16.69
N VAL A 519 40.44 26.04 15.61
CA VAL A 519 41.46 26.68 14.78
C VAL A 519 41.56 28.18 15.08
N SER A 520 40.43 28.84 15.38
CA SER A 520 40.40 30.25 15.75
C SER A 520 39.97 30.37 17.21
N LYS A 521 40.88 30.82 18.07
CA LYS A 521 40.54 31.00 19.47
C LYS A 521 39.65 32.23 19.65
N PHE A 522 38.78 32.17 20.65
CA PHE A 522 37.88 33.29 20.91
C PHE A 522 38.63 34.41 21.61
N SER A 523 38.13 35.63 21.43
CA SER A 523 38.57 36.78 22.18
C SER A 523 37.44 37.25 23.10
N VAL A 524 37.66 38.36 23.78
CA VAL A 524 36.73 38.87 24.79
C VAL A 524 36.13 40.17 24.30
N CYS A 525 34.80 40.28 24.38
CA CYS A 525 34.09 41.53 24.16
C CYS A 525 33.56 41.93 25.55
N GLY A 526 34.37 42.71 26.27
CA GLY A 526 34.05 43.03 27.64
C GLY A 526 33.02 44.15 27.76
N PHE A 527 32.38 44.19 28.92
CA PHE A 527 31.43 45.24 29.27
C PHE A 527 32.22 46.32 30.00
N ALA A 528 32.66 47.33 29.26
CA ALA A 528 33.54 48.36 29.80
C ALA A 528 32.82 49.67 30.12
N ASN A 529 31.92 50.10 29.24
CA ASN A 529 31.18 51.34 29.42
C ASN A 529 29.69 51.05 29.25
N PRO A 530 28.83 51.42 30.20
CA PRO A 530 27.41 51.11 30.03
C PRO A 530 26.70 52.01 29.03
N LEU A 531 27.37 53.03 28.51
CA LEU A 531 26.76 53.89 27.51
C LEU A 531 27.48 53.73 26.17
N PRO A 532 26.75 53.68 25.05
CA PRO A 532 27.42 53.45 23.77
C PRO A 532 28.20 54.67 23.32
N THR A 533 29.33 54.42 22.66
CA THR A 533 30.09 55.51 22.07
C THR A 533 29.44 56.01 20.79
N GLU A 534 28.55 55.22 20.20
CA GLU A 534 27.85 55.57 18.96
C GLU A 534 26.46 54.95 19.01
N SER A 535 25.46 55.69 18.52
CA SER A 535 24.11 55.18 18.48
C SER A 535 23.89 54.17 17.36
N LEU A 536 24.74 54.17 16.33
CA LEU A 536 24.61 53.28 15.19
C LEU A 536 23.30 53.50 14.45
N ASP A 537 22.76 54.71 14.54
CA ASP A 537 21.54 55.08 13.82
C ASP A 537 20.36 54.18 14.20
N CYS A 538 20.41 53.63 15.41
CA CYS A 538 19.31 52.85 15.97
C CYS A 538 18.55 53.69 17.00
N PHE A 539 17.25 53.45 17.08
CA PHE A 539 16.39 54.22 17.98
C PHE A 539 15.55 53.30 18.85
N CYS A 540 15.53 53.58 20.15
CA CYS A 540 14.54 53.01 21.07
C CYS A 540 14.01 54.18 21.90
N PRO A 541 13.07 54.95 21.37
CA PRO A 541 12.57 56.12 22.12
C PRO A 541 11.93 55.75 23.45
N HIS A 542 11.51 54.49 23.64
CA HIS A 542 11.03 54.06 24.95
C HIS A 542 12.05 54.36 26.04
N LEU A 543 13.34 54.32 25.70
CA LEU A 543 14.41 54.67 26.62
C LEU A 543 14.67 56.17 26.47
N GLN A 544 14.20 56.95 27.43
CA GLN A 544 14.13 58.39 27.25
C GLN A 544 15.46 59.07 27.57
N ASN A 545 15.98 58.87 28.78
CA ASN A 545 17.22 59.50 29.18
C ASN A 545 18.30 58.47 29.46
N SER A 546 19.54 58.95 29.52
CA SER A 546 20.69 58.08 29.71
C SER A 546 20.51 57.17 30.91
N THR A 547 19.96 57.71 32.01
CA THR A 547 19.76 56.92 33.21
C THR A 547 18.96 55.66 32.92
N GLN A 548 17.85 55.80 32.22
CA GLN A 548 17.03 54.65 31.88
C GLN A 548 17.80 53.69 30.97
N LEU A 549 18.60 54.25 30.05
CA LEU A 549 19.42 53.40 29.18
C LEU A 549 20.50 52.69 29.97
N GLU A 550 21.13 53.37 30.92
CA GLU A 550 22.18 52.75 31.72
C GLU A 550 21.64 51.53 32.47
N GLN A 551 20.44 51.63 33.02
CA GLN A 551 19.88 50.50 33.77
C GLN A 551 19.71 49.29 32.86
N VAL A 552 19.17 49.50 31.66
CA VAL A 552 18.91 48.38 30.75
C VAL A 552 20.22 47.73 30.32
N ASN A 553 21.21 48.55 29.96
CA ASN A 553 22.49 48.01 29.51
C ASN A 553 23.22 47.26 30.62
N GLN A 554 23.01 47.65 31.87
CA GLN A 554 23.63 46.91 32.96
C GLN A 554 23.17 45.46 32.99
N MET A 555 22.00 45.15 32.44
CA MET A 555 21.54 43.77 32.35
C MET A 555 22.44 42.92 31.48
N LEU A 556 23.20 43.53 30.58
CA LEU A 556 24.16 42.81 29.75
C LEU A 556 25.50 42.62 30.45
N ASN A 557 25.65 43.13 31.66
CA ASN A 557 26.89 43.08 32.42
C ASN A 557 26.72 42.03 33.51
N LEU A 558 27.07 40.79 33.16
CA LEU A 558 26.83 39.65 34.04
C LEU A 558 28.04 39.35 34.91
N THR A 559 27.79 39.01 36.17
CA THR A 559 28.84 38.57 37.07
C THR A 559 29.44 37.27 36.54
N GLN A 560 30.55 36.87 37.13
CA GLN A 560 31.14 35.60 36.75
C GLN A 560 30.24 34.44 37.15
N GLU A 561 29.47 34.60 38.23
CA GLU A 561 28.52 33.57 38.62
C GLU A 561 27.37 33.48 37.62
N GLU A 562 26.96 34.63 37.07
CA GLU A 562 25.84 34.64 36.14
C GLU A 562 26.26 34.09 34.77
N ILE A 563 27.50 34.35 34.35
CA ILE A 563 28.01 33.75 33.13
C ILE A 563 28.03 32.24 33.26
N THR A 564 28.57 31.74 34.37
CA THR A 564 28.58 30.29 34.61
C THR A 564 27.17 29.72 34.56
N ALA A 565 26.19 30.49 35.06
CA ALA A 565 24.82 29.99 35.12
C ALA A 565 24.19 29.94 33.72
N THR A 566 24.41 30.98 32.90
CA THR A 566 23.78 30.96 31.59
C THR A 566 24.44 29.94 30.67
N VAL A 567 25.76 29.73 30.81
CA VAL A 567 26.42 28.69 30.03
C VAL A 567 25.90 27.32 30.42
N LYS A 568 25.76 27.06 31.72
CA LYS A 568 25.32 25.75 32.17
C LYS A 568 23.96 25.40 31.58
N VAL A 569 23.08 26.38 31.41
CA VAL A 569 21.73 26.14 30.90
C VAL A 569 21.69 26.26 29.38
N ASN A 570 22.30 27.31 28.82
CA ASN A 570 22.13 27.62 27.41
C ASN A 570 23.26 27.07 26.54
N LEU A 571 24.35 26.60 27.12
CA LEU A 571 25.39 25.86 26.42
C LEU A 571 25.65 24.54 27.13
N PRO A 572 24.67 23.65 27.17
CA PRO A 572 24.82 22.42 27.97
C PRO A 572 25.79 21.43 27.37
N PHE A 573 26.15 21.59 26.10
CA PHE A 573 27.08 20.69 25.43
C PHE A 573 28.37 21.39 25.05
N GLY A 574 28.59 22.59 25.57
CA GLY A 574 29.74 23.37 25.19
C GLY A 574 29.47 24.29 24.02
N ARG A 575 30.25 25.36 23.94
CA ARG A 575 30.10 26.30 22.84
C ARG A 575 30.50 25.63 21.53
N PRO A 576 29.85 25.97 20.42
CA PRO A 576 30.37 25.54 19.11
C PRO A 576 31.80 26.02 18.93
N ARG A 577 32.67 25.13 18.45
CA ARG A 577 34.06 25.46 18.21
C ARG A 577 34.24 25.90 16.76
N VAL A 578 35.06 26.92 16.55
CA VAL A 578 35.27 27.49 15.22
C VAL A 578 36.46 26.81 14.57
N LEU A 579 36.21 26.13 13.46
CA LEU A 579 37.26 25.48 12.68
C LEU A 579 37.71 26.32 11.48
N GLN A 580 37.08 27.46 11.25
CA GLN A 580 37.60 28.41 10.28
C GLN A 580 38.88 29.03 10.80
N LYS A 581 39.82 29.30 9.89
CA LYS A 581 41.08 29.89 10.27
C LYS A 581 41.01 31.40 10.15
N ASN A 582 41.65 32.09 11.10
CA ASN A 582 41.79 33.55 11.05
C ASN A 582 40.43 34.24 11.10
N VAL A 583 39.57 33.76 11.98
CA VAL A 583 38.25 34.35 12.22
C VAL A 583 38.25 34.87 13.65
N ASP A 584 38.11 36.18 13.82
CA ASP A 584 38.07 36.79 15.13
C ASP A 584 36.64 36.77 15.63
N HIS A 585 36.42 36.20 16.82
CA HIS A 585 35.08 36.07 17.37
C HIS A 585 35.14 36.15 18.88
N CYS A 586 34.03 36.59 19.49
CA CYS A 586 33.90 36.67 20.93
C CYS A 586 32.52 36.17 21.31
N LEU A 587 32.39 35.71 22.55
CA LEU A 587 31.11 35.26 23.05
C LEU A 587 30.38 36.39 23.75
N LEU A 588 29.08 36.49 23.50
CA LEU A 588 28.21 37.45 24.15
C LEU A 588 27.28 36.70 25.11
N TYR A 589 27.41 36.98 26.39
CA TYR A 589 26.67 36.26 27.42
C TYR A 589 25.43 37.05 27.81
N HIS A 590 24.29 36.39 27.77
CA HIS A 590 23.04 36.94 28.28
C HIS A 590 22.42 35.91 29.23
N ARG A 591 21.43 36.37 30.00
CA ARG A 591 20.75 35.45 30.92
C ARG A 591 20.04 34.33 30.17
N GLU A 592 19.47 34.63 29.01
CA GLU A 592 18.63 33.67 28.31
C GLU A 592 19.27 33.12 27.03
N TYR A 593 20.41 33.67 26.59
CA TYR A 593 21.06 33.12 25.41
C TYR A 593 22.52 33.51 25.39
N VAL A 594 23.30 32.73 24.65
CA VAL A 594 24.73 32.95 24.49
C VAL A 594 25.06 32.81 23.02
N SER A 595 25.72 33.82 22.47
CA SER A 595 26.06 33.83 21.05
C SER A 595 27.57 33.92 20.87
N GLY A 596 28.03 33.40 19.74
CA GLY A 596 29.39 33.62 19.29
C GLY A 596 29.37 34.61 18.16
N PHE A 597 29.97 35.78 18.37
CA PHE A 597 29.83 36.92 17.48
C PHE A 597 31.02 37.00 16.54
N GLY A 598 30.76 36.90 15.24
CA GLY A 598 31.79 37.10 14.24
C GLY A 598 32.04 38.57 13.95
N LYS A 599 33.23 39.07 14.30
CA LYS A 599 33.47 40.52 14.26
C LYS A 599 33.55 41.05 12.84
N ALA A 600 34.10 40.26 11.90
CA ALA A 600 34.18 40.71 10.51
C ALA A 600 32.81 40.73 9.85
N MET A 601 32.00 39.70 10.12
CA MET A 601 30.62 39.65 9.63
C MET A 601 29.74 40.68 10.31
N ARG A 602 30.12 41.11 11.52
CA ARG A 602 29.30 42.01 12.31
C ARG A 602 27.96 41.36 12.69
N MET A 603 27.94 40.04 12.79
CA MET A 603 26.75 39.31 13.21
C MET A 603 27.19 37.99 13.82
N PRO A 604 26.30 37.31 14.52
CA PRO A 604 26.67 36.04 15.17
C PRO A 604 26.94 34.93 14.16
N MET A 605 27.95 34.12 14.46
CA MET A 605 28.11 32.84 13.77
C MET A 605 27.13 31.79 14.30
N TRP A 606 26.69 31.95 15.54
CA TRP A 606 25.78 31.01 16.17
C TRP A 606 25.18 31.68 17.40
N SER A 607 23.97 31.28 17.73
CA SER A 607 23.28 31.73 18.93
C SER A 607 22.65 30.52 19.57
N SER A 608 22.92 30.30 20.86
CA SER A 608 22.52 29.10 21.56
C SER A 608 21.63 29.46 22.75
N TYR A 609 20.46 28.83 22.81
CA TYR A 609 19.53 29.08 23.91
C TYR A 609 18.68 27.84 24.12
N THR A 610 18.31 27.60 25.37
CA THR A 610 17.47 26.45 25.72
C THR A 610 16.06 26.94 26.03
N VAL A 611 15.09 26.37 25.33
CA VAL A 611 13.68 26.72 25.49
C VAL A 611 13.04 25.70 26.42
N PRO A 612 12.63 26.08 27.62
CA PRO A 612 12.04 25.10 28.53
C PRO A 612 10.64 24.69 28.08
N GLN A 613 10.25 23.48 28.47
CA GLN A 613 8.86 23.10 28.41
C GLN A 613 8.05 24.00 29.33
N LEU A 614 6.97 24.57 28.81
CA LEU A 614 6.13 25.48 29.58
C LEU A 614 4.71 24.93 29.69
N GLY A 615 4.03 25.35 30.76
CA GLY A 615 2.67 24.89 30.98
C GLY A 615 1.72 25.37 29.90
N ASP A 616 1.76 26.65 29.57
CA ASP A 616 0.92 27.22 28.53
C ASP A 616 1.67 27.14 27.21
N THR A 617 1.08 26.46 26.23
CA THR A 617 1.62 26.38 24.88
C THR A 617 1.30 27.60 24.04
N SER A 618 1.02 28.74 24.68
CA SER A 618 0.56 29.92 23.97
C SER A 618 1.59 30.35 22.92
N PRO A 619 1.14 30.89 21.78
CA PRO A 619 2.10 31.44 20.82
C PRO A 619 2.72 32.72 21.34
N LEU A 620 4.03 32.87 21.11
CA LEU A 620 4.71 34.09 21.50
C LEU A 620 4.11 35.27 20.75
N PRO A 621 3.73 36.35 21.45
CA PRO A 621 3.34 37.58 20.74
C PRO A 621 4.52 38.14 19.97
N PRO A 622 4.29 39.08 19.05
CA PRO A 622 5.41 39.61 18.27
C PRO A 622 6.41 40.36 19.14
N THR A 623 7.63 40.44 18.62
CA THR A 623 8.64 41.29 19.24
C THR A 623 8.13 42.72 19.32
N VAL A 624 8.55 43.44 20.36
CA VAL A 624 8.23 44.87 20.45
C VAL A 624 8.83 45.60 19.25
N PRO A 625 8.05 46.38 18.51
CA PRO A 625 8.50 46.83 17.18
C PRO A 625 9.63 47.86 17.17
N ASP A 626 9.44 49.02 17.79
CA ASP A 626 10.33 50.16 17.58
C ASP A 626 11.27 50.34 18.76
N CYS A 627 12.22 49.41 18.88
CA CYS A 627 13.22 49.50 19.94
C CYS A 627 14.43 48.66 19.55
N LEU A 628 15.46 49.32 19.05
CA LEU A 628 16.77 48.70 18.82
C LEU A 628 17.84 49.65 19.34
N ARG A 629 18.94 49.08 19.82
CA ARG A 629 20.04 49.91 20.30
C ARG A 629 21.36 49.19 20.07
N ALA A 630 22.43 49.97 20.13
CA ALA A 630 23.78 49.41 19.99
C ALA A 630 24.14 48.53 21.19
N ASP A 631 24.98 47.53 20.92
CA ASP A 631 25.51 46.64 21.95
C ASP A 631 26.80 47.24 22.48
N VAL A 632 26.80 47.64 23.76
CA VAL A 632 27.94 48.37 24.31
C VAL A 632 29.19 47.50 24.38
N ARG A 633 29.06 46.17 24.32
CA ARG A 633 30.22 45.30 24.41
C ARG A 633 30.97 45.15 23.09
N VAL A 634 30.33 45.48 21.98
CA VAL A 634 30.89 45.29 20.64
C VAL A 634 31.24 46.67 20.09
N PRO A 635 32.46 46.91 19.65
CA PRO A 635 32.81 48.24 19.11
C PRO A 635 32.01 48.55 17.87
N PRO A 636 31.81 49.84 17.56
CA PRO A 636 30.98 50.19 16.39
C PRO A 636 31.55 49.69 15.07
N SER A 637 32.87 49.68 14.91
CA SER A 637 33.45 49.19 13.67
C SER A 637 33.06 47.74 13.40
N GLU A 638 32.66 47.00 14.43
CA GLU A 638 32.26 45.61 14.27
C GLU A 638 30.76 45.41 14.47
N SER A 639 29.99 46.49 14.47
CA SER A 639 28.56 46.42 14.71
C SER A 639 27.79 46.82 13.45
N GLN A 640 26.58 46.29 13.32
CA GLN A 640 25.67 46.73 12.29
C GLN A 640 25.04 48.06 12.68
N LYS A 641 24.66 48.83 11.68
CA LYS A 641 23.88 50.04 11.88
C LYS A 641 22.47 49.81 11.37
N CYS A 642 21.48 50.26 12.15
CA CYS A 642 20.09 50.17 11.71
C CYS A 642 19.87 50.92 10.41
N SER A 643 20.71 51.91 10.10
CA SER A 643 20.57 52.64 8.85
C SER A 643 20.97 51.79 7.65
N PHE A 644 21.82 50.79 7.83
CA PHE A 644 22.12 49.87 6.72
C PHE A 644 20.85 49.28 6.14
N TYR A 645 19.91 48.88 6.99
CA TYR A 645 18.72 48.21 6.51
C TYR A 645 17.72 49.18 5.88
N LEU A 646 17.65 50.41 6.39
CA LEU A 646 16.85 51.42 5.70
C LEU A 646 17.45 51.74 4.33
N ALA A 647 18.78 51.73 4.23
CA ALA A 647 19.43 52.05 2.96
C ALA A 647 19.22 50.93 1.93
N ASP A 648 19.26 49.68 2.38
CA ASP A 648 19.07 48.55 1.47
C ASP A 648 17.57 48.31 1.29
N LYS A 649 17.09 48.51 0.07
CA LYS A 649 15.65 48.43 -0.19
C LYS A 649 15.16 46.99 -0.31
N ASN A 650 16.02 46.07 -0.73
CA ASN A 650 15.60 44.71 -1.01
C ASN A 650 15.65 43.77 0.19
N ILE A 651 16.05 44.24 1.37
CA ILE A 651 16.20 43.38 2.54
C ILE A 651 15.97 44.17 3.83
N THR A 652 15.58 43.45 4.87
CA THR A 652 15.39 44.05 6.18
C THR A 652 16.13 43.23 7.23
N HIS A 653 15.88 43.47 8.51
CA HIS A 653 16.63 42.80 9.56
C HIS A 653 15.71 41.85 10.34
N GLY A 654 16.32 40.75 10.79
CA GLY A 654 15.63 39.81 11.65
C GLY A 654 16.49 39.52 12.88
N PHE A 655 15.91 38.76 13.80
CA PHE A 655 16.58 38.41 15.05
C PHE A 655 16.93 36.93 15.03
N LEU A 656 18.17 36.63 15.40
CA LEU A 656 18.59 35.23 15.50
C LEU A 656 17.95 34.58 16.73
N TYR A 657 18.16 35.17 17.90
CA TYR A 657 17.47 34.77 19.12
C TYR A 657 16.14 35.53 19.22
N PRO A 658 15.00 34.85 19.40
CA PRO A 658 13.70 35.53 19.35
C PRO A 658 13.43 36.37 20.59
N PRO A 659 13.40 37.70 20.47
CA PRO A 659 13.24 38.52 21.68
C PRO A 659 11.95 38.26 22.44
N ALA A 660 10.87 37.94 21.73
CA ALA A 660 9.58 37.75 22.38
C ALA A 660 9.54 36.52 23.28
N SER A 661 10.59 35.69 23.29
CA SER A 661 10.65 34.53 24.17
C SER A 661 11.21 34.87 25.55
N ASN A 662 11.26 36.15 25.91
CA ASN A 662 11.76 36.55 27.21
C ASN A 662 10.94 35.90 28.32
N ARG A 663 11.63 35.46 29.36
CA ARG A 663 10.98 34.83 30.50
C ARG A 663 10.96 35.73 31.73
N THR A 664 11.43 36.97 31.61
CA THR A 664 11.27 37.97 32.67
C THR A 664 10.72 39.24 32.05
N SER A 665 10.21 40.12 32.91
CA SER A 665 9.44 41.28 32.47
C SER A 665 10.27 42.27 31.66
N ASP A 666 11.58 42.25 31.77
CA ASP A 666 12.43 43.20 31.06
C ASP A 666 13.57 42.57 30.28
N SER A 667 13.65 41.25 30.23
CA SER A 667 14.80 40.62 29.58
C SER A 667 14.72 40.67 28.06
N GLN A 668 13.60 41.09 27.49
CA GLN A 668 13.55 41.26 26.04
C GLN A 668 14.49 42.35 25.57
N TYR A 669 14.90 43.27 26.45
CA TYR A 669 15.92 44.24 26.08
C TYR A 669 17.23 43.55 25.71
N ASP A 670 17.52 42.40 26.32
CA ASP A 670 18.77 41.70 26.05
C ASP A 670 18.88 41.25 24.60
N ALA A 671 17.75 41.14 23.90
CA ALA A 671 17.73 40.65 22.53
C ALA A 671 17.52 41.75 21.50
N LEU A 672 17.13 42.95 21.92
CA LEU A 672 16.88 44.06 21.01
C LEU A 672 18.13 44.90 20.81
N ILE A 673 19.24 44.22 20.51
CA ILE A 673 20.54 44.87 20.37
C ILE A 673 21.13 44.49 19.02
N THR A 674 22.02 45.36 18.51
CA THR A 674 22.56 45.19 17.16
C THR A 674 23.29 43.87 17.01
N SER A 675 23.81 43.30 18.10
CA SER A 675 24.58 42.06 18.03
C SER A 675 23.69 40.84 17.83
N ASN A 676 22.38 41.00 17.84
CA ASN A 676 21.45 39.90 17.60
C ASN A 676 20.69 40.09 16.29
N LEU A 677 21.16 40.99 15.43
CA LEU A 677 20.52 41.25 14.15
C LEU A 677 21.17 40.44 13.05
N VAL A 678 20.36 40.00 12.09
CA VAL A 678 20.85 39.30 10.91
C VAL A 678 19.99 39.71 9.72
N PRO A 679 20.58 39.73 8.52
CA PRO A 679 19.84 40.22 7.35
C PRO A 679 18.81 39.21 6.88
N MET A 680 17.57 39.66 6.73
CA MET A 680 16.47 38.77 6.33
C MET A 680 15.56 39.47 5.34
N TYR A 681 15.29 38.77 4.23
CA TYR A 681 14.25 39.22 3.32
C TYR A 681 12.91 39.20 4.03
N GLU A 682 12.09 40.21 3.76
CA GLU A 682 10.79 40.34 4.42
C GLU A 682 10.04 39.01 4.38
N GLU A 683 9.98 38.39 3.21
CA GLU A 683 9.19 37.17 3.07
C GLU A 683 9.80 36.04 3.87
N PHE A 684 11.13 35.95 3.91
CA PHE A 684 11.75 34.91 4.74
C PHE A 684 11.46 35.15 6.21
N ARG A 685 11.47 36.41 6.65
CA ARG A 685 11.30 36.68 8.07
C ARG A 685 9.92 36.24 8.55
N LYS A 686 8.91 36.29 7.68
CA LYS A 686 7.60 35.77 8.04
C LYS A 686 7.69 34.29 8.39
N MET A 687 8.36 33.52 7.54
CA MET A 687 8.54 32.11 7.80
C MET A 687 9.40 31.88 9.05
N TRP A 688 10.48 32.66 9.17
CA TRP A 688 11.36 32.55 10.33
C TRP A 688 10.61 32.87 11.63
N ASP A 689 9.83 33.96 11.61
CA ASP A 689 9.13 34.38 12.82
C ASP A 689 8.05 33.37 13.21
N TYR A 690 7.33 32.81 12.23
CA TYR A 690 6.29 31.84 12.54
C TYR A 690 6.88 30.58 13.16
N PHE A 691 8.06 30.16 12.69
CA PHE A 691 8.70 28.98 13.26
C PHE A 691 9.04 29.20 14.72
N HIS A 692 9.63 30.35 15.04
CA HIS A 692 10.06 30.63 16.40
C HIS A 692 8.90 31.01 17.32
N SER A 693 7.81 31.52 16.76
CA SER A 693 6.67 31.92 17.56
C SER A 693 5.72 30.76 17.86
N VAL A 694 5.66 29.77 16.96
CA VAL A 694 4.61 28.75 17.04
C VAL A 694 5.24 27.35 17.09
N LEU A 695 6.02 26.99 16.06
CA LEU A 695 6.50 25.62 15.94
C LEU A 695 7.54 25.29 17.00
N LEU A 696 8.42 26.24 17.30
CA LEU A 696 9.48 25.97 18.28
C LEU A 696 8.89 25.56 19.63
N ILE A 697 7.79 26.22 20.03
CA ILE A 697 7.20 25.92 21.33
C ILE A 697 6.62 24.51 21.34
N LYS A 698 6.01 24.07 20.23
CA LYS A 698 5.57 22.68 20.15
C LYS A 698 6.73 21.72 20.30
N HIS A 699 7.84 21.99 19.61
CA HIS A 699 9.02 21.14 19.76
C HIS A 699 9.47 21.08 21.21
N ALA A 700 9.50 22.22 21.90
CA ALA A 700 9.95 22.25 23.28
C ALA A 700 9.08 21.37 24.17
N THR A 701 7.77 21.50 24.06
CA THR A 701 6.89 20.73 24.93
C THR A 701 6.90 19.25 24.56
N GLU A 702 7.07 18.94 23.27
CA GLU A 702 7.13 17.54 22.87
C GLU A 702 8.38 16.85 23.39
N ARG A 703 9.49 17.60 23.53
CA ARG A 703 10.79 17.03 23.84
C ARG A 703 11.25 17.34 25.26
N ASN A 704 10.37 17.93 26.08
CA ASN A 704 10.68 18.30 27.46
C ASN A 704 11.81 19.33 27.47
N GLY A 705 11.57 20.42 26.75
CA GLY A 705 12.60 21.41 26.52
C GLY A 705 13.46 21.05 25.32
N VAL A 706 13.97 22.09 24.67
CA VAL A 706 14.85 21.89 23.53
C VAL A 706 15.92 22.98 23.53
N ASN A 707 17.14 22.58 23.24
CA ASN A 707 18.23 23.52 23.05
C ASN A 707 18.30 23.89 21.58
N VAL A 708 18.45 25.19 21.32
CA VAL A 708 18.52 25.74 19.97
C VAL A 708 19.90 26.33 19.75
N VAL A 709 20.49 26.03 18.59
CA VAL A 709 21.64 26.74 18.07
C VAL A 709 21.33 27.12 16.64
N SER A 710 21.29 28.42 16.35
CA SER A 710 21.00 28.88 15.01
C SER A 710 22.06 29.89 14.58
N GLY A 711 22.13 30.12 13.28
CA GLY A 711 23.11 31.03 12.74
C GLY A 711 23.06 31.10 11.23
N PRO A 712 23.85 31.99 10.65
CA PRO A 712 23.84 32.17 9.20
C PRO A 712 24.75 31.17 8.49
N ILE A 713 24.43 30.94 7.23
CA ILE A 713 25.24 30.13 6.33
C ILE A 713 25.46 30.91 5.06
N PHE A 714 26.68 30.85 4.53
CA PHE A 714 27.05 31.47 3.28
C PHE A 714 27.62 30.38 2.37
N ASP A 715 26.87 30.02 1.32
CA ASP A 715 27.33 29.03 0.35
C ASP A 715 26.92 29.49 -1.05
N TYR A 716 27.52 30.60 -1.51
CA TYR A 716 27.15 31.19 -2.78
C TYR A 716 27.62 30.38 -3.98
N ASN A 717 28.65 29.55 -3.82
CA ASN A 717 29.10 28.62 -4.84
C ASN A 717 28.50 27.23 -4.66
N TYR A 718 27.53 27.09 -3.76
CA TYR A 718 26.76 25.88 -3.54
C TYR A 718 27.62 24.61 -3.63
N ASP A 719 28.74 24.61 -2.91
CA ASP A 719 29.62 23.45 -2.82
C ASP A 719 29.50 22.72 -1.49
N GLY A 720 28.60 23.15 -0.61
CA GLY A 720 28.39 22.48 0.65
C GLY A 720 29.33 22.89 1.76
N HIS A 721 30.22 23.86 1.53
CA HIS A 721 31.18 24.32 2.51
C HIS A 721 30.99 25.79 2.76
N PHE A 722 31.30 26.22 3.98
CA PHE A 722 31.23 27.63 4.32
C PHE A 722 32.09 28.46 3.36
N ASP A 723 31.53 29.56 2.88
CA ASP A 723 32.26 30.44 1.96
C ASP A 723 33.34 31.21 2.71
N ALA A 724 34.47 31.41 2.04
CA ALA A 724 35.42 32.40 2.48
C ALA A 724 34.87 33.80 2.19
N PRO A 725 35.33 34.82 2.93
CA PRO A 725 34.78 36.16 2.71
C PRO A 725 34.79 36.59 1.25
N ASP A 726 35.86 36.28 0.53
CA ASP A 726 35.98 36.75 -0.85
C ASP A 726 35.13 35.93 -1.82
N GLU A 727 34.44 34.91 -1.34
CA GLU A 727 33.51 34.14 -2.16
C GLU A 727 32.07 34.61 -2.02
N ILE A 728 31.78 35.47 -1.04
CA ILE A 728 30.42 35.97 -0.81
C ILE A 728 30.16 37.13 -1.76
N THR A 729 29.10 37.01 -2.58
CA THR A 729 28.86 37.94 -3.67
C THR A 729 27.70 38.89 -3.41
N LYS A 730 27.12 38.87 -2.22
CA LYS A 730 26.01 39.77 -1.90
C LYS A 730 26.19 40.30 -0.48
N HIS A 731 26.03 41.61 -0.32
CA HIS A 731 26.24 42.25 0.97
C HIS A 731 25.12 43.25 1.24
N LEU A 732 25.06 43.68 2.49
CA LEU A 732 24.03 44.61 2.95
C LEU A 732 24.39 46.04 2.53
N ALA A 733 23.47 46.70 1.81
CA ALA A 733 23.64 48.09 1.34
C ALA A 733 25.00 48.20 0.66
N ASN A 734 25.86 49.14 1.07
CA ASN A 734 27.21 49.28 0.52
C ASN A 734 28.28 48.85 1.52
N THR A 735 27.90 48.07 2.52
CA THR A 735 28.81 47.65 3.58
C THR A 735 29.47 46.33 3.18
N ASP A 736 30.24 45.75 4.09
CA ASP A 736 30.80 44.42 3.92
C ASP A 736 30.03 43.37 4.69
N VAL A 737 28.86 43.71 5.21
CA VAL A 737 28.02 42.77 5.95
C VAL A 737 27.45 41.75 4.98
N PRO A 738 27.78 40.47 5.10
CA PRO A 738 27.34 39.50 4.10
C PRO A 738 25.88 39.10 4.28
N ILE A 739 25.27 38.68 3.17
CA ILE A 739 23.89 38.21 3.15
C ILE A 739 23.92 36.68 3.16
N PRO A 740 23.37 36.03 4.18
CA PRO A 740 23.38 34.56 4.18
C PRO A 740 22.55 33.96 3.06
N THR A 741 23.06 32.85 2.50
CA THR A 741 22.27 32.03 1.59
C THR A 741 21.33 31.10 2.34
N HIS A 742 21.65 30.76 3.58
CA HIS A 742 20.81 29.88 4.39
C HIS A 742 20.91 30.31 5.84
N TYR A 743 19.93 29.89 6.64
CA TYR A 743 20.05 29.89 8.09
C TYR A 743 19.89 28.47 8.58
N PHE A 744 20.65 28.10 9.60
CA PHE A 744 20.50 26.80 10.22
C PHE A 744 19.82 26.93 11.57
N VAL A 745 19.11 25.89 11.96
CA VAL A 745 18.51 25.76 13.28
C VAL A 745 18.71 24.31 13.69
N VAL A 746 19.42 24.08 14.78
CA VAL A 746 19.67 22.75 15.30
C VAL A 746 18.97 22.62 16.64
N LEU A 747 17.98 21.73 16.70
CA LEU A 747 17.29 21.42 17.93
C LEU A 747 17.92 20.19 18.57
N THR A 748 18.32 20.32 19.82
CA THR A 748 18.97 19.24 20.55
C THR A 748 18.27 19.07 21.89
N SER A 749 17.84 17.84 22.17
CA SER A 749 17.18 17.51 23.43
C SER A 749 17.74 16.16 23.90
N CYS A 750 17.16 15.65 24.99
CA CYS A 750 17.56 14.37 25.55
C CYS A 750 16.76 13.23 24.93
N LYS A 751 17.46 12.21 24.43
CA LYS A 751 16.75 11.06 23.87
C LYS A 751 15.72 10.51 24.86
N ASN A 752 16.09 10.43 26.13
CA ASN A 752 15.14 10.11 27.21
C ASN A 752 14.40 11.38 27.58
N LYS A 753 13.15 11.49 27.13
CA LYS A 753 12.34 12.69 27.36
C LYS A 753 12.13 12.99 28.84
N SER A 754 12.43 12.05 29.74
CA SER A 754 12.30 12.32 31.17
C SER A 754 13.28 13.38 31.65
N HIS A 755 14.36 13.63 30.91
CA HIS A 755 15.33 14.66 31.24
C HIS A 755 15.20 15.84 30.30
N THR A 756 15.64 17.00 30.79
CA THR A 756 15.72 18.20 29.98
C THR A 756 17.04 18.24 29.25
N PRO A 757 17.19 19.14 28.27
CA PRO A 757 18.48 19.23 27.58
C PRO A 757 19.63 19.57 28.49
N GLU A 758 19.39 20.37 29.55
CA GLU A 758 20.46 20.72 30.49
C GLU A 758 20.88 19.53 31.34
N ASN A 759 19.92 18.72 31.78
CA ASN A 759 20.20 17.63 32.71
C ASN A 759 20.09 16.28 32.00
N CYS A 760 20.86 16.09 30.93
CA CYS A 760 20.77 14.88 30.12
C CYS A 760 22.07 14.07 30.22
N PRO A 761 22.12 13.03 31.05
CA PRO A 761 23.34 12.24 31.14
C PRO A 761 23.58 11.31 29.96
N GLY A 762 22.54 10.91 29.23
CA GLY A 762 22.66 9.92 28.19
C GLY A 762 22.70 10.51 26.79
N TRP A 763 22.17 9.75 25.83
CA TRP A 763 22.19 10.14 24.42
C TRP A 763 21.34 11.38 24.17
N LEU A 764 21.73 12.13 23.14
CA LEU A 764 20.99 13.29 22.68
C LEU A 764 20.11 12.91 21.50
N ASP A 765 19.20 13.81 21.16
CA ASP A 765 18.36 13.68 19.97
C ASP A 765 18.35 15.01 19.24
N VAL A 766 18.62 14.96 17.93
CA VAL A 766 18.82 16.17 17.14
C VAL A 766 17.78 16.27 16.04
N LEU A 767 17.42 17.52 15.72
CA LEU A 767 16.57 17.84 14.59
C LEU A 767 17.16 19.07 13.91
N PRO A 768 18.07 18.88 12.93
CA PRO A 768 18.70 20.01 12.25
C PRO A 768 17.94 20.51 11.03
N PHE A 769 17.90 21.84 10.89
CA PHE A 769 17.29 22.51 9.74
C PHE A 769 18.33 23.38 9.06
N ILE A 770 18.33 23.39 7.73
CA ILE A 770 19.13 24.31 6.94
C ILE A 770 18.17 24.95 5.93
N ILE A 771 17.54 26.04 6.33
CA ILE A 771 16.45 26.63 5.56
C ILE A 771 17.05 27.63 4.58
N PRO A 772 16.70 27.58 3.29
CA PRO A 772 17.24 28.55 2.35
C PRO A 772 16.69 29.94 2.59
N HIS A 773 17.57 30.93 2.47
CA HIS A 773 17.23 32.33 2.69
C HIS A 773 16.90 32.94 1.34
N ARG A 774 15.61 32.90 0.97
CA ARG A 774 15.15 33.32 -0.33
C ARG A 774 14.17 34.49 -0.22
N PRO A 775 14.17 35.40 -1.19
CA PRO A 775 13.31 36.60 -1.10
C PRO A 775 11.85 36.35 -1.40
N THR A 776 11.48 35.19 -1.91
CA THR A 776 10.09 34.81 -2.05
C THR A 776 9.88 33.42 -1.45
N ASN A 777 8.63 33.12 -1.12
CA ASN A 777 8.27 31.78 -0.65
C ASN A 777 7.62 30.95 -1.76
N VAL A 778 8.03 31.16 -3.01
CA VAL A 778 7.47 30.43 -4.13
C VAL A 778 7.65 28.93 -3.96
N GLU A 779 8.71 28.50 -3.27
CA GLU A 779 8.93 27.08 -3.05
C GLU A 779 7.78 26.43 -2.30
N SER A 780 7.08 27.18 -1.46
CA SER A 780 5.99 26.63 -0.67
C SER A 780 4.62 26.80 -1.32
N CYS A 781 4.53 27.52 -2.44
CA CYS A 781 3.27 27.80 -3.12
C CYS A 781 2.20 28.21 -2.11
N PRO A 782 2.39 29.31 -1.38
CA PRO A 782 1.46 29.64 -0.30
C PRO A 782 0.11 30.13 -0.80
N GLU A 783 0.05 30.76 -1.97
CA GLU A 783 -1.22 31.14 -2.59
C GLU A 783 -2.21 31.69 -1.57
N GLY A 784 -1.74 32.67 -0.81
CA GLY A 784 -2.59 33.36 0.16
C GLY A 784 -3.01 32.55 1.36
N LYS A 785 -2.43 31.37 1.58
CA LYS A 785 -2.80 30.56 2.73
C LYS A 785 -2.06 31.05 3.98
N PRO A 786 -2.61 30.78 5.16
CA PRO A 786 -1.91 31.14 6.39
C PRO A 786 -0.67 30.30 6.60
N GLU A 787 0.26 30.86 7.38
CA GLU A 787 1.54 30.20 7.59
C GLU A 787 1.39 28.83 8.25
N ALA A 788 0.30 28.62 9.00
CA ALA A 788 0.10 27.34 9.65
C ALA A 788 -0.03 26.21 8.63
N LEU A 789 -0.29 26.52 7.37
CA LEU A 789 -0.55 25.50 6.37
C LEU A 789 0.65 25.21 5.47
N TRP A 790 1.80 25.85 5.68
CA TRP A 790 2.92 25.62 4.78
C TRP A 790 4.31 25.83 5.39
N VAL A 791 4.41 26.58 6.49
CA VAL A 791 5.73 26.85 7.06
C VAL A 791 6.38 25.56 7.55
N GLU A 792 5.67 24.81 8.40
CA GLU A 792 6.23 23.57 8.93
C GLU A 792 6.62 22.62 7.81
N GLU A 793 5.78 22.49 6.79
CA GLU A 793 6.10 21.64 5.65
C GLU A 793 7.41 22.07 5.00
N ARG A 794 7.67 23.38 4.94
CA ARG A 794 8.88 23.89 4.29
C ARG A 794 10.10 23.61 5.13
N PHE A 795 10.02 23.79 6.44
CA PHE A 795 11.14 23.42 7.30
C PHE A 795 11.42 21.93 7.20
N THR A 796 10.37 21.10 7.27
CA THR A 796 10.55 19.66 7.20
C THR A 796 11.31 19.26 5.94
N ALA A 797 10.97 19.88 4.81
CA ALA A 797 11.64 19.55 3.56
C ALA A 797 13.11 19.92 3.56
N HIS A 798 13.56 20.73 4.53
CA HIS A 798 14.94 21.17 4.56
C HIS A 798 15.66 20.70 5.81
N ILE A 799 15.23 19.56 6.34
CA ILE A 799 15.98 18.91 7.41
C ILE A 799 17.31 18.41 6.87
N ALA A 800 18.30 18.31 7.75
CA ALA A 800 19.62 17.86 7.35
C ALA A 800 20.30 17.21 8.55
N ARG A 801 21.51 16.72 8.32
CA ARG A 801 22.37 16.21 9.37
C ARG A 801 23.14 17.36 10.01
N VAL A 802 23.43 17.21 11.30
CA VAL A 802 24.33 18.18 11.94
C VAL A 802 25.62 18.30 11.15
N ARG A 803 26.11 17.18 10.63
CA ARG A 803 27.34 17.21 9.85
C ARG A 803 27.22 18.17 8.68
N ASP A 804 26.04 18.24 8.06
CA ASP A 804 25.82 19.18 6.97
C ASP A 804 25.91 20.61 7.47
N VAL A 805 25.37 20.89 8.66
CA VAL A 805 25.48 22.22 9.25
C VAL A 805 26.94 22.56 9.51
N GLU A 806 27.69 21.60 10.06
CA GLU A 806 29.10 21.85 10.35
C GLU A 806 29.87 22.23 9.09
N LEU A 807 29.66 21.47 8.01
CA LEU A 807 30.38 21.73 6.79
C LEU A 807 30.08 23.12 6.26
N LEU A 808 28.82 23.55 6.37
CA LEU A 808 28.40 24.83 5.82
C LEU A 808 28.74 26.01 6.70
N THR A 809 29.20 25.78 7.94
CA THR A 809 29.46 26.86 8.90
C THR A 809 30.90 26.93 9.37
N GLY A 810 31.67 25.85 9.25
CA GLY A 810 32.97 25.83 9.88
C GLY A 810 32.92 25.66 11.38
N LEU A 811 31.79 25.21 11.93
CA LEU A 811 31.63 24.99 13.36
C LEU A 811 31.64 23.50 13.68
N ASP A 812 31.97 23.18 14.94
CA ASP A 812 31.97 21.81 15.45
C ASP A 812 31.22 21.82 16.77
N PHE A 813 30.18 20.99 16.87
CA PHE A 813 29.26 21.01 17.99
C PHE A 813 29.54 19.85 18.94
N TYR A 814 29.14 20.03 20.19
CA TYR A 814 29.02 18.98 21.20
C TYR A 814 30.37 18.54 21.77
N GLN A 815 31.42 19.35 21.65
CA GLN A 815 32.73 18.89 22.09
C GLN A 815 32.79 18.69 23.60
N ASP A 816 31.98 19.40 24.37
CA ASP A 816 32.01 19.28 25.82
C ASP A 816 30.96 18.33 26.36
N LYS A 817 30.31 17.54 25.50
CA LYS A 817 29.38 16.51 25.94
C LYS A 817 30.20 15.25 26.21
N VAL A 818 30.24 14.84 27.47
CA VAL A 818 31.04 13.68 27.86
C VAL A 818 30.39 12.44 27.25
N GLN A 819 31.00 11.93 26.19
CA GLN A 819 30.50 10.76 25.49
C GLN A 819 31.55 10.35 24.46
N PRO A 820 31.70 9.07 24.13
CA PRO A 820 32.72 8.68 23.15
C PRO A 820 32.55 9.42 21.83
N VAL A 821 33.68 9.79 21.24
CA VAL A 821 33.63 10.58 20.01
C VAL A 821 32.84 9.83 18.95
N SER A 822 33.08 8.53 18.81
CA SER A 822 32.44 7.77 17.74
C SER A 822 30.92 7.77 17.89
N GLU A 823 30.41 7.87 19.13
CA GLU A 823 28.97 7.98 19.32
C GLU A 823 28.48 9.38 18.94
N ILE A 824 29.26 10.42 19.27
CA ILE A 824 28.88 11.76 18.84
C ILE A 824 28.82 11.83 17.32
N LEU A 825 29.71 11.10 16.65
CA LEU A 825 29.70 11.10 15.19
C LEU A 825 28.45 10.41 14.65
N GLN A 826 27.96 9.39 15.36
CA GLN A 826 26.67 8.81 15.01
C GLN A 826 25.57 9.86 15.11
N LEU A 827 25.59 10.66 16.18
CA LEU A 827 24.59 11.71 16.32
C LEU A 827 24.69 12.72 15.18
N LYS A 828 25.91 13.03 14.73
CA LYS A 828 26.13 14.09 13.77
C LYS A 828 25.79 13.67 12.35
N THR A 829 25.86 12.38 12.04
CA THR A 829 25.45 11.87 10.73
C THR A 829 23.99 11.42 10.69
N TYR A 830 23.30 11.48 11.82
CA TYR A 830 21.90 11.09 11.88
C TYR A 830 21.05 12.03 11.04
N LEU A 831 20.09 11.47 10.31
CA LEU A 831 19.11 12.24 9.56
C LEU A 831 17.72 11.93 10.08
N PRO A 832 16.98 12.88 10.65
CA PRO A 832 15.58 12.64 10.98
C PRO A 832 14.75 12.46 9.72
N THR A 833 13.87 11.46 9.72
CA THR A 833 13.10 11.10 8.53
C THR A 833 11.61 11.15 8.82
N PHE A 834 10.84 11.56 7.81
CA PHE A 834 9.38 11.63 7.92
C PHE A 834 8.73 11.24 6.59
N SER B 16 22.01 -51.16 -5.75
CA SER B 16 20.73 -50.49 -5.91
C SER B 16 19.61 -51.27 -5.21
N CYS B 17 18.64 -50.55 -4.64
CA CYS B 17 17.56 -51.16 -3.87
C CYS B 17 16.24 -51.22 -4.63
N ARG B 18 16.28 -51.08 -5.95
CA ARG B 18 15.07 -51.12 -6.74
C ARG B 18 14.44 -52.51 -6.68
N LYS B 19 13.22 -52.59 -6.15
CA LYS B 19 12.46 -53.83 -6.07
C LYS B 19 13.09 -54.84 -5.10
N LYS B 20 13.96 -54.36 -4.21
CA LYS B 20 14.57 -55.19 -3.18
C LYS B 20 14.49 -54.50 -1.82
N CYS B 21 13.50 -53.62 -1.64
CA CYS B 21 13.38 -52.87 -0.39
C CYS B 21 13.15 -53.82 0.78
N PHE B 22 14.03 -53.73 1.79
CA PHE B 22 13.97 -54.51 3.02
C PHE B 22 14.30 -55.99 2.79
N ASP B 23 14.71 -56.37 1.57
CA ASP B 23 15.03 -57.76 1.26
C ASP B 23 16.47 -58.04 1.67
N ALA B 24 16.66 -58.81 2.74
CA ALA B 24 18.00 -59.07 3.26
C ALA B 24 18.83 -59.88 2.28
N SER B 25 18.20 -60.83 1.58
CA SER B 25 18.90 -61.65 0.61
C SER B 25 17.91 -62.35 -0.34
N CYS B 32 25.60 -54.21 -2.57
CA CYS B 32 25.29 -53.35 -1.42
C CYS B 32 24.04 -53.87 -0.67
N ARG B 33 23.39 -53.00 0.12
CA ARG B 33 22.43 -53.44 1.12
C ARG B 33 21.17 -52.58 1.09
N CYS B 34 20.08 -53.14 1.66
CA CYS B 34 18.76 -52.50 1.71
C CYS B 34 18.08 -52.96 3.00
N ASP B 35 18.56 -52.46 4.13
CA ASP B 35 18.10 -52.90 5.44
C ASP B 35 17.55 -51.71 6.23
N VAL B 36 16.61 -52.01 7.14
CA VAL B 36 16.04 -50.96 7.98
C VAL B 36 17.12 -50.29 8.81
N ALA B 37 17.92 -51.09 9.51
CA ALA B 37 19.04 -50.59 10.31
C ALA B 37 20.31 -50.41 9.48
N CYS B 38 20.19 -50.34 8.15
CA CYS B 38 21.37 -50.16 7.32
C CYS B 38 22.06 -48.83 7.61
N LYS B 39 21.28 -47.78 7.89
CA LYS B 39 21.85 -46.47 8.14
C LYS B 39 22.85 -46.51 9.29
N ASP B 40 22.43 -47.05 10.45
CA ASP B 40 23.36 -47.23 11.55
C ASP B 40 24.47 -48.21 11.19
N ARG B 41 24.15 -49.23 10.39
CA ARG B 41 25.18 -50.10 9.83
C ARG B 41 26.18 -49.30 9.00
N GLY B 42 25.67 -48.40 8.15
CA GLY B 42 26.50 -47.64 7.24
C GLY B 42 26.78 -48.31 5.91
N ASP B 43 25.94 -49.28 5.51
CA ASP B 43 26.18 -50.08 4.31
C ASP B 43 25.00 -50.03 3.33
N CYS B 44 24.16 -48.99 3.41
CA CYS B 44 23.01 -48.89 2.51
C CYS B 44 23.48 -48.62 1.08
N CYS B 45 22.70 -49.10 0.13
CA CYS B 45 22.90 -48.66 -1.25
C CYS B 45 22.60 -47.17 -1.35
N TRP B 46 23.00 -46.58 -2.47
CA TRP B 46 22.91 -45.12 -2.60
C TRP B 46 21.46 -44.65 -2.75
N ASP B 47 20.59 -45.45 -3.38
CA ASP B 47 19.21 -45.05 -3.62
C ASP B 47 18.24 -45.72 -2.67
N PHE B 48 18.69 -46.09 -1.48
CA PHE B 48 17.79 -46.72 -0.51
C PHE B 48 16.87 -45.72 0.16
N GLU B 49 17.40 -44.55 0.54
CA GLU B 49 16.60 -43.57 1.28
C GLU B 49 15.41 -43.10 0.46
N ASP B 50 15.62 -42.90 -0.85
CA ASP B 50 14.54 -42.43 -1.72
C ASP B 50 13.63 -43.55 -2.15
N THR B 51 14.19 -44.74 -2.43
CA THR B 51 13.38 -45.82 -2.99
C THR B 51 12.52 -46.51 -1.93
N CYS B 52 12.99 -46.61 -0.69
CA CYS B 52 12.32 -47.42 0.32
C CYS B 52 11.79 -46.62 1.50
N VAL B 53 12.48 -45.57 1.92
CA VAL B 53 12.10 -44.81 3.12
C VAL B 53 11.12 -43.72 2.75
N GLU B 54 11.50 -42.84 1.83
CA GLU B 54 10.65 -41.72 1.46
C GLU B 54 9.58 -42.10 0.44
N SER B 55 9.72 -43.23 -0.23
CA SER B 55 8.75 -43.62 -1.25
C SER B 55 7.36 -43.87 -0.68
N THR B 56 7.24 -44.09 0.63
CA THR B 56 5.97 -44.45 1.25
C THR B 56 5.24 -43.27 1.89
N ARG B 57 5.87 -42.10 1.97
CA ARG B 57 5.30 -40.95 2.66
C ARG B 57 5.21 -39.73 1.76
N ILE B 58 4.97 -39.93 0.46
CA ILE B 58 4.79 -38.84 -0.48
C ILE B 58 3.66 -39.21 -1.45
N TRP B 59 3.17 -38.19 -2.16
CA TRP B 59 2.01 -38.34 -3.04
C TRP B 59 2.37 -38.26 -4.51
N MET B 60 3.65 -38.39 -4.85
CA MET B 60 4.11 -38.20 -6.22
C MET B 60 5.00 -39.35 -6.65
N CYS B 61 5.04 -39.59 -7.97
CA CYS B 61 6.00 -40.51 -8.55
C CYS B 61 7.26 -39.76 -8.94
N ASN B 62 8.39 -40.48 -8.92
CA ASN B 62 9.67 -39.91 -9.32
C ASN B 62 10.46 -41.02 -10.03
N LYS B 63 11.72 -40.72 -10.34
CA LYS B 63 12.55 -41.70 -11.04
C LYS B 63 12.80 -42.94 -10.18
N PHE B 64 13.01 -42.75 -8.88
CA PHE B 64 13.25 -43.86 -7.98
C PHE B 64 12.06 -44.81 -7.89
N ARG B 65 10.86 -44.36 -8.28
CA ARG B 65 9.63 -45.10 -7.98
C ARG B 65 8.94 -45.70 -9.19
N CYS B 66 9.18 -45.20 -10.40
CA CYS B 66 8.46 -45.71 -11.56
C CYS B 66 8.83 -47.17 -11.81
N GLY B 67 7.82 -48.03 -11.84
CA GLY B 67 8.02 -49.46 -11.95
C GLY B 67 8.37 -50.14 -10.65
N GLU B 68 8.25 -49.45 -9.52
CA GLU B 68 8.62 -50.02 -8.25
C GLU B 68 7.79 -51.28 -7.96
N THR B 69 8.17 -51.97 -6.90
CA THR B 69 7.36 -53.03 -6.32
C THR B 69 6.59 -52.45 -5.13
N ARG B 70 5.35 -52.90 -4.98
CA ARG B 70 4.46 -52.29 -4.00
C ARG B 70 4.97 -52.49 -2.58
N LEU B 71 4.81 -51.44 -1.77
CA LEU B 71 5.08 -51.50 -0.34
C LEU B 71 3.78 -51.31 0.43
N GLU B 72 3.78 -51.80 1.66
CA GLU B 72 2.56 -51.85 2.45
C GLU B 72 2.06 -50.45 2.80
N ALA B 73 2.97 -49.56 3.19
CA ALA B 73 2.59 -48.27 3.77
C ALA B 73 2.57 -47.14 2.76
N SER B 74 2.66 -47.44 1.46
CA SER B 74 2.68 -46.39 0.46
C SER B 74 1.32 -45.70 0.36
N LEU B 75 1.34 -44.36 0.39
CA LEU B 75 0.10 -43.59 0.29
C LEU B 75 -0.54 -43.76 -1.08
N CYS B 76 0.27 -43.80 -2.13
CA CYS B 76 -0.20 -44.11 -3.47
C CYS B 76 0.91 -44.87 -4.18
N SER B 77 0.57 -45.48 -5.31
CA SER B 77 1.46 -46.41 -5.98
C SER B 77 1.94 -45.87 -7.31
N CYS B 78 3.17 -46.27 -7.68
CA CYS B 78 3.70 -46.04 -9.02
C CYS B 78 4.09 -47.35 -9.69
N SER B 79 3.48 -48.46 -9.28
CA SER B 79 3.78 -49.76 -9.86
C SER B 79 3.14 -49.89 -11.24
N ASP B 80 3.55 -50.94 -11.95
CA ASP B 80 3.11 -51.13 -13.33
C ASP B 80 1.65 -51.55 -13.44
N ASP B 81 1.02 -51.92 -12.33
CA ASP B 81 -0.38 -52.37 -12.33
C ASP B 81 -1.30 -51.40 -11.60
N CYS B 82 -0.82 -50.21 -11.24
CA CYS B 82 -1.65 -49.29 -10.45
C CYS B 82 -2.83 -48.75 -11.25
N LEU B 83 -2.72 -48.67 -12.58
CA LEU B 83 -3.83 -48.18 -13.38
C LEU B 83 -4.99 -49.18 -13.38
N GLN B 84 -4.68 -50.48 -13.46
CA GLN B 84 -5.72 -51.49 -13.35
C GLN B 84 -6.33 -51.50 -11.96
N ARG B 85 -5.52 -51.35 -10.92
CA ARG B 85 -6.00 -51.37 -9.54
C ARG B 85 -6.62 -50.05 -9.11
N LYS B 86 -6.46 -48.97 -9.88
CA LYS B 86 -7.04 -47.67 -9.55
C LYS B 86 -6.46 -47.12 -8.25
N ASP B 87 -5.12 -47.14 -8.14
CA ASP B 87 -4.45 -46.56 -6.99
C ASP B 87 -3.12 -45.91 -7.36
N CYS B 88 -2.98 -45.46 -8.60
CA CYS B 88 -1.79 -44.70 -8.99
C CYS B 88 -1.73 -43.38 -8.23
N CYS B 89 -0.52 -42.83 -8.15
CA CYS B 89 -0.39 -41.44 -7.74
C CYS B 89 -0.90 -40.54 -8.87
N ALA B 90 -1.34 -39.34 -8.49
CA ALA B 90 -1.98 -38.44 -9.45
C ALA B 90 -1.12 -38.23 -10.69
N ASP B 91 0.20 -38.11 -10.53
CA ASP B 91 1.10 -37.78 -11.61
C ASP B 91 1.73 -39.01 -12.26
N TYR B 92 1.07 -40.17 -12.17
CA TYR B 92 1.69 -41.40 -12.67
C TYR B 92 1.90 -41.36 -14.18
N LYS B 93 0.85 -41.06 -14.95
CA LYS B 93 0.95 -41.12 -16.40
C LYS B 93 1.99 -40.13 -16.94
N SER B 94 2.19 -39.00 -16.27
CA SER B 94 3.12 -38.01 -16.78
C SER B 94 4.56 -38.36 -16.38
N VAL B 95 4.76 -38.81 -15.15
CA VAL B 95 6.11 -39.11 -14.68
C VAL B 95 6.60 -40.43 -15.27
N CYS B 96 5.80 -41.47 -15.17
CA CYS B 96 6.26 -42.83 -15.47
C CYS B 96 6.01 -43.24 -16.92
N GLN B 97 4.92 -42.78 -17.53
CA GLN B 97 4.59 -43.16 -18.90
C GLN B 97 4.91 -42.06 -19.91
N GLY B 98 5.45 -40.93 -19.47
CA GLY B 98 5.88 -39.90 -20.40
C GLY B 98 4.77 -39.13 -21.07
N GLU B 99 3.53 -39.26 -20.62
CA GLU B 99 2.43 -38.51 -21.21
C GLU B 99 2.45 -37.07 -20.72
N THR B 100 1.90 -36.18 -21.53
CA THR B 100 1.89 -34.77 -21.16
C THR B 100 1.01 -34.55 -19.94
N SER B 101 1.52 -33.79 -18.97
CA SER B 101 0.75 -33.46 -17.79
C SER B 101 -0.37 -32.49 -18.12
N TRP B 102 -1.34 -32.38 -17.21
CA TRP B 102 -2.39 -31.39 -17.36
C TRP B 102 -1.81 -29.99 -17.41
N LEU B 103 -0.80 -29.71 -16.60
CA LEU B 103 -0.22 -28.37 -16.56
C LEU B 103 0.45 -28.03 -17.89
N GLU B 104 1.12 -29.01 -18.51
CA GLU B 104 1.82 -28.76 -19.76
C GLU B 104 0.87 -28.72 -20.96
N GLU B 105 -0.15 -29.59 -20.96
CA GLU B 105 -1.19 -29.55 -21.97
C GLU B 105 -1.76 -28.14 -22.06
N ASN B 106 -2.32 -27.77 -23.20
CA ASN B 106 -2.90 -26.44 -23.37
C ASN B 106 -4.41 -26.55 -23.51
N CYS B 107 -5.07 -25.38 -23.43
CA CYS B 107 -6.52 -25.32 -23.48
C CYS B 107 -7.05 -25.86 -24.81
N ASP B 108 -8.21 -26.49 -24.76
CA ASP B 108 -8.87 -26.99 -25.96
C ASP B 108 -10.05 -26.11 -26.33
N CYS B 115 -15.98 -36.62 -22.03
CA CYS B 115 -16.51 -37.46 -20.96
C CYS B 115 -16.34 -38.95 -21.28
N PRO B 116 -15.69 -39.71 -20.38
CA PRO B 116 -15.54 -41.15 -20.61
C PRO B 116 -16.84 -41.93 -20.45
N GLU B 117 -16.75 -43.25 -20.64
CA GLU B 117 -17.90 -44.13 -20.44
C GLU B 117 -18.43 -43.99 -19.02
N GLY B 118 -19.74 -43.77 -18.90
CA GLY B 118 -20.41 -43.66 -17.63
C GLY B 118 -20.69 -42.23 -17.19
N PHE B 119 -19.94 -41.26 -17.71
CA PHE B 119 -20.11 -39.86 -17.30
C PHE B 119 -20.96 -39.11 -18.33
N ASP B 120 -22.20 -39.57 -18.48
CA ASP B 120 -23.12 -38.95 -19.41
C ASP B 120 -23.32 -37.48 -19.08
N LEU B 121 -23.38 -37.15 -17.79
CA LEU B 121 -23.63 -35.79 -17.36
C LEU B 121 -22.51 -35.34 -16.42
N PRO B 122 -21.98 -34.13 -16.59
CA PRO B 122 -20.78 -33.73 -15.84
C PRO B 122 -21.07 -33.61 -14.36
N PRO B 123 -20.17 -34.08 -13.50
CA PRO B 123 -20.29 -33.76 -12.08
C PRO B 123 -19.78 -32.36 -11.78
N VAL B 124 -20.16 -31.87 -10.60
CA VAL B 124 -19.79 -30.55 -10.14
C VAL B 124 -18.87 -30.71 -8.93
N ILE B 125 -17.72 -30.08 -8.98
CA ILE B 125 -16.81 -29.98 -7.84
C ILE B 125 -16.82 -28.52 -7.40
N LEU B 126 -17.30 -28.27 -6.19
CA LEU B 126 -17.28 -26.94 -5.59
C LEU B 126 -16.08 -26.88 -4.66
N PHE B 127 -15.09 -26.07 -5.01
CA PHE B 127 -13.78 -26.05 -4.36
C PHE B 127 -13.57 -24.68 -3.71
N SER B 128 -13.40 -24.66 -2.39
CA SER B 128 -13.14 -23.42 -1.69
C SER B 128 -11.76 -23.42 -1.05
N MET B 129 -11.04 -22.31 -1.20
CA MET B 129 -9.76 -22.08 -0.53
C MET B 129 -9.95 -20.88 0.38
N ASP B 130 -10.08 -21.16 1.66
CA ASP B 130 -10.48 -20.14 2.62
C ASP B 130 -9.57 -18.92 2.55
N GLY B 131 -10.18 -17.74 2.53
CA GLY B 131 -9.43 -16.50 2.59
C GLY B 131 -8.57 -16.20 1.38
N PHE B 132 -8.93 -16.76 0.21
CA PHE B 132 -8.19 -16.52 -1.03
C PHE B 132 -8.62 -15.17 -1.59
N ARG B 133 -7.97 -14.14 -1.07
CA ARG B 133 -8.12 -12.76 -1.53
C ARG B 133 -8.03 -12.68 -3.05
N ALA B 134 -8.97 -11.97 -3.67
CA ALA B 134 -9.00 -11.86 -5.13
C ALA B 134 -7.68 -11.32 -5.67
N GLU B 135 -7.07 -10.37 -4.96
CA GLU B 135 -5.83 -9.78 -5.45
C GLU B 135 -4.70 -10.80 -5.52
N TYR B 136 -4.74 -11.84 -4.67
CA TYR B 136 -3.74 -12.89 -4.75
C TYR B 136 -3.62 -13.42 -6.17
N LEU B 137 -4.75 -13.54 -6.87
CA LEU B 137 -4.77 -14.24 -8.14
C LEU B 137 -3.94 -13.51 -9.19
N TYR B 138 -3.84 -12.20 -9.09
CA TYR B 138 -3.09 -11.41 -10.06
C TYR B 138 -1.68 -11.09 -9.61
N THR B 139 -1.51 -10.71 -8.35
CA THR B 139 -0.17 -10.37 -7.87
C THR B 139 0.75 -11.57 -7.88
N TRP B 140 0.26 -12.74 -7.44
CA TRP B 140 1.08 -13.93 -7.30
C TRP B 140 0.77 -14.97 -8.37
N ASP B 141 0.28 -14.51 -9.53
CA ASP B 141 -0.25 -15.43 -10.54
C ASP B 141 0.72 -16.56 -10.86
N THR B 142 1.93 -16.23 -11.31
CA THR B 142 2.88 -17.24 -11.79
C THR B 142 3.55 -18.02 -10.67
N LEU B 143 3.26 -17.71 -9.41
CA LEU B 143 3.63 -18.59 -8.30
C LEU B 143 2.62 -19.70 -8.09
N MET B 144 1.52 -19.70 -8.84
CA MET B 144 0.45 -20.69 -8.73
C MET B 144 0.13 -21.19 -10.13
N PRO B 145 1.06 -21.93 -10.75
CA PRO B 145 0.90 -22.27 -12.17
C PRO B 145 -0.37 -23.06 -12.47
N ASN B 146 -0.85 -23.89 -11.54
CA ASN B 146 -2.02 -24.70 -11.80
C ASN B 146 -3.29 -23.86 -11.76
N ILE B 147 -3.47 -23.06 -10.70
CA ILE B 147 -4.58 -22.12 -10.65
C ILE B 147 -4.48 -21.14 -11.81
N ASN B 148 -3.26 -20.74 -12.18
CA ASN B 148 -3.08 -19.78 -13.25
C ASN B 148 -3.52 -20.35 -14.60
N LYS B 149 -3.29 -21.65 -14.82
CA LYS B 149 -3.77 -22.28 -16.04
C LYS B 149 -5.29 -22.35 -16.07
N LEU B 150 -5.90 -22.71 -14.93
CA LEU B 150 -7.35 -22.70 -14.86
C LEU B 150 -7.89 -21.33 -15.23
N LYS B 151 -7.28 -20.27 -14.71
CA LYS B 151 -7.66 -18.92 -15.10
C LYS B 151 -7.49 -18.70 -16.59
N THR B 152 -6.41 -19.25 -17.16
CA THR B 152 -6.13 -19.08 -18.58
C THR B 152 -7.17 -19.81 -19.44
N CYS B 153 -7.47 -21.06 -19.10
CA CYS B 153 -8.30 -21.91 -19.95
C CYS B 153 -9.79 -21.76 -19.65
N GLY B 154 -10.15 -21.56 -18.40
CA GLY B 154 -11.54 -21.51 -17.99
C GLY B 154 -12.12 -20.12 -18.00
N ILE B 155 -13.19 -19.96 -17.25
CA ILE B 155 -13.84 -18.68 -17.09
C ILE B 155 -13.47 -18.15 -15.71
N HIS B 156 -13.26 -16.85 -15.60
CA HIS B 156 -12.90 -16.29 -14.31
C HIS B 156 -13.45 -14.87 -14.19
N SER B 157 -13.95 -14.57 -13.00
CA SER B 157 -14.44 -13.25 -12.67
C SER B 157 -13.31 -12.39 -12.13
N LYS B 158 -13.38 -11.07 -12.40
CA LYS B 158 -12.42 -10.15 -11.83
C LYS B 158 -12.38 -10.29 -10.32
N TYR B 159 -13.54 -10.51 -9.71
CA TYR B 159 -13.61 -10.90 -8.32
C TYR B 159 -15.05 -11.32 -8.04
N MET B 160 -15.23 -12.06 -6.95
CA MET B 160 -16.54 -12.38 -6.44
C MET B 160 -16.75 -11.61 -5.14
N ARG B 161 -17.92 -11.02 -4.99
CA ARG B 161 -18.24 -10.28 -3.77
C ARG B 161 -18.86 -11.23 -2.76
N ALA B 162 -18.31 -11.24 -1.55
CA ALA B 162 -18.92 -12.01 -0.47
C ALA B 162 -20.05 -11.20 0.15
N MET B 163 -20.69 -11.78 1.17
CA MET B 163 -21.74 -11.13 1.94
C MET B 163 -21.17 -10.64 3.26
N TYR B 164 -21.77 -9.57 3.78
CA TYR B 164 -21.36 -9.02 5.06
C TYR B 164 -22.03 -9.80 6.19
N PRO B 165 -21.29 -10.10 7.27
CA PRO B 165 -19.87 -9.87 7.47
C PRO B 165 -19.03 -10.89 6.72
N THR B 166 -17.87 -10.47 6.23
CA THR B 166 -17.02 -11.32 5.40
C THR B 166 -16.30 -12.34 6.28
N LYS B 167 -17.08 -13.30 6.77
CA LYS B 167 -16.62 -14.36 7.66
C LYS B 167 -16.85 -15.74 7.02
N THR B 168 -16.19 -16.74 7.59
CA THR B 168 -16.10 -18.05 6.95
C THR B 168 -17.44 -18.77 6.91
N PHE B 169 -18.02 -19.05 8.08
CA PHE B 169 -19.25 -19.83 8.09
C PHE B 169 -20.42 -19.12 7.42
N PRO B 170 -20.66 -17.82 7.66
CA PRO B 170 -21.76 -17.15 6.95
C PRO B 170 -21.64 -17.26 5.43
N ASN B 171 -20.44 -17.13 4.88
CA ASN B 171 -20.31 -17.10 3.43
C ASN B 171 -20.22 -18.48 2.79
N HIS B 172 -19.61 -19.45 3.46
CA HIS B 172 -19.66 -20.80 2.93
C HIS B 172 -21.10 -21.30 2.84
N TYR B 173 -21.93 -20.98 3.85
CA TYR B 173 -23.30 -21.47 3.81
C TYR B 173 -24.14 -20.64 2.85
N THR B 174 -23.82 -19.35 2.69
CA THR B 174 -24.42 -18.57 1.61
C THR B 174 -24.13 -19.19 0.25
N ILE B 175 -22.89 -19.62 0.02
CA ILE B 175 -22.51 -20.11 -1.31
C ILE B 175 -23.37 -21.29 -1.71
N VAL B 176 -23.64 -22.21 -0.77
CA VAL B 176 -24.36 -23.44 -1.10
C VAL B 176 -25.87 -23.33 -0.87
N THR B 177 -26.37 -22.17 -0.39
CA THR B 177 -27.81 -21.94 -0.29
C THR B 177 -28.35 -20.85 -1.19
N GLY B 178 -27.50 -19.93 -1.68
CA GLY B 178 -28.02 -18.78 -2.39
C GLY B 178 -28.75 -17.78 -1.51
N LEU B 179 -28.56 -17.85 -0.19
CA LEU B 179 -29.31 -17.06 0.77
C LEU B 179 -28.42 -16.05 1.47
N TYR B 180 -29.00 -14.89 1.77
CA TYR B 180 -28.33 -13.96 2.65
C TYR B 180 -28.21 -14.57 4.04
N PRO B 181 -27.12 -14.30 4.76
CA PRO B 181 -26.99 -14.82 6.13
C PRO B 181 -28.22 -14.57 7.00
N GLU B 182 -28.84 -13.40 6.90
CA GLU B 182 -29.99 -13.12 7.75
C GLU B 182 -31.10 -14.15 7.55
N SER B 183 -31.15 -14.79 6.38
CA SER B 183 -32.18 -15.77 6.10
C SER B 183 -31.76 -17.20 6.36
N HIS B 184 -30.47 -17.54 6.22
CA HIS B 184 -30.07 -18.92 6.46
C HIS B 184 -29.59 -19.16 7.89
N GLY B 185 -29.49 -18.12 8.73
CA GLY B 185 -29.33 -18.27 10.16
C GLY B 185 -27.90 -18.14 10.66
N ILE B 186 -26.91 -18.34 9.81
CA ILE B 186 -25.50 -18.30 10.22
C ILE B 186 -25.01 -16.90 9.93
N ILE B 187 -25.29 -15.98 10.85
CA ILE B 187 -24.99 -14.56 10.64
C ILE B 187 -23.60 -14.16 11.12
N ASP B 188 -22.82 -15.09 11.67
CA ASP B 188 -21.45 -14.85 12.10
C ASP B 188 -20.88 -16.18 12.59
N ASN B 189 -19.56 -16.20 12.80
CA ASN B 189 -18.92 -17.39 13.36
C ASN B 189 -19.31 -17.60 14.82
N ASN B 190 -19.69 -16.53 15.51
CA ASN B 190 -20.12 -16.58 16.89
C ASN B 190 -21.40 -15.77 17.03
N MET B 191 -22.39 -16.32 17.71
CA MET B 191 -23.67 -15.64 17.86
C MET B 191 -24.43 -16.26 19.01
N TYR B 192 -25.48 -15.55 19.43
CA TYR B 192 -26.37 -16.01 20.48
C TYR B 192 -27.80 -15.96 19.95
N ASP B 193 -28.60 -16.97 20.28
CA ASP B 193 -30.00 -17.05 19.91
C ASP B 193 -30.83 -17.08 21.18
N VAL B 194 -31.56 -16.01 21.44
CA VAL B 194 -32.32 -15.90 22.68
C VAL B 194 -33.49 -16.88 22.69
N ASN B 195 -34.07 -17.19 21.52
CA ASN B 195 -35.15 -18.16 21.47
C ASN B 195 -34.67 -19.55 21.83
N LEU B 196 -33.46 -19.91 21.40
CA LEU B 196 -32.85 -21.18 21.78
C LEU B 196 -32.09 -21.08 23.10
N ASN B 197 -31.74 -19.85 23.51
CA ASN B 197 -30.86 -19.64 24.66
C ASN B 197 -29.63 -20.52 24.57
N LYS B 198 -29.01 -20.52 23.38
CA LYS B 198 -27.80 -21.28 23.12
C LYS B 198 -26.77 -20.39 22.43
N ASN B 199 -25.51 -20.76 22.59
CA ASN B 199 -24.40 -20.06 21.96
C ASN B 199 -23.91 -20.88 20.77
N PHE B 200 -23.49 -20.18 19.72
CA PHE B 200 -22.91 -20.80 18.54
C PHE B 200 -21.46 -20.37 18.45
N SER B 201 -20.57 -21.33 18.24
CA SER B 201 -19.16 -21.04 18.01
C SER B 201 -18.53 -22.27 17.38
N LEU B 202 -17.38 -22.06 16.73
CA LEU B 202 -16.72 -23.14 16.01
C LEU B 202 -16.03 -24.14 16.93
N SER B 203 -15.82 -23.80 18.19
CA SER B 203 -15.17 -24.72 19.12
C SER B 203 -16.16 -25.62 19.86
N SER B 204 -17.44 -25.28 19.87
CA SER B 204 -18.43 -26.04 20.60
C SER B 204 -19.18 -27.00 19.67
N LYS B 205 -19.90 -27.93 20.28
CA LYS B 205 -20.74 -28.86 19.55
C LYS B 205 -22.08 -28.26 19.15
N GLU B 206 -22.44 -27.09 19.69
CA GLU B 206 -23.70 -26.45 19.29
C GLU B 206 -23.70 -26.08 17.82
N GLN B 207 -22.53 -25.98 17.19
CA GLN B 207 -22.50 -25.67 15.76
C GLN B 207 -23.14 -26.76 14.92
N ASN B 208 -23.24 -27.99 15.45
CA ASN B 208 -23.85 -29.10 14.74
C ASN B 208 -25.34 -29.23 15.04
N ASN B 209 -25.88 -28.37 15.89
CA ASN B 209 -27.31 -28.36 16.16
C ASN B 209 -28.05 -27.86 14.91
N PRO B 210 -28.89 -28.67 14.27
CA PRO B 210 -29.55 -28.23 13.04
C PRO B 210 -30.44 -27.03 13.21
N ALA B 211 -30.76 -26.65 14.45
CA ALA B 211 -31.66 -25.51 14.67
C ALA B 211 -31.05 -24.20 14.16
N TRP B 212 -29.73 -24.15 13.96
CA TRP B 212 -29.10 -22.93 13.49
C TRP B 212 -29.18 -22.78 11.97
N TRP B 213 -29.27 -23.87 11.23
CA TRP B 213 -29.08 -23.87 9.78
C TRP B 213 -30.44 -23.90 9.08
N HIS B 214 -30.81 -22.78 8.47
CA HIS B 214 -32.04 -22.70 7.70
C HIS B 214 -31.72 -22.91 6.21
N GLY B 215 -32.75 -22.86 5.38
CA GLY B 215 -32.56 -23.01 3.95
C GLY B 215 -32.27 -24.45 3.54
N GLN B 216 -31.89 -24.59 2.27
CA GLN B 216 -31.63 -25.89 1.67
C GLN B 216 -30.26 -25.86 1.01
N PRO B 217 -29.23 -26.48 1.60
CA PRO B 217 -27.90 -26.44 0.98
C PRO B 217 -27.84 -27.31 -0.27
N MET B 218 -26.82 -27.02 -1.09
CA MET B 218 -26.76 -27.57 -2.44
C MET B 218 -26.74 -29.10 -2.43
N TRP B 219 -26.08 -29.71 -1.45
CA TRP B 219 -25.99 -31.16 -1.47
C TRP B 219 -27.35 -31.81 -1.25
N LEU B 220 -28.22 -31.20 -0.44
CA LEU B 220 -29.58 -31.73 -0.27
C LEU B 220 -30.44 -31.44 -1.49
N THR B 221 -30.30 -30.25 -2.09
CA THR B 221 -31.01 -29.97 -3.33
C THR B 221 -30.69 -31.03 -4.37
N ALA B 222 -29.41 -31.40 -4.48
CA ALA B 222 -29.02 -32.46 -5.40
C ALA B 222 -29.61 -33.80 -4.99
N MET B 223 -29.52 -34.13 -3.70
CA MET B 223 -29.98 -35.44 -3.24
C MET B 223 -31.50 -35.55 -3.34
N TYR B 224 -32.22 -34.52 -2.91
CA TYR B 224 -33.68 -34.54 -3.01
C TYR B 224 -34.14 -34.77 -4.45
N GLN B 225 -33.31 -34.45 -5.44
CA GLN B 225 -33.67 -34.62 -6.84
C GLN B 225 -32.90 -35.75 -7.51
N GLY B 226 -32.37 -36.69 -6.74
CA GLY B 226 -31.85 -37.94 -7.27
C GLY B 226 -30.35 -38.01 -7.45
N LEU B 227 -29.60 -36.98 -7.05
CA LEU B 227 -28.17 -36.90 -7.29
C LEU B 227 -27.41 -36.97 -5.98
N LYS B 228 -26.56 -37.99 -5.83
CA LYS B 228 -25.73 -38.15 -4.64
C LYS B 228 -24.70 -37.03 -4.54
N ALA B 229 -24.34 -36.69 -3.31
CA ALA B 229 -23.41 -35.61 -3.02
C ALA B 229 -22.41 -36.06 -1.97
N ALA B 230 -21.14 -35.76 -2.20
CA ALA B 230 -20.05 -36.08 -1.27
C ALA B 230 -19.34 -34.79 -0.92
N THR B 231 -19.32 -34.46 0.36
CA THR B 231 -18.71 -33.23 0.83
C THR B 231 -17.43 -33.54 1.60
N TYR B 232 -16.40 -32.74 1.37
CA TYR B 232 -15.16 -32.83 2.13
C TYR B 232 -14.90 -31.50 2.84
N PHE B 233 -15.50 -31.33 4.02
CA PHE B 233 -15.19 -30.27 4.99
C PHE B 233 -15.90 -28.95 4.72
N TRP B 234 -16.97 -28.91 3.95
CA TRP B 234 -17.68 -27.64 3.77
C TRP B 234 -18.47 -27.29 5.03
N PRO B 235 -18.43 -26.03 5.47
CA PRO B 235 -19.23 -25.64 6.65
C PRO B 235 -20.71 -25.97 6.47
N GLY B 236 -21.26 -26.70 7.44
CA GLY B 236 -22.61 -27.21 7.38
C GLY B 236 -22.72 -28.64 6.90
N SER B 237 -21.69 -29.15 6.21
CA SER B 237 -21.77 -30.49 5.65
C SER B 237 -21.83 -31.58 6.72
N GLU B 238 -21.31 -31.32 7.92
CA GLU B 238 -21.40 -32.29 9.01
C GLU B 238 -22.53 -31.97 9.98
N VAL B 239 -23.57 -31.29 9.48
CA VAL B 239 -24.78 -31.03 10.25
C VAL B 239 -25.94 -31.76 9.57
N ALA B 240 -26.86 -32.27 10.39
CA ALA B 240 -28.06 -32.93 9.86
C ALA B 240 -29.11 -31.87 9.50
N ILE B 241 -28.74 -31.03 8.52
CA ILE B 241 -29.63 -29.96 8.09
C ILE B 241 -30.92 -30.56 7.59
N ASN B 242 -32.05 -30.01 8.06
CA ASN B 242 -33.37 -30.52 7.71
C ASN B 242 -33.49 -32.01 8.00
N GLY B 243 -32.64 -32.54 8.89
CA GLY B 243 -32.68 -33.95 9.25
C GLY B 243 -31.85 -34.86 8.38
N SER B 244 -30.98 -34.33 7.52
CA SER B 244 -30.24 -35.14 6.56
C SER B 244 -28.80 -34.67 6.43
N PHE B 245 -27.90 -35.63 6.42
CA PHE B 245 -26.50 -35.43 6.09
C PHE B 245 -26.30 -35.59 4.59
N PRO B 246 -25.18 -35.12 4.05
CA PRO B 246 -24.82 -35.48 2.67
C PRO B 246 -24.65 -36.99 2.55
N SER B 247 -24.83 -37.48 1.33
CA SER B 247 -24.64 -38.91 1.05
C SER B 247 -23.33 -39.41 1.63
N ILE B 248 -22.25 -38.65 1.41
CA ILE B 248 -20.95 -38.89 2.01
C ILE B 248 -20.46 -37.58 2.58
N TYR B 249 -19.87 -37.63 3.79
CA TYR B 249 -19.28 -36.43 4.36
C TYR B 249 -18.16 -36.84 5.32
N MET B 250 -17.26 -35.90 5.58
CA MET B 250 -16.08 -36.16 6.40
C MET B 250 -16.14 -35.32 7.67
N PRO B 251 -16.14 -35.93 8.86
CA PRO B 251 -16.05 -35.10 10.07
C PRO B 251 -14.83 -34.19 10.02
N TYR B 252 -15.05 -32.91 10.26
CA TYR B 252 -14.00 -31.93 10.02
C TYR B 252 -12.79 -32.21 10.91
N ASN B 253 -11.61 -32.16 10.29
CA ASN B 253 -10.33 -32.27 11.00
C ASN B 253 -9.30 -31.56 10.13
N GLY B 254 -8.88 -30.37 10.57
CA GLY B 254 -7.97 -29.56 9.77
C GLY B 254 -6.57 -30.12 9.65
N SER B 255 -6.19 -31.06 10.53
CA SER B 255 -4.86 -31.68 10.48
C SER B 255 -4.70 -32.65 9.32
N VAL B 256 -5.72 -32.87 8.51
CA VAL B 256 -5.66 -33.81 7.39
C VAL B 256 -4.91 -33.14 6.24
N PRO B 257 -3.78 -33.68 5.79
CA PRO B 257 -3.05 -33.02 4.71
C PRO B 257 -3.94 -32.83 3.48
N PHE B 258 -3.68 -31.75 2.75
CA PHE B 258 -4.49 -31.45 1.58
C PHE B 258 -4.42 -32.57 0.54
N GLU B 259 -3.27 -33.24 0.41
CA GLU B 259 -3.15 -34.29 -0.60
C GLU B 259 -4.10 -35.46 -0.30
N GLU B 260 -4.30 -35.77 0.99
CA GLU B 260 -5.21 -36.84 1.35
C GLU B 260 -6.65 -36.47 1.02
N ARG B 261 -7.02 -35.20 1.17
CA ARG B 261 -8.38 -34.76 0.82
C ARG B 261 -8.62 -34.90 -0.68
N ILE B 262 -7.65 -34.46 -1.49
CA ILE B 262 -7.77 -34.61 -2.93
C ILE B 262 -7.77 -36.08 -3.31
N SER B 263 -6.93 -36.88 -2.66
CA SER B 263 -6.88 -38.31 -2.94
C SER B 263 -8.24 -38.95 -2.72
N THR B 264 -8.90 -38.62 -1.61
CA THR B 264 -10.24 -39.13 -1.34
C THR B 264 -11.21 -38.70 -2.43
N LEU B 265 -11.18 -37.42 -2.79
CA LEU B 265 -12.09 -36.92 -3.83
C LEU B 265 -11.92 -37.73 -5.12
N LEU B 266 -10.68 -38.03 -5.50
CA LEU B 266 -10.45 -38.80 -6.71
C LEU B 266 -11.05 -40.21 -6.61
N LYS B 267 -10.95 -40.83 -5.43
CA LYS B 267 -11.50 -42.18 -5.27
C LYS B 267 -13.02 -42.16 -5.33
N TRP B 268 -13.66 -41.12 -4.78
CA TRP B 268 -15.10 -40.97 -4.94
C TRP B 268 -15.47 -41.01 -6.42
N LEU B 269 -14.72 -40.30 -7.26
CA LEU B 269 -14.97 -40.28 -8.70
C LEU B 269 -14.70 -41.60 -9.37
N ASP B 270 -14.00 -42.53 -8.71
CA ASP B 270 -13.79 -43.87 -9.25
C ASP B 270 -14.90 -44.85 -8.89
N LEU B 271 -15.79 -44.48 -7.96
CA LEU B 271 -16.85 -45.39 -7.55
C LEU B 271 -17.68 -45.83 -8.75
N PRO B 272 -18.38 -46.96 -8.62
CA PRO B 272 -19.30 -47.37 -9.69
C PRO B 272 -20.41 -46.35 -9.87
N LYS B 273 -20.85 -46.22 -11.13
CA LYS B 273 -21.84 -45.20 -11.47
C LYS B 273 -23.03 -45.22 -10.52
N ALA B 274 -23.47 -46.42 -10.11
CA ALA B 274 -24.64 -46.51 -9.25
C ALA B 274 -24.41 -45.83 -7.91
N GLU B 275 -23.16 -45.73 -7.47
CA GLU B 275 -22.85 -45.13 -6.18
C GLU B 275 -22.11 -43.81 -6.27
N ARG B 276 -21.74 -43.37 -7.47
CA ARG B 276 -20.83 -42.23 -7.62
C ARG B 276 -21.58 -40.92 -7.42
N PRO B 277 -21.13 -40.04 -6.52
CA PRO B 277 -21.79 -38.74 -6.39
C PRO B 277 -21.67 -37.93 -7.67
N ARG B 278 -22.61 -37.00 -7.83
CA ARG B 278 -22.58 -36.05 -8.94
C ARG B 278 -22.29 -34.63 -8.49
N PHE B 279 -22.31 -34.36 -7.19
CA PHE B 279 -21.97 -33.05 -6.64
C PHE B 279 -20.94 -33.27 -5.55
N TYR B 280 -19.84 -32.53 -5.63
CA TYR B 280 -18.75 -32.66 -4.68
C TYR B 280 -18.38 -31.30 -4.12
N THR B 281 -17.91 -31.29 -2.88
CA THR B 281 -17.31 -30.10 -2.30
C THR B 281 -15.94 -30.44 -1.75
N MET B 282 -15.04 -29.46 -1.81
CA MET B 282 -13.71 -29.53 -1.23
C MET B 282 -13.43 -28.21 -0.53
N TYR B 283 -12.81 -28.29 0.64
CA TYR B 283 -12.52 -27.10 1.44
C TYR B 283 -11.08 -27.16 1.96
N PHE B 284 -10.36 -26.05 1.79
CA PHE B 284 -9.01 -25.86 2.34
C PHE B 284 -9.02 -24.70 3.33
N GLU B 285 -8.24 -24.83 4.40
CA GLU B 285 -8.11 -23.74 5.37
C GLU B 285 -7.16 -22.64 4.90
N GLU B 286 -6.34 -22.90 3.89
CA GLU B 286 -5.38 -21.91 3.39
C GLU B 286 -5.87 -21.27 2.11
N PRO B 287 -5.41 -20.03 1.82
CA PRO B 287 -4.41 -19.25 2.57
C PRO B 287 -4.95 -18.45 3.75
N ASP B 288 -6.17 -18.73 4.21
CA ASP B 288 -6.73 -17.96 5.31
C ASP B 288 -5.86 -18.07 6.56
N SER B 289 -5.48 -19.30 6.93
CA SER B 289 -4.74 -19.50 8.18
C SER B 289 -3.41 -18.75 8.16
N SER B 290 -2.69 -18.81 7.04
CA SER B 290 -1.45 -18.06 6.93
C SER B 290 -1.70 -16.57 6.78
N GLY B 291 -2.84 -16.20 6.19
CA GLY B 291 -3.20 -14.79 6.13
C GLY B 291 -3.30 -14.16 7.51
N HIS B 292 -3.93 -14.86 8.46
CA HIS B 292 -4.00 -14.39 9.83
C HIS B 292 -2.60 -14.27 10.43
N ALA B 293 -1.79 -15.32 10.29
CA ALA B 293 -0.49 -15.37 10.97
C ALA B 293 0.41 -14.24 10.53
N GLY B 294 0.54 -14.04 9.20
CA GLY B 294 1.54 -13.14 8.67
C GLY B 294 1.00 -11.91 7.98
N GLY B 295 -0.31 -11.88 7.72
CA GLY B 295 -0.90 -10.79 6.98
C GLY B 295 -0.98 -11.11 5.50
N PRO B 296 -1.77 -10.33 4.75
CA PRO B 296 -2.00 -10.69 3.33
C PRO B 296 -0.75 -10.56 2.47
N VAL B 297 0.20 -9.70 2.84
CA VAL B 297 1.46 -9.55 2.13
C VAL B 297 2.58 -10.06 3.02
N SER B 298 2.86 -11.37 2.96
CA SER B 298 3.81 -11.98 3.86
C SER B 298 4.37 -13.24 3.24
N ALA B 299 5.53 -13.67 3.74
CA ALA B 299 6.12 -14.90 3.26
C ALA B 299 5.21 -16.10 3.58
N ARG B 300 4.54 -16.07 4.73
CA ARG B 300 3.68 -17.20 5.10
C ARG B 300 2.53 -17.37 4.13
N VAL B 301 1.99 -16.28 3.59
CA VAL B 301 0.93 -16.39 2.60
C VAL B 301 1.47 -16.92 1.28
N ILE B 302 2.67 -16.47 0.89
CA ILE B 302 3.28 -16.98 -0.34
C ILE B 302 3.41 -18.50 -0.28
N LYS B 303 3.94 -19.02 0.82
CA LYS B 303 4.11 -20.46 0.96
C LYS B 303 2.77 -21.18 0.93
N ALA B 304 1.75 -20.60 1.59
CA ALA B 304 0.43 -21.21 1.58
C ALA B 304 -0.17 -21.20 0.19
N LEU B 305 0.05 -20.12 -0.58
CA LEU B 305 -0.51 -20.06 -1.93
C LEU B 305 0.11 -21.13 -2.82
N GLN B 306 1.38 -21.46 -2.61
CA GLN B 306 1.99 -22.51 -3.39
C GLN B 306 1.50 -23.88 -2.95
N VAL B 307 1.26 -24.07 -1.65
CA VAL B 307 0.73 -25.34 -1.17
C VAL B 307 -0.63 -25.63 -1.81
N VAL B 308 -1.56 -24.67 -1.74
CA VAL B 308 -2.90 -24.93 -2.29
C VAL B 308 -2.85 -25.08 -3.80
N ASP B 309 -1.92 -24.38 -4.47
CA ASP B 309 -1.78 -24.56 -5.90
C ASP B 309 -1.28 -25.96 -6.23
N HIS B 310 -0.31 -26.46 -5.46
CA HIS B 310 0.18 -27.81 -5.69
C HIS B 310 -0.92 -28.84 -5.46
N ALA B 311 -1.70 -28.67 -4.39
CA ALA B 311 -2.79 -29.59 -4.12
C ALA B 311 -3.87 -29.49 -5.18
N PHE B 312 -4.16 -28.28 -5.66
CA PHE B 312 -5.10 -28.15 -6.76
C PHE B 312 -4.55 -28.77 -8.04
N GLY B 313 -3.24 -28.67 -8.26
CA GLY B 313 -2.65 -29.34 -9.40
C GLY B 313 -2.75 -30.84 -9.30
N MET B 314 -2.65 -31.37 -8.07
CA MET B 314 -2.80 -32.81 -7.88
C MET B 314 -4.20 -33.26 -8.32
N LEU B 315 -5.22 -32.48 -7.99
CA LEU B 315 -6.57 -32.82 -8.42
C LEU B 315 -6.67 -32.86 -9.93
N MET B 316 -6.13 -31.84 -10.62
CA MET B 316 -6.28 -31.79 -12.06
C MET B 316 -5.50 -32.90 -12.73
N GLU B 317 -4.27 -33.17 -12.27
CA GLU B 317 -3.51 -34.28 -12.83
C GLU B 317 -4.25 -35.60 -12.63
N GLY B 318 -4.72 -35.85 -11.41
CA GLY B 318 -5.51 -37.05 -11.15
C GLY B 318 -6.79 -37.10 -11.95
N LEU B 319 -7.34 -35.94 -12.30
CA LEU B 319 -8.51 -35.92 -13.18
C LEU B 319 -8.11 -36.29 -14.60
N LYS B 320 -6.99 -35.77 -15.10
CA LYS B 320 -6.56 -36.12 -16.45
C LYS B 320 -6.21 -37.59 -16.54
N GLN B 321 -5.60 -38.14 -15.49
CA GLN B 321 -5.33 -39.57 -15.46
C GLN B 321 -6.58 -40.39 -15.73
N ARG B 322 -7.75 -39.88 -15.32
CA ARG B 322 -9.03 -40.54 -15.53
C ARG B 322 -9.78 -40.02 -16.75
N ASN B 323 -9.17 -39.13 -17.52
CA ASN B 323 -9.81 -38.53 -18.69
C ASN B 323 -11.04 -37.72 -18.28
N LEU B 324 -10.98 -37.08 -17.12
CA LEU B 324 -12.08 -36.29 -16.58
C LEU B 324 -11.79 -34.81 -16.52
N HIS B 325 -10.59 -34.37 -16.94
CA HIS B 325 -10.20 -32.98 -16.79
C HIS B 325 -11.10 -32.03 -17.56
N ASN B 326 -11.61 -32.46 -18.71
CA ASN B 326 -12.52 -31.64 -19.52
C ASN B 326 -13.96 -32.13 -19.44
N CYS B 327 -14.25 -33.06 -18.54
CA CYS B 327 -15.61 -33.53 -18.34
C CYS B 327 -16.24 -33.04 -17.05
N VAL B 328 -15.44 -32.58 -16.11
CA VAL B 328 -15.94 -32.08 -14.84
C VAL B 328 -16.19 -30.58 -14.95
N ASN B 329 -17.29 -30.13 -14.35
CA ASN B 329 -17.54 -28.70 -14.14
C ASN B 329 -17.03 -28.36 -12.75
N ILE B 330 -15.91 -27.68 -12.69
CA ILE B 330 -15.25 -27.37 -11.42
C ILE B 330 -15.32 -25.87 -11.18
N ILE B 331 -15.60 -25.50 -9.94
CA ILE B 331 -15.67 -24.11 -9.51
C ILE B 331 -14.66 -23.94 -8.39
N LEU B 332 -13.78 -22.96 -8.53
CA LEU B 332 -12.79 -22.62 -7.52
C LEU B 332 -13.07 -21.20 -7.04
N LEU B 333 -13.34 -21.04 -5.75
CA LEU B 333 -13.70 -19.74 -5.21
C LEU B 333 -13.22 -19.69 -3.77
N ALA B 334 -13.54 -18.58 -3.09
CA ALA B 334 -13.21 -18.40 -1.69
C ALA B 334 -14.40 -17.76 -0.99
N ASP B 335 -14.35 -17.77 0.35
CA ASP B 335 -15.42 -17.21 1.15
C ASP B 335 -15.28 -15.71 1.36
N HIS B 336 -14.06 -15.17 1.25
CA HIS B 336 -13.78 -13.78 1.58
C HIS B 336 -12.29 -13.54 1.35
N GLY B 337 -11.90 -12.27 1.42
CA GLY B 337 -10.52 -11.87 1.29
C GLY B 337 -9.80 -11.79 2.62
N MET B 338 -8.85 -10.86 2.69
CA MET B 338 -7.96 -10.76 3.83
C MET B 338 -7.30 -9.38 3.81
N ASP B 339 -7.19 -8.75 4.98
CA ASP B 339 -6.58 -7.43 5.10
C ASP B 339 -5.62 -7.45 6.29
N GLN B 340 -4.89 -6.34 6.44
CA GLN B 340 -3.87 -6.19 7.47
C GLN B 340 -4.44 -5.38 8.63
N THR B 341 -4.18 -5.84 9.85
CA THR B 341 -4.53 -5.11 11.04
C THR B 341 -3.28 -4.55 11.70
N TYR B 342 -3.47 -3.55 12.54
CA TYR B 342 -2.36 -2.88 13.22
C TYR B 342 -2.76 -2.61 14.67
N CYS B 343 -1.81 -2.83 15.58
CA CYS B 343 -2.09 -2.62 16.98
C CYS B 343 -2.22 -1.15 17.35
N ASN B 344 -1.81 -0.25 16.47
CA ASN B 344 -2.09 1.17 16.63
C ASN B 344 -3.34 1.62 15.88
N LYS B 345 -4.07 0.68 15.27
CA LYS B 345 -5.35 0.97 14.61
C LYS B 345 -6.45 0.19 15.34
N MET B 346 -6.70 0.59 16.58
CA MET B 346 -7.68 -0.08 17.42
C MET B 346 -8.50 0.96 18.16
N GLU B 347 -9.82 0.86 18.02
CA GLU B 347 -10.76 1.62 18.84
C GLU B 347 -11.13 0.79 20.06
N TYR B 348 -11.26 1.46 21.20
CA TYR B 348 -11.58 0.81 22.47
C TYR B 348 -12.88 1.38 23.01
N MET B 349 -13.83 0.49 23.31
CA MET B 349 -15.10 0.95 23.88
C MET B 349 -14.91 1.68 25.19
N THR B 350 -13.82 1.41 25.92
CA THR B 350 -13.55 2.13 27.16
C THR B 350 -13.38 3.63 26.90
N ASP B 351 -12.98 4.03 25.70
CA ASP B 351 -12.84 5.44 25.36
C ASP B 351 -14.18 6.15 25.19
N TYR B 352 -15.29 5.39 25.18
CA TYR B 352 -16.61 5.97 24.97
C TYR B 352 -17.59 5.68 26.09
N PHE B 353 -17.34 4.67 26.91
CA PHE B 353 -18.21 4.34 28.03
C PHE B 353 -17.38 4.34 29.32
N PRO B 354 -17.82 5.03 30.37
CA PRO B 354 -17.12 4.91 31.66
C PRO B 354 -17.30 3.55 32.30
N ARG B 355 -18.27 2.75 31.86
CA ARG B 355 -18.56 1.45 32.45
C ARG B 355 -19.00 0.52 31.34
N ILE B 356 -18.26 -0.57 31.14
CA ILE B 356 -18.56 -1.54 30.08
C ILE B 356 -18.96 -2.90 30.64
N ASN B 357 -18.98 -3.05 31.96
CA ASN B 357 -19.35 -4.33 32.57
C ASN B 357 -20.68 -4.85 32.06
N PHE B 358 -21.62 -3.95 31.76
CA PHE B 358 -23.02 -4.34 31.59
C PHE B 358 -23.36 -4.87 30.21
N PHE B 359 -22.44 -4.80 29.24
CA PHE B 359 -22.72 -5.31 27.90
C PHE B 359 -21.63 -6.27 27.46
N TYR B 360 -22.01 -7.16 26.54
CA TYR B 360 -21.10 -8.09 25.90
C TYR B 360 -20.85 -7.62 24.47
N MET B 361 -19.63 -7.81 24.00
CA MET B 361 -19.22 -7.32 22.68
C MET B 361 -18.60 -8.46 21.89
N TYR B 362 -19.12 -8.69 20.69
CA TYR B 362 -18.41 -9.46 19.68
C TYR B 362 -17.39 -8.53 19.03
N GLU B 363 -16.12 -8.71 19.34
CA GLU B 363 -15.06 -7.79 18.94
C GLU B 363 -14.54 -8.09 17.54
N GLY B 364 -13.80 -7.14 16.97
CA GLY B 364 -13.10 -7.35 15.72
C GLY B 364 -13.54 -6.43 14.59
N PRO B 365 -13.48 -6.94 13.35
CA PRO B 365 -13.84 -6.10 12.19
C PRO B 365 -15.33 -5.82 12.03
N ALA B 366 -16.21 -6.66 12.56
CA ALA B 366 -17.66 -6.52 12.39
C ALA B 366 -18.34 -6.68 13.75
N PRO B 367 -18.21 -5.70 14.63
CA PRO B 367 -18.64 -5.89 16.01
C PRO B 367 -20.14 -5.73 16.23
N ARG B 368 -20.64 -6.48 17.21
CA ARG B 368 -21.99 -6.36 17.75
C ARG B 368 -21.90 -6.24 19.27
N ILE B 369 -22.93 -5.64 19.86
CA ILE B 369 -22.96 -5.40 21.30
C ILE B 369 -24.34 -5.79 21.82
N ARG B 370 -24.36 -6.56 22.91
CA ARG B 370 -25.61 -7.04 23.49
C ARG B 370 -25.51 -7.03 25.00
N ALA B 371 -26.62 -7.32 25.65
CA ALA B 371 -26.66 -7.41 27.11
C ALA B 371 -25.71 -8.48 27.62
N HIS B 372 -25.08 -8.19 28.77
CA HIS B 372 -24.22 -9.18 29.41
C HIS B 372 -25.05 -10.27 30.08
N ASN B 373 -26.15 -9.89 30.71
CA ASN B 373 -27.00 -10.83 31.44
C ASN B 373 -28.04 -11.38 30.47
N ILE B 374 -27.71 -12.50 29.83
CA ILE B 374 -28.62 -13.14 28.88
C ILE B 374 -29.11 -14.46 29.47
N PRO B 375 -30.37 -14.83 29.20
CA PRO B 375 -31.36 -14.17 28.34
C PRO B 375 -32.18 -13.06 29.00
N HIS B 376 -32.02 -12.87 30.31
CA HIS B 376 -32.94 -12.02 31.05
C HIS B 376 -33.02 -10.61 30.48
N ASP B 377 -31.87 -10.03 30.10
CA ASP B 377 -31.81 -8.63 29.69
C ASP B 377 -31.63 -8.46 28.19
N PHE B 378 -31.83 -9.50 27.39
CA PHE B 378 -31.57 -9.40 25.95
C PHE B 378 -32.47 -8.35 25.30
N PHE B 379 -33.75 -8.33 25.65
CA PHE B 379 -34.69 -7.41 25.02
C PHE B 379 -34.79 -6.09 25.76
N SER B 380 -34.70 -6.09 27.09
CA SER B 380 -34.71 -4.84 27.83
C SER B 380 -33.46 -4.02 27.56
N PHE B 381 -32.39 -4.65 27.07
CA PHE B 381 -31.16 -3.94 26.71
C PHE B 381 -31.48 -2.72 25.85
N ASN B 382 -30.88 -1.58 26.21
CA ASN B 382 -31.11 -0.34 25.49
C ASN B 382 -30.07 -0.23 24.37
N SER B 383 -30.40 -0.80 23.21
CA SER B 383 -29.52 -0.72 22.06
C SER B 383 -29.45 0.70 21.50
N GLU B 384 -30.54 1.47 21.63
CA GLU B 384 -30.53 2.84 21.12
C GLU B 384 -29.50 3.68 21.86
N GLU B 385 -29.41 3.51 23.18
CA GLU B 385 -28.46 4.30 23.96
C GLU B 385 -27.02 4.01 23.55
N ILE B 386 -26.70 2.73 23.31
CA ILE B 386 -25.36 2.36 22.88
C ILE B 386 -25.01 3.04 21.57
N VAL B 387 -25.89 2.92 20.58
CA VAL B 387 -25.65 3.55 19.29
C VAL B 387 -25.55 5.07 19.46
N ARG B 388 -26.42 5.64 20.29
CA ARG B 388 -26.41 7.09 20.48
C ARG B 388 -25.10 7.54 21.11
N ASN B 389 -24.68 6.89 22.20
CA ASN B 389 -23.48 7.29 22.93
C ASN B 389 -22.19 6.99 22.16
N LEU B 390 -22.25 6.27 21.05
CA LEU B 390 -21.10 5.99 20.22
C LEU B 390 -21.01 6.88 18.98
N SER B 391 -22.03 7.69 18.71
CA SER B 391 -22.12 8.42 17.45
C SER B 391 -21.46 9.78 17.58
N CYS B 392 -20.59 10.10 16.62
CA CYS B 392 -19.96 11.42 16.53
C CYS B 392 -19.31 11.82 17.85
N ARG B 393 -18.64 10.87 18.50
CA ARG B 393 -17.93 11.16 19.74
C ARG B 393 -16.58 11.80 19.48
N LYS B 394 -15.86 11.34 18.47
CA LYS B 394 -14.61 11.94 18.01
C LYS B 394 -14.73 12.28 16.53
N PRO B 395 -14.13 13.39 16.08
CA PRO B 395 -14.24 13.73 14.66
C PRO B 395 -13.60 12.73 13.73
N ASP B 396 -12.62 11.95 14.21
CA ASP B 396 -11.89 10.99 13.39
C ASP B 396 -12.09 9.57 13.86
N GLN B 397 -13.17 9.28 14.57
CA GLN B 397 -13.39 7.92 15.05
C GLN B 397 -13.50 6.98 13.85
N HIS B 398 -12.95 5.78 14.01
CA HIS B 398 -12.72 4.88 12.89
C HIS B 398 -13.77 3.76 12.83
N PHE B 399 -14.97 4.03 13.34
CA PHE B 399 -16.12 3.18 13.16
C PHE B 399 -17.35 4.08 13.20
N LYS B 400 -18.49 3.54 12.75
CA LYS B 400 -19.76 4.24 12.84
C LYS B 400 -20.78 3.29 13.43
N PRO B 401 -21.42 3.64 14.55
CA PRO B 401 -22.44 2.76 15.11
C PRO B 401 -23.75 2.84 14.34
N TYR B 402 -24.43 1.72 14.27
CA TYR B 402 -25.73 1.63 13.61
C TYR B 402 -26.65 0.75 14.41
N LEU B 403 -27.92 1.15 14.49
CA LEU B 403 -28.98 0.16 14.70
C LEU B 403 -29.13 -0.60 13.39
N THR B 404 -29.24 -1.93 13.48
CA THR B 404 -29.20 -2.74 12.27
C THR B 404 -30.21 -2.32 11.19
N PRO B 405 -31.43 -1.87 11.51
CA PRO B 405 -32.33 -1.38 10.44
C PRO B 405 -31.78 -0.17 9.71
N ASP B 406 -30.85 0.57 10.32
CA ASP B 406 -30.26 1.75 9.69
C ASP B 406 -29.03 1.44 8.85
N LEU B 407 -28.54 0.21 8.88
CA LEU B 407 -27.41 -0.15 8.03
C LEU B 407 -27.81 0.01 6.57
N PRO B 408 -26.84 0.30 5.70
CA PRO B 408 -27.14 0.31 4.25
C PRO B 408 -27.89 -0.95 3.86
N LYS B 409 -28.95 -0.76 3.07
CA LYS B 409 -29.85 -1.86 2.76
C LYS B 409 -29.20 -2.92 1.86
N ARG B 410 -28.15 -2.57 1.12
CA ARG B 410 -27.52 -3.55 0.25
C ARG B 410 -26.85 -4.68 1.05
N LEU B 411 -26.60 -4.48 2.34
CA LEU B 411 -25.96 -5.50 3.17
C LEU B 411 -26.92 -6.61 3.56
N HIS B 412 -28.22 -6.33 3.60
CA HIS B 412 -29.24 -7.32 3.95
C HIS B 412 -28.88 -8.01 5.27
N TYR B 413 -28.50 -7.20 6.26
CA TYR B 413 -28.00 -7.70 7.55
C TYR B 413 -28.81 -7.09 8.70
N ALA B 414 -30.02 -7.60 8.93
CA ALA B 414 -30.85 -7.10 10.02
C ALA B 414 -31.94 -8.07 10.46
N LYS B 415 -32.54 -8.79 9.52
CA LYS B 415 -33.75 -9.57 9.80
C LYS B 415 -33.38 -10.93 10.38
N ASN B 416 -32.94 -10.91 11.64
CA ASN B 416 -32.69 -12.13 12.38
C ASN B 416 -32.43 -11.77 13.84
N VAL B 417 -33.12 -12.45 14.76
CA VAL B 417 -32.94 -12.14 16.17
C VAL B 417 -31.51 -12.36 16.61
N ARG B 418 -30.76 -13.18 15.88
CA ARG B 418 -29.36 -13.44 16.20
C ARG B 418 -28.47 -12.25 15.87
N ILE B 419 -28.92 -11.35 14.99
CA ILE B 419 -28.17 -10.14 14.65
C ILE B 419 -28.57 -9.10 15.69
N ASP B 420 -27.69 -8.85 16.65
CA ASP B 420 -27.98 -7.88 17.69
C ASP B 420 -28.20 -6.50 17.07
N LYS B 421 -29.03 -5.71 17.74
CA LYS B 421 -29.46 -4.44 17.17
C LYS B 421 -28.29 -3.45 17.07
N VAL B 422 -27.36 -3.49 18.02
CA VAL B 422 -26.19 -2.61 18.00
C VAL B 422 -25.14 -3.21 17.08
N HIS B 423 -24.77 -2.45 16.05
CA HIS B 423 -23.72 -2.85 15.13
C HIS B 423 -22.70 -1.74 15.01
N LEU B 424 -21.44 -2.13 14.82
CA LEU B 424 -20.36 -1.18 14.52
C LEU B 424 -19.85 -1.48 13.12
N PHE B 425 -19.86 -0.46 12.26
CA PHE B 425 -19.36 -0.56 10.90
C PHE B 425 -17.97 0.06 10.90
N VAL B 426 -16.95 -0.79 10.77
CA VAL B 426 -15.57 -0.43 11.06
C VAL B 426 -14.83 -0.06 9.78
N ASP B 427 -13.97 0.96 9.87
CA ASP B 427 -13.18 1.44 8.75
C ASP B 427 -12.10 0.43 8.35
N GLN B 428 -11.66 0.52 7.10
CA GLN B 428 -10.61 -0.33 6.57
C GLN B 428 -9.45 -0.44 7.56
N GLN B 429 -9.01 -1.68 7.80
CA GLN B 429 -7.78 -1.99 8.51
C GLN B 429 -7.82 -1.66 10.01
N TRP B 430 -8.96 -1.25 10.54
CA TRP B 430 -9.10 -0.93 11.95
C TRP B 430 -9.83 -2.05 12.69
N LEU B 431 -9.86 -1.93 14.01
CA LEU B 431 -10.52 -2.91 14.85
C LEU B 431 -11.19 -2.19 16.01
N ALA B 432 -12.36 -2.68 16.41
CA ALA B 432 -13.06 -2.19 17.58
C ALA B 432 -13.12 -3.32 18.61
N VAL B 433 -12.63 -3.03 19.82
CA VAL B 433 -12.54 -4.04 20.86
C VAL B 433 -13.02 -3.43 22.18
N ARG B 434 -13.10 -4.30 23.19
CA ARG B 434 -13.71 -3.91 24.44
C ARG B 434 -12.80 -2.97 25.23
N SER B 435 -11.54 -3.35 25.39
CA SER B 435 -10.60 -2.59 26.20
C SER B 435 -9.20 -2.74 25.64
N LYS B 436 -8.24 -2.05 26.26
CA LYS B 436 -6.85 -2.13 25.84
C LYS B 436 -6.19 -3.44 26.27
N SER B 437 -6.92 -4.31 26.95
CA SER B 437 -6.45 -5.66 27.23
C SER B 437 -6.46 -6.55 25.99
N ASN B 438 -7.18 -6.15 24.95
CA ASN B 438 -7.24 -6.94 23.73
C ASN B 438 -5.97 -6.75 22.93
N THR B 439 -5.22 -7.83 22.71
CA THR B 439 -3.98 -7.80 21.97
C THR B 439 -4.05 -8.65 20.69
N ASN B 440 -5.27 -8.95 20.23
CA ASN B 440 -5.44 -9.72 18.99
C ASN B 440 -5.36 -8.78 17.79
N CYS B 441 -4.14 -8.29 17.56
CA CYS B 441 -3.87 -7.37 16.47
C CYS B 441 -2.49 -7.64 15.90
N GLY B 442 -2.23 -7.09 14.71
CA GLY B 442 -0.93 -7.15 14.08
C GLY B 442 -0.85 -8.10 12.91
N GLY B 443 -1.72 -9.10 12.87
CA GLY B 443 -1.79 -10.04 11.79
C GLY B 443 -2.89 -9.70 10.83
N GLY B 444 -3.22 -10.66 9.97
CA GLY B 444 -4.31 -10.48 9.05
C GLY B 444 -5.66 -10.74 9.67
N ASN B 445 -6.70 -10.20 9.05
CA ASN B 445 -8.06 -10.47 9.51
C ASN B 445 -9.06 -10.06 8.45
N HIS B 446 -10.32 -10.42 8.69
CA HIS B 446 -11.38 -10.19 7.71
C HIS B 446 -12.70 -10.11 8.48
N GLY B 447 -13.77 -9.83 7.74
CA GLY B 447 -15.07 -9.56 8.32
C GLY B 447 -15.64 -8.21 7.95
N TYR B 448 -14.82 -7.33 7.39
CA TYR B 448 -15.18 -5.96 7.11
C TYR B 448 -16.19 -5.90 5.96
N ASN B 449 -16.67 -4.66 5.72
CA ASN B 449 -17.45 -4.30 4.54
C ASN B 449 -17.06 -5.13 3.33
N ASN B 450 -18.04 -5.79 2.70
CA ASN B 450 -17.77 -6.63 1.54
C ASN B 450 -17.40 -5.83 0.30
N GLU B 451 -17.52 -4.50 0.35
CA GLU B 451 -17.07 -3.66 -0.75
C GLU B 451 -15.57 -3.37 -0.71
N PHE B 452 -14.93 -3.49 0.45
CA PHE B 452 -13.49 -3.29 0.52
C PHE B 452 -12.80 -4.26 -0.41
N ARG B 453 -11.89 -3.75 -1.24
CA ARG B 453 -11.18 -4.61 -2.19
C ARG B 453 -10.51 -5.77 -1.48
N SER B 454 -9.92 -5.52 -0.30
CA SER B 454 -9.24 -6.57 0.44
C SER B 454 -10.15 -7.75 0.75
N MET B 455 -11.46 -7.50 0.88
CA MET B 455 -12.41 -8.55 1.25
C MET B 455 -12.97 -9.31 0.05
N GLU B 456 -12.66 -8.88 -1.17
CA GLU B 456 -13.14 -9.57 -2.35
C GLU B 456 -12.53 -10.97 -2.45
N ALA B 457 -13.31 -11.90 -2.99
CA ALA B 457 -12.90 -13.29 -3.17
C ALA B 457 -12.67 -13.60 -4.64
N ILE B 458 -12.03 -14.77 -4.89
CA ILE B 458 -11.81 -15.27 -6.25
C ILE B 458 -13.03 -16.05 -6.72
N PHE B 459 -13.15 -16.19 -8.03
CA PHE B 459 -14.09 -17.13 -8.65
C PHE B 459 -13.53 -17.51 -10.01
N LEU B 460 -13.16 -18.79 -10.16
CA LEU B 460 -12.75 -19.38 -11.42
C LEU B 460 -13.59 -20.62 -11.66
N ALA B 461 -13.78 -20.98 -12.93
CA ALA B 461 -14.57 -22.16 -13.25
C ALA B 461 -14.12 -22.72 -14.60
N HIS B 462 -14.14 -24.05 -14.71
CA HIS B 462 -13.80 -24.74 -15.95
C HIS B 462 -14.65 -25.98 -16.08
N GLY B 463 -15.05 -26.29 -17.31
CA GLY B 463 -15.80 -27.50 -17.58
C GLY B 463 -16.61 -27.42 -18.85
N PRO B 464 -17.20 -28.54 -19.24
CA PRO B 464 -17.90 -28.59 -20.54
C PRO B 464 -19.06 -27.64 -20.63
N SER B 465 -19.68 -27.28 -19.50
CA SER B 465 -20.82 -26.38 -19.52
C SER B 465 -20.42 -24.91 -19.46
N PHE B 466 -19.18 -24.61 -19.11
CA PHE B 466 -18.70 -23.23 -19.01
C PHE B 466 -18.09 -22.76 -20.32
N LYS B 467 -18.16 -21.46 -20.55
CA LYS B 467 -17.43 -20.86 -21.65
C LYS B 467 -15.93 -20.94 -21.38
N GLU B 468 -15.16 -20.87 -22.45
CA GLU B 468 -13.71 -21.04 -22.39
C GLU B 468 -13.02 -19.69 -22.55
N LYS B 469 -11.87 -19.56 -21.88
CA LYS B 469 -10.98 -18.39 -22.01
C LYS B 469 -11.77 -17.09 -22.00
N THR B 470 -12.50 -16.90 -20.91
CA THR B 470 -13.44 -15.79 -20.79
C THR B 470 -13.30 -15.12 -19.43
N GLU B 471 -13.38 -13.79 -19.43
CA GLU B 471 -13.37 -13.01 -18.20
C GLU B 471 -14.72 -12.29 -18.11
N VAL B 472 -15.37 -12.40 -16.97
CA VAL B 472 -16.67 -11.78 -16.73
C VAL B 472 -16.53 -10.74 -15.62
N GLU B 473 -17.52 -9.86 -15.56
CA GLU B 473 -17.54 -8.83 -14.54
C GLU B 473 -17.82 -9.44 -13.17
N PRO B 474 -17.53 -8.69 -12.10
CA PRO B 474 -17.78 -9.24 -10.76
C PRO B 474 -19.25 -9.55 -10.55
N PHE B 475 -19.50 -10.52 -9.69
CA PHE B 475 -20.85 -10.87 -9.25
C PHE B 475 -20.76 -11.38 -7.81
N GLU B 476 -21.93 -11.51 -7.18
CA GLU B 476 -22.03 -11.83 -5.76
C GLU B 476 -22.20 -13.33 -5.54
N ASN B 477 -21.70 -13.80 -4.38
CA ASN B 477 -21.68 -15.22 -4.09
C ASN B 477 -23.07 -15.81 -3.91
N ILE B 478 -24.10 -14.98 -3.68
CA ILE B 478 -25.46 -15.50 -3.62
C ILE B 478 -25.98 -15.98 -4.96
N GLU B 479 -25.22 -15.77 -6.02
CA GLU B 479 -25.63 -16.18 -7.36
C GLU B 479 -25.16 -17.59 -7.72
N VAL B 480 -24.21 -18.14 -6.97
CA VAL B 480 -23.57 -19.39 -7.35
C VAL B 480 -24.55 -20.56 -7.20
N TYR B 481 -25.45 -20.50 -6.22
CA TYR B 481 -26.39 -21.59 -6.00
C TYR B 481 -27.23 -21.86 -7.24
N ASN B 482 -27.83 -20.82 -7.82
CA ASN B 482 -28.62 -21.01 -9.03
C ASN B 482 -27.75 -21.60 -10.14
N LEU B 483 -26.51 -21.13 -10.28
CA LEU B 483 -25.61 -21.62 -11.31
C LEU B 483 -25.33 -23.11 -11.12
N MET B 484 -25.04 -23.52 -9.89
CA MET B 484 -24.76 -24.93 -9.66
C MET B 484 -25.99 -25.79 -9.97
N CYS B 485 -27.18 -25.31 -9.61
CA CYS B 485 -28.39 -26.05 -9.97
C CYS B 485 -28.55 -26.14 -11.48
N ASP B 486 -28.19 -25.08 -12.20
CA ASP B 486 -28.23 -25.12 -13.66
C ASP B 486 -27.24 -26.15 -14.20
N LEU B 487 -26.04 -26.21 -13.60
CA LEU B 487 -25.02 -27.14 -14.06
C LEU B 487 -25.49 -28.58 -13.96
N LEU B 488 -26.17 -28.93 -12.86
CA LEU B 488 -26.70 -30.26 -12.65
C LEU B 488 -28.11 -30.43 -13.24
N ARG B 489 -28.69 -29.36 -13.80
CA ARG B 489 -29.98 -29.44 -14.48
C ARG B 489 -31.10 -29.78 -13.49
N ILE B 490 -31.03 -29.19 -12.30
CA ILE B 490 -32.03 -29.40 -11.27
C ILE B 490 -32.61 -28.03 -10.88
N GLN B 491 -33.70 -28.07 -10.13
CA GLN B 491 -34.40 -26.86 -9.74
C GLN B 491 -33.85 -26.33 -8.42
N PRO B 492 -33.63 -25.02 -8.30
CA PRO B 492 -33.18 -24.46 -7.04
C PRO B 492 -34.32 -24.19 -6.08
N ALA B 493 -34.03 -24.35 -4.79
CA ALA B 493 -34.94 -23.87 -3.76
C ALA B 493 -34.98 -22.35 -3.78
N PRO B 494 -36.06 -21.74 -3.31
CA PRO B 494 -36.13 -20.27 -3.31
C PRO B 494 -34.94 -19.66 -2.60
N ASN B 495 -34.29 -18.70 -3.27
CA ASN B 495 -33.07 -18.09 -2.77
C ASN B 495 -33.00 -16.65 -3.25
N ASN B 496 -31.90 -15.98 -2.93
CA ASN B 496 -31.75 -14.55 -3.17
C ASN B 496 -30.94 -14.24 -4.41
N GLY B 497 -30.39 -15.24 -5.07
CA GLY B 497 -29.84 -15.04 -6.39
C GLY B 497 -30.92 -14.62 -7.37
N THR B 498 -30.48 -14.13 -8.52
CA THR B 498 -31.36 -13.74 -9.60
C THR B 498 -31.12 -14.72 -10.75
N HIS B 499 -32.02 -15.69 -10.88
CA HIS B 499 -31.83 -16.80 -11.80
C HIS B 499 -31.73 -16.32 -13.24
N GLY B 500 -30.58 -16.55 -13.86
CA GLY B 500 -30.29 -16.09 -15.21
C GLY B 500 -29.27 -14.98 -15.29
N SER B 501 -28.94 -14.34 -14.16
CA SER B 501 -27.95 -13.27 -14.20
C SER B 501 -26.54 -13.79 -14.48
N LEU B 502 -26.32 -15.10 -14.37
CA LEU B 502 -25.02 -15.71 -14.65
C LEU B 502 -25.05 -16.62 -15.87
N ASN B 503 -26.09 -16.51 -16.71
CA ASN B 503 -26.14 -17.32 -17.92
C ASN B 503 -24.97 -17.02 -18.84
N HIS B 504 -24.41 -15.81 -18.79
CA HIS B 504 -23.30 -15.44 -19.65
C HIS B 504 -22.02 -16.20 -19.31
N LEU B 505 -22.02 -17.02 -18.28
CA LEU B 505 -20.91 -17.92 -18.01
C LEU B 505 -21.07 -19.27 -18.70
N LEU B 506 -22.25 -19.59 -19.20
CA LEU B 506 -22.60 -20.93 -19.67
C LEU B 506 -22.67 -20.98 -21.18
N LYS B 507 -22.11 -22.05 -21.75
CA LYS B 507 -22.21 -22.26 -23.20
C LYS B 507 -23.67 -22.27 -23.63
N VAL B 508 -24.51 -23.05 -22.95
CA VAL B 508 -25.93 -23.15 -23.26
C VAL B 508 -26.71 -23.03 -21.96
N PRO B 509 -27.32 -21.88 -21.66
CA PRO B 509 -28.07 -21.77 -20.41
C PRO B 509 -29.12 -22.85 -20.27
N PHE B 510 -29.27 -23.36 -19.05
CA PHE B 510 -30.32 -24.31 -18.73
C PHE B 510 -31.64 -23.61 -18.39
N TYR B 511 -31.57 -22.40 -17.85
CA TYR B 511 -32.77 -21.64 -17.49
C TYR B 511 -32.76 -20.35 -18.30
N GLU B 512 -33.84 -20.12 -19.06
CA GLU B 512 -33.99 -18.90 -19.84
C GLU B 512 -34.93 -17.96 -19.12
N PRO B 513 -34.45 -16.86 -18.56
CA PRO B 513 -35.35 -15.95 -17.83
C PRO B 513 -36.25 -15.17 -18.77
N SER B 514 -37.34 -14.66 -18.19
CA SER B 514 -38.29 -13.81 -18.91
C SER B 514 -38.73 -12.69 -17.99
N HIS B 515 -39.38 -11.68 -18.58
CA HIS B 515 -39.89 -10.55 -17.81
C HIS B 515 -40.97 -11.03 -16.83
N ALA B 516 -40.95 -10.46 -15.63
CA ALA B 516 -42.01 -10.70 -14.66
C ALA B 516 -43.23 -9.89 -15.07
N GLU B 517 -44.34 -10.58 -15.32
CA GLU B 517 -45.54 -9.91 -15.81
C GLU B 517 -46.17 -9.05 -14.71
N GLU B 518 -46.69 -7.90 -15.11
CA GLU B 518 -47.29 -6.97 -14.16
C GLU B 518 -48.47 -7.61 -13.47
N VAL B 519 -48.53 -7.44 -12.15
CA VAL B 519 -49.58 -8.04 -11.33
C VAL B 519 -50.78 -7.12 -11.19
N SER B 520 -50.55 -5.81 -11.09
CA SER B 520 -51.61 -4.82 -10.98
C SER B 520 -51.51 -3.90 -12.18
N LYS B 521 -52.50 -3.99 -13.06
CA LYS B 521 -52.54 -3.12 -14.24
C LYS B 521 -52.90 -1.70 -13.84
N PHE B 522 -52.41 -0.74 -14.62
CA PHE B 522 -52.67 0.66 -14.34
C PHE B 522 -54.08 1.06 -14.78
N SER B 523 -54.60 2.08 -14.12
CA SER B 523 -55.83 2.75 -14.52
C SER B 523 -55.48 4.15 -15.05
N VAL B 524 -56.51 4.88 -15.44
CA VAL B 524 -56.34 6.20 -16.05
C VAL B 524 -56.83 7.26 -15.07
N CYS B 525 -56.03 8.31 -14.89
CA CYS B 525 -56.43 9.50 -14.16
C CYS B 525 -56.57 10.59 -15.21
N GLY B 526 -57.77 10.70 -15.77
CA GLY B 526 -57.98 11.61 -16.88
C GLY B 526 -58.09 13.06 -16.45
N PHE B 527 -57.96 13.93 -17.43
CA PHE B 527 -58.11 15.38 -17.24
C PHE B 527 -59.53 15.72 -17.68
N ALA B 528 -60.43 15.88 -16.69
CA ALA B 528 -61.85 16.07 -16.98
C ALA B 528 -62.35 17.47 -16.70
N ASN B 529 -61.71 18.22 -15.82
CA ASN B 529 -62.17 19.55 -15.48
C ASN B 529 -60.93 20.38 -15.12
N PRO B 530 -60.71 21.54 -15.74
CA PRO B 530 -59.48 22.29 -15.47
C PRO B 530 -59.48 23.01 -14.13
N LEU B 531 -60.61 23.04 -13.42
CA LEU B 531 -60.67 23.60 -12.07
C LEU B 531 -60.88 22.49 -11.06
N PRO B 532 -60.27 22.60 -9.87
CA PRO B 532 -60.39 21.53 -8.89
C PRO B 532 -61.75 21.55 -8.21
N THR B 533 -62.22 20.36 -7.83
CA THR B 533 -63.44 20.26 -7.04
C THR B 533 -63.20 20.65 -5.58
N GLU B 534 -61.96 20.50 -5.11
CA GLU B 534 -61.57 20.89 -3.76
C GLU B 534 -60.20 21.53 -3.81
N SER B 535 -59.96 22.47 -2.90
CA SER B 535 -58.66 23.11 -2.81
C SER B 535 -57.66 22.25 -2.05
N LEU B 536 -58.12 21.29 -1.25
CA LEU B 536 -57.25 20.42 -0.47
C LEU B 536 -56.42 21.23 0.53
N ASP B 537 -56.92 22.39 0.95
CA ASP B 537 -56.26 23.23 1.93
C ASP B 537 -54.89 23.70 1.47
N CYS B 538 -54.66 23.74 0.15
CA CYS B 538 -53.43 24.26 -0.43
C CYS B 538 -53.67 25.64 -1.00
N PHE B 539 -52.63 26.47 -0.98
CA PHE B 539 -52.72 27.86 -1.41
C PHE B 539 -51.60 28.18 -2.39
N CYS B 540 -51.96 28.82 -3.50
CA CYS B 540 -51.00 29.48 -4.38
C CYS B 540 -51.58 30.86 -4.68
N PRO B 541 -51.38 31.84 -3.80
CA PRO B 541 -51.96 33.16 -4.05
C PRO B 541 -51.44 33.82 -5.32
N HIS B 542 -50.31 33.38 -5.85
CA HIS B 542 -49.81 33.92 -7.12
C HIS B 542 -50.85 33.78 -8.22
N LEU B 543 -51.67 32.73 -8.17
CA LEU B 543 -52.75 32.51 -9.13
C LEU B 543 -53.97 33.25 -8.59
N GLN B 544 -54.23 34.43 -9.13
CA GLN B 544 -55.19 35.34 -8.51
C GLN B 544 -56.63 34.92 -8.77
N ASN B 545 -56.97 34.62 -10.02
CA ASN B 545 -58.35 34.30 -10.38
C ASN B 545 -58.40 32.97 -11.13
N SER B 546 -59.64 32.48 -11.29
CA SER B 546 -59.85 31.18 -11.92
C SER B 546 -59.33 31.15 -13.35
N THR B 547 -59.28 32.29 -14.03
CA THR B 547 -58.77 32.32 -15.39
C THR B 547 -57.30 31.92 -15.43
N GLN B 548 -56.49 32.48 -14.53
CA GLN B 548 -55.08 32.10 -14.47
C GLN B 548 -54.92 30.63 -14.09
N LEU B 549 -55.69 30.17 -13.12
CA LEU B 549 -55.61 28.77 -12.72
C LEU B 549 -55.97 27.85 -13.88
N GLU B 550 -56.98 28.22 -14.67
CA GLU B 550 -57.36 27.42 -15.83
C GLU B 550 -56.20 27.32 -16.82
N GLN B 551 -55.58 28.46 -17.13
CA GLN B 551 -54.43 28.45 -18.04
C GLN B 551 -53.35 27.50 -17.56
N VAL B 552 -53.00 27.58 -16.27
CA VAL B 552 -51.92 26.77 -15.73
C VAL B 552 -52.29 25.29 -15.77
N ASN B 553 -53.47 24.94 -15.29
CA ASN B 553 -53.84 23.53 -15.22
C ASN B 553 -53.98 22.89 -16.60
N GLN B 554 -54.30 23.69 -17.62
CA GLN B 554 -54.33 23.12 -18.96
C GLN B 554 -52.97 22.56 -19.39
N MET B 555 -51.88 23.01 -18.76
CA MET B 555 -50.56 22.47 -19.08
C MET B 555 -50.42 21.01 -18.66
N LEU B 556 -51.25 20.54 -17.72
CA LEU B 556 -51.30 19.13 -17.34
C LEU B 556 -52.14 18.31 -18.30
N ASN B 557 -52.87 18.95 -19.21
CA ASN B 557 -53.76 18.29 -20.16
C ASN B 557 -52.99 18.15 -21.47
N LEU B 558 -52.24 17.05 -21.60
CA LEU B 558 -51.39 16.81 -22.75
C LEU B 558 -52.16 16.10 -23.86
N THR B 559 -51.94 16.56 -25.10
CA THR B 559 -52.44 15.84 -26.26
C THR B 559 -51.80 14.46 -26.34
N GLN B 560 -52.42 13.57 -27.13
CA GLN B 560 -51.84 12.25 -27.32
C GLN B 560 -50.44 12.35 -27.90
N GLU B 561 -50.18 13.36 -28.73
CA GLU B 561 -48.85 13.56 -29.28
C GLU B 561 -47.85 13.92 -28.18
N GLU B 562 -48.23 14.84 -27.29
CA GLU B 562 -47.34 15.24 -26.22
C GLU B 562 -47.11 14.11 -25.22
N ILE B 563 -48.11 13.26 -25.00
CA ILE B 563 -47.90 12.10 -24.14
C ILE B 563 -46.88 11.15 -24.77
N THR B 564 -46.96 10.95 -26.08
CA THR B 564 -45.97 10.13 -26.77
C THR B 564 -44.58 10.72 -26.64
N ALA B 565 -44.47 12.05 -26.60
CA ALA B 565 -43.16 12.70 -26.56
C ALA B 565 -42.53 12.56 -25.18
N THR B 566 -43.27 12.88 -24.13
CA THR B 566 -42.68 12.79 -22.78
C THR B 566 -42.30 11.35 -22.44
N VAL B 567 -43.11 10.38 -22.87
CA VAL B 567 -42.77 8.98 -22.63
C VAL B 567 -41.49 8.62 -23.38
N LYS B 568 -41.37 9.08 -24.62
CA LYS B 568 -40.20 8.75 -25.42
C LYS B 568 -38.91 9.26 -24.79
N VAL B 569 -38.98 10.36 -24.05
CA VAL B 569 -37.78 10.99 -23.49
C VAL B 569 -37.64 10.68 -22.00
N ASN B 570 -38.73 10.69 -21.24
CA ASN B 570 -38.67 10.51 -19.80
C ASN B 570 -38.95 9.09 -19.36
N LEU B 571 -39.45 8.22 -20.23
CA LEU B 571 -39.57 6.79 -19.98
C LEU B 571 -38.91 6.03 -21.13
N PRO B 572 -37.60 6.17 -21.29
CA PRO B 572 -36.95 5.56 -22.46
C PRO B 572 -36.83 4.06 -22.37
N PHE B 573 -36.97 3.49 -21.17
CA PHE B 573 -36.86 2.05 -20.94
C PHE B 573 -38.19 1.41 -20.60
N GLY B 574 -39.29 2.15 -20.71
CA GLY B 574 -40.59 1.68 -20.29
C GLY B 574 -40.93 2.13 -18.88
N ARG B 575 -42.22 2.07 -18.58
CA ARG B 575 -42.67 2.42 -17.25
C ARG B 575 -42.33 1.30 -16.27
N PRO B 576 -42.01 1.64 -15.02
CA PRO B 576 -41.88 0.59 -13.99
C PRO B 576 -43.15 -0.24 -13.89
N ARG B 577 -42.99 -1.55 -13.89
CA ARG B 577 -44.13 -2.45 -13.80
C ARG B 577 -44.40 -2.80 -12.34
N VAL B 578 -45.66 -2.73 -11.94
CA VAL B 578 -46.04 -2.96 -10.54
C VAL B 578 -46.30 -4.45 -10.34
N LEU B 579 -45.49 -5.07 -9.48
CA LEU B 579 -45.64 -6.49 -9.14
C LEU B 579 -46.37 -6.69 -7.82
N GLN B 580 -46.79 -5.61 -7.16
CA GLN B 580 -47.65 -5.74 -6.00
C GLN B 580 -49.05 -6.17 -6.42
N LYS B 581 -49.68 -7.00 -5.58
CA LYS B 581 -51.03 -7.44 -5.84
C LYS B 581 -52.01 -6.36 -5.41
N ASN B 582 -53.06 -6.19 -6.21
CA ASN B 582 -54.21 -5.35 -5.84
C ASN B 582 -53.76 -3.95 -5.44
N VAL B 583 -52.96 -3.32 -6.30
CA VAL B 583 -52.54 -1.94 -6.13
C VAL B 583 -53.14 -1.13 -7.26
N ASP B 584 -53.99 -0.16 -6.90
CA ASP B 584 -54.62 0.71 -7.88
C ASP B 584 -53.68 1.89 -8.13
N HIS B 585 -53.30 2.10 -9.39
CA HIS B 585 -52.36 3.15 -9.72
C HIS B 585 -52.63 3.64 -11.14
N CYS B 586 -52.37 4.92 -11.35
CA CYS B 586 -52.48 5.53 -12.67
C CYS B 586 -51.18 6.27 -12.96
N LEU B 587 -50.99 6.59 -14.23
CA LEU B 587 -49.85 7.37 -14.66
C LEU B 587 -50.24 8.83 -14.82
N LEU B 588 -49.37 9.72 -14.36
CA LEU B 588 -49.53 11.16 -14.53
C LEU B 588 -48.47 11.64 -15.51
N TYR B 589 -48.92 12.16 -16.65
CA TYR B 589 -48.05 12.61 -17.72
C TYR B 589 -47.81 14.11 -17.61
N HIS B 590 -46.54 14.51 -17.65
CA HIS B 590 -46.15 15.90 -17.74
C HIS B 590 -45.15 16.05 -18.87
N ARG B 591 -44.87 17.29 -19.26
CA ARG B 591 -43.88 17.51 -20.31
C ARG B 591 -42.50 17.08 -19.85
N GLU B 592 -42.16 17.30 -18.58
CA GLU B 592 -40.82 17.06 -18.09
C GLU B 592 -40.69 15.83 -17.20
N TYR B 593 -41.78 15.18 -16.84
CA TYR B 593 -41.68 14.00 -15.99
C TYR B 593 -42.97 13.21 -16.03
N VAL B 594 -42.85 11.89 -15.83
CA VAL B 594 -43.96 10.96 -15.77
C VAL B 594 -43.89 10.23 -14.45
N SER B 595 -45.03 10.10 -13.78
CA SER B 595 -45.09 9.45 -12.48
C SER B 595 -46.16 8.36 -12.48
N GLY B 596 -45.94 7.35 -11.65
CA GLY B 596 -46.94 6.34 -11.36
C GLY B 596 -47.51 6.57 -9.97
N PHE B 597 -48.80 6.90 -9.90
CA PHE B 597 -49.40 7.44 -8.69
C PHE B 597 -50.12 6.33 -7.92
N GLY B 598 -49.70 6.11 -6.68
CA GLY B 598 -50.39 5.17 -5.80
C GLY B 598 -51.61 5.79 -5.13
N LYS B 599 -52.80 5.43 -5.62
CA LYS B 599 -54.02 6.09 -5.17
C LYS B 599 -54.27 5.87 -3.67
N ALA B 600 -53.98 4.66 -3.18
CA ALA B 600 -54.17 4.40 -1.75
C ALA B 600 -53.15 5.15 -0.91
N MET B 601 -51.88 5.14 -1.34
CA MET B 601 -50.84 5.92 -0.67
C MET B 601 -51.10 7.41 -0.78
N ARG B 602 -51.77 7.84 -1.85
CA ARG B 602 -51.96 9.26 -2.16
C ARG B 602 -50.64 9.94 -2.52
N MET B 603 -49.69 9.16 -3.03
CA MET B 603 -48.40 9.69 -3.46
C MET B 603 -47.86 8.79 -4.55
N PRO B 604 -46.82 9.22 -5.25
CA PRO B 604 -46.29 8.41 -6.35
C PRO B 604 -45.51 7.21 -5.84
N MET B 605 -45.68 6.08 -6.53
CA MET B 605 -44.78 4.94 -6.33
C MET B 605 -43.43 5.17 -6.98
N TRP B 606 -43.38 6.01 -8.01
CA TRP B 606 -42.17 6.27 -8.76
C TRP B 606 -42.40 7.51 -9.62
N SER B 607 -41.32 8.21 -9.90
CA SER B 607 -41.36 9.40 -10.76
C SER B 607 -40.14 9.32 -11.66
N SER B 608 -40.36 9.39 -12.96
CA SER B 608 -39.30 9.19 -13.95
C SER B 608 -39.15 10.45 -14.78
N TYR B 609 -37.90 10.93 -14.91
CA TYR B 609 -37.60 12.11 -15.69
C TYR B 609 -36.14 12.07 -16.11
N THR B 610 -35.87 12.62 -17.29
CA THR B 610 -34.53 12.61 -17.87
C THR B 610 -33.93 14.00 -17.79
N VAL B 611 -32.76 14.10 -17.17
CA VAL B 611 -32.07 15.38 -16.99
C VAL B 611 -31.02 15.48 -18.11
N PRO B 612 -31.15 16.42 -19.04
CA PRO B 612 -30.19 16.49 -20.16
C PRO B 612 -28.85 17.03 -19.70
N GLN B 613 -27.84 16.80 -20.55
CA GLN B 613 -26.56 17.45 -20.36
C GLN B 613 -26.69 18.92 -20.79
N LEU B 614 -26.33 19.83 -19.89
CA LEU B 614 -26.55 21.25 -20.12
C LEU B 614 -25.23 21.97 -20.34
N GLY B 615 -25.29 23.03 -21.14
CA GLY B 615 -24.12 23.85 -21.38
C GLY B 615 -23.66 24.60 -20.14
N ASP B 616 -24.60 24.96 -19.27
CA ASP B 616 -24.29 25.63 -18.01
C ASP B 616 -24.55 24.66 -16.86
N THR B 617 -23.59 24.57 -15.95
CA THR B 617 -23.73 23.71 -14.77
C THR B 617 -24.27 24.47 -13.56
N SER B 618 -24.99 25.57 -13.79
CA SER B 618 -25.49 26.40 -12.69
C SER B 618 -26.34 25.55 -11.74
N PRO B 619 -26.14 25.66 -10.42
CA PRO B 619 -27.01 24.92 -9.50
C PRO B 619 -28.43 25.46 -9.55
N LEU B 620 -29.39 24.55 -9.40
CA LEU B 620 -30.79 24.92 -9.46
C LEU B 620 -31.12 25.92 -8.34
N PRO B 621 -31.71 27.07 -8.64
CA PRO B 621 -32.21 27.94 -7.55
C PRO B 621 -33.32 27.25 -6.80
N PRO B 622 -33.67 27.72 -5.61
CA PRO B 622 -34.70 27.03 -4.82
C PRO B 622 -36.06 27.07 -5.51
N THR B 623 -36.88 26.08 -5.17
CA THR B 623 -38.27 26.05 -5.60
C THR B 623 -38.99 27.32 -5.16
N VAL B 624 -39.93 27.77 -5.98
CA VAL B 624 -40.76 28.91 -5.58
C VAL B 624 -41.51 28.55 -4.30
N PRO B 625 -41.44 29.37 -3.25
CA PRO B 625 -41.85 28.90 -1.92
C PRO B 625 -43.33 28.60 -1.74
N ASP B 626 -44.20 29.58 -1.96
CA ASP B 626 -45.59 29.50 -1.50
C ASP B 626 -46.53 29.26 -2.66
N CYS B 627 -46.43 28.09 -3.29
CA CYS B 627 -47.35 27.75 -4.37
C CYS B 627 -47.56 26.24 -4.41
N LEU B 628 -48.75 25.79 -3.97
CA LEU B 628 -49.17 24.41 -4.10
C LEU B 628 -50.65 24.38 -4.40
N ARG B 629 -51.07 23.42 -5.23
CA ARG B 629 -52.46 23.32 -5.61
C ARG B 629 -52.81 21.87 -5.85
N ALA B 630 -54.11 21.60 -5.92
CA ALA B 630 -54.58 20.25 -6.16
C ALA B 630 -54.37 19.85 -7.61
N ASP B 631 -54.08 18.56 -7.81
CA ASP B 631 -53.96 17.99 -9.15
C ASP B 631 -55.35 17.60 -9.63
N VAL B 632 -55.85 18.30 -10.64
CA VAL B 632 -57.23 18.08 -11.09
C VAL B 632 -57.43 16.68 -11.61
N ARG B 633 -56.35 15.97 -11.97
CA ARG B 633 -56.48 14.61 -12.49
C ARG B 633 -56.77 13.59 -11.41
N VAL B 634 -56.41 13.87 -10.17
CA VAL B 634 -56.52 12.92 -9.06
C VAL B 634 -57.67 13.36 -8.18
N PRO B 635 -58.61 12.46 -7.83
CA PRO B 635 -59.74 12.88 -7.00
C PRO B 635 -59.28 13.26 -5.60
N PRO B 636 -60.03 14.11 -4.91
CA PRO B 636 -59.61 14.53 -3.55
C PRO B 636 -59.41 13.37 -2.58
N SER B 637 -60.23 12.32 -2.67
CA SER B 637 -60.10 11.19 -1.76
C SER B 637 -58.75 10.48 -1.91
N GLU B 638 -58.10 10.62 -3.06
CA GLU B 638 -56.82 9.95 -3.30
C GLU B 638 -55.67 10.95 -3.29
N SER B 639 -55.88 12.15 -2.79
CA SER B 639 -54.88 13.20 -2.80
C SER B 639 -54.50 13.58 -1.37
N GLN B 640 -53.27 14.07 -1.23
CA GLN B 640 -52.84 14.65 0.04
C GLN B 640 -53.40 16.05 0.18
N LYS B 641 -53.58 16.47 1.43
CA LYS B 641 -53.93 17.84 1.77
C LYS B 641 -52.72 18.54 2.36
N CYS B 642 -52.53 19.80 2.00
CA CYS B 642 -51.43 20.56 2.58
C CYS B 642 -51.62 20.74 4.08
N SER B 643 -52.87 20.69 4.55
CA SER B 643 -53.15 20.80 5.98
C SER B 643 -52.70 19.58 6.75
N PHE B 644 -52.51 18.44 6.08
CA PHE B 644 -51.94 17.27 6.76
C PHE B 644 -50.57 17.60 7.33
N TYR B 645 -49.77 18.35 6.57
CA TYR B 645 -48.39 18.60 6.98
C TYR B 645 -48.30 19.67 8.07
N LEU B 646 -49.22 20.63 8.07
CA LEU B 646 -49.27 21.56 9.19
C LEU B 646 -49.69 20.84 10.47
N ALA B 647 -50.65 19.90 10.36
CA ALA B 647 -51.15 19.19 11.54
C ALA B 647 -50.10 18.25 12.12
N ASP B 648 -49.20 17.73 11.28
CA ASP B 648 -48.15 16.83 11.74
C ASP B 648 -46.91 17.66 12.04
N LYS B 649 -46.57 17.77 13.33
CA LYS B 649 -45.48 18.65 13.75
C LYS B 649 -44.11 18.06 13.51
N ASN B 650 -44.00 16.73 13.48
CA ASN B 650 -42.71 16.07 13.38
C ASN B 650 -42.21 15.89 11.95
N ILE B 651 -43.00 16.26 10.94
CA ILE B 651 -42.63 16.00 9.55
C ILE B 651 -43.22 17.09 8.64
N THR B 652 -42.54 17.34 7.53
CA THR B 652 -43.00 18.28 6.52
C THR B 652 -43.11 17.55 5.18
N HIS B 653 -43.27 18.32 4.11
CA HIS B 653 -43.46 17.74 2.78
C HIS B 653 -42.27 18.06 1.88
N GLY B 654 -42.03 17.16 0.93
CA GLY B 654 -40.99 17.36 -0.06
C GLY B 654 -41.50 16.99 -1.43
N PHE B 655 -40.71 17.34 -2.43
CA PHE B 655 -41.04 17.05 -3.82
C PHE B 655 -40.22 15.87 -4.31
N LEU B 656 -40.87 14.99 -5.08
CA LEU B 656 -40.18 13.87 -5.70
C LEU B 656 -39.46 14.33 -6.97
N TYR B 657 -40.22 14.87 -7.92
CA TYR B 657 -39.61 15.53 -9.07
C TYR B 657 -39.24 16.96 -8.66
N PRO B 658 -37.99 17.39 -8.82
CA PRO B 658 -37.60 18.71 -8.30
C PRO B 658 -38.20 19.82 -9.14
N PRO B 659 -39.10 20.63 -8.58
CA PRO B 659 -39.73 21.68 -9.40
C PRO B 659 -38.76 22.67 -9.99
N ALA B 660 -37.70 23.01 -9.26
CA ALA B 660 -36.79 24.06 -9.68
C ALA B 660 -36.03 23.71 -10.96
N SER B 661 -36.08 22.46 -11.40
CA SER B 661 -35.42 22.03 -12.64
C SER B 661 -36.28 22.28 -13.87
N ASN B 662 -37.27 23.17 -13.79
CA ASN B 662 -38.08 23.52 -14.95
C ASN B 662 -37.19 24.04 -16.07
N ARG B 663 -37.51 23.65 -17.30
CA ARG B 663 -36.77 24.09 -18.48
C ARG B 663 -37.54 25.09 -19.32
N THR B 664 -38.75 25.47 -18.91
CA THR B 664 -39.49 26.56 -19.51
C THR B 664 -40.02 27.47 -18.42
N SER B 665 -40.36 28.71 -18.81
CA SER B 665 -40.59 29.77 -17.84
C SER B 665 -41.80 29.51 -16.94
N ASP B 666 -42.66 28.54 -17.28
CA ASP B 666 -43.83 28.26 -16.48
C ASP B 666 -44.01 26.79 -16.12
N SER B 667 -43.15 25.90 -16.61
CA SER B 667 -43.34 24.48 -16.36
C SER B 667 -43.18 24.10 -14.90
N GLN B 668 -42.64 24.98 -14.07
CA GLN B 668 -42.51 24.65 -12.65
C GLN B 668 -43.87 24.47 -11.99
N TYR B 669 -44.94 25.00 -12.60
CA TYR B 669 -46.28 24.76 -12.09
C TYR B 669 -46.65 23.28 -12.18
N ASP B 670 -46.10 22.57 -13.17
CA ASP B 670 -46.41 21.16 -13.35
C ASP B 670 -45.97 20.33 -12.15
N ALA B 671 -45.00 20.81 -11.39
CA ALA B 671 -44.45 20.09 -10.25
C ALA B 671 -45.00 20.58 -8.92
N LEU B 672 -45.70 21.71 -8.89
CA LEU B 672 -46.18 22.29 -7.64
C LEU B 672 -47.62 21.83 -7.37
N ILE B 673 -47.80 20.51 -7.35
CA ILE B 673 -49.13 19.92 -7.22
C ILE B 673 -49.07 18.79 -6.20
N THR B 674 -50.21 18.54 -5.57
CA THR B 674 -50.30 17.55 -4.50
C THR B 674 -49.86 16.16 -4.94
N SER B 675 -49.91 15.87 -6.25
CA SER B 675 -49.54 14.55 -6.74
C SER B 675 -48.03 14.36 -6.79
N ASN B 676 -47.26 15.42 -6.60
CA ASN B 676 -45.81 15.35 -6.57
C ASN B 676 -45.26 15.52 -5.16
N LEU B 677 -46.11 15.41 -4.14
CA LEU B 677 -45.70 15.58 -2.75
C LEU B 677 -45.41 14.24 -2.10
N VAL B 678 -44.38 14.22 -1.24
CA VAL B 678 -44.10 13.06 -0.40
C VAL B 678 -43.68 13.55 0.98
N PRO B 679 -43.94 12.75 2.01
CA PRO B 679 -43.59 13.17 3.37
C PRO B 679 -42.08 13.13 3.59
N MET B 680 -41.54 14.22 4.16
CA MET B 680 -40.11 14.29 4.45
C MET B 680 -39.86 15.00 5.77
N TYR B 681 -38.99 14.42 6.59
CA TYR B 681 -38.47 15.14 7.75
C TYR B 681 -37.64 16.32 7.27
N GLU B 682 -37.69 17.41 8.03
CA GLU B 682 -36.98 18.63 7.67
C GLU B 682 -35.51 18.34 7.37
N GLU B 683 -34.83 17.65 8.28
CA GLU B 683 -33.39 17.44 8.12
C GLU B 683 -33.08 16.59 6.91
N PHE B 684 -33.93 15.58 6.63
CA PHE B 684 -33.72 14.78 5.43
C PHE B 684 -33.91 15.63 4.18
N ARG B 685 -34.90 16.52 4.19
CA ARG B 685 -35.19 17.32 2.99
C ARG B 685 -34.00 18.19 2.61
N LYS B 686 -33.26 18.69 3.59
CA LYS B 686 -32.03 19.42 3.30
C LYS B 686 -31.08 18.57 2.47
N MET B 687 -30.87 17.32 2.90
CA MET B 687 -30.00 16.40 2.18
C MET B 687 -30.60 16.05 0.81
N TRP B 688 -31.90 15.78 0.79
CA TRP B 688 -32.59 15.45 -0.46
C TRP B 688 -32.52 16.60 -1.46
N ASP B 689 -32.71 17.84 -0.98
CA ASP B 689 -32.69 18.98 -1.88
C ASP B 689 -31.29 19.28 -2.37
N TYR B 690 -30.27 19.09 -1.52
CA TYR B 690 -28.91 19.36 -1.97
C TYR B 690 -28.49 18.37 -3.05
N PHE B 691 -28.89 17.11 -2.93
CA PHE B 691 -28.58 16.12 -3.97
C PHE B 691 -29.19 16.53 -5.31
N HIS B 692 -30.48 16.87 -5.32
CA HIS B 692 -31.14 17.20 -6.58
C HIS B 692 -30.70 18.55 -7.10
N SER B 693 -30.36 19.48 -6.22
CA SER B 693 -29.98 20.82 -6.63
C SER B 693 -28.57 20.87 -7.19
N VAL B 694 -27.67 20.02 -6.70
CA VAL B 694 -26.24 20.17 -6.98
C VAL B 694 -25.68 18.87 -7.55
N LEU B 695 -25.74 17.79 -6.76
CA LEU B 695 -25.09 16.56 -7.16
C LEU B 695 -25.71 15.99 -8.44
N LEU B 696 -27.04 16.08 -8.57
CA LEU B 696 -27.69 15.46 -9.72
C LEU B 696 -27.19 16.07 -11.03
N ILE B 697 -26.93 17.38 -11.04
CA ILE B 697 -26.48 18.04 -12.26
C ILE B 697 -25.08 17.56 -12.63
N LYS B 698 -24.23 17.32 -11.64
CA LYS B 698 -22.88 16.81 -11.91
C LYS B 698 -22.96 15.42 -12.54
N HIS B 699 -23.78 14.54 -11.97
CA HIS B 699 -23.99 13.24 -12.58
C HIS B 699 -24.45 13.37 -14.02
N ALA B 700 -25.32 14.35 -14.29
CA ALA B 700 -25.86 14.53 -15.64
C ALA B 700 -24.78 14.96 -16.63
N THR B 701 -23.91 15.88 -16.23
CA THR B 701 -22.85 16.33 -17.14
C THR B 701 -21.78 15.27 -17.31
N GLU B 702 -21.50 14.49 -16.27
CA GLU B 702 -20.48 13.45 -16.38
C GLU B 702 -20.96 12.26 -17.22
N ARG B 703 -22.27 12.07 -17.37
CA ARG B 703 -22.80 10.90 -18.04
C ARG B 703 -23.55 11.25 -19.31
N ASN B 704 -23.50 12.51 -19.75
CA ASN B 704 -24.20 12.98 -20.95
C ASN B 704 -25.71 12.79 -20.81
N GLY B 705 -26.25 13.42 -19.77
CA GLY B 705 -27.62 13.23 -19.39
C GLY B 705 -27.80 12.00 -18.52
N VAL B 706 -28.90 12.00 -17.77
CA VAL B 706 -29.17 10.88 -16.88
C VAL B 706 -30.68 10.77 -16.67
N ASN B 707 -31.20 9.57 -16.81
CA ASN B 707 -32.58 9.30 -16.48
C ASN B 707 -32.69 9.00 -15.00
N VAL B 708 -33.70 9.59 -14.36
CA VAL B 708 -33.90 9.48 -12.92
C VAL B 708 -35.24 8.81 -12.68
N VAL B 709 -35.24 7.81 -11.80
CA VAL B 709 -36.47 7.25 -11.25
C VAL B 709 -36.33 7.24 -9.74
N SER B 710 -37.24 7.94 -9.05
CA SER B 710 -37.20 8.02 -7.61
C SER B 710 -38.59 7.72 -7.05
N GLY B 711 -38.64 7.40 -5.75
CA GLY B 711 -39.89 7.10 -5.11
C GLY B 711 -39.71 6.62 -3.68
N PRO B 712 -40.83 6.36 -3.00
CA PRO B 712 -40.77 5.97 -1.60
C PRO B 712 -40.60 4.48 -1.38
N ILE B 713 -40.01 4.15 -0.24
CA ILE B 713 -39.87 2.77 0.21
C ILE B 713 -40.40 2.68 1.62
N PHE B 714 -41.15 1.61 1.90
CA PHE B 714 -41.69 1.32 3.23
C PHE B 714 -41.21 -0.07 3.63
N ASP B 715 -40.31 -0.13 4.62
CA ASP B 715 -39.79 -1.40 5.12
C ASP B 715 -39.65 -1.33 6.64
N TYR B 716 -40.79 -1.21 7.34
CA TYR B 716 -40.77 -1.04 8.79
C TYR B 716 -40.37 -2.31 9.53
N ASN B 717 -40.50 -3.48 8.92
CA ASN B 717 -40.01 -4.71 9.50
C ASN B 717 -38.64 -5.10 8.97
N TYR B 718 -37.99 -4.19 8.24
CA TYR B 718 -36.62 -4.35 7.75
C TYR B 718 -36.31 -5.77 7.30
N ASP B 719 -37.18 -6.32 6.44
CA ASP B 719 -36.95 -7.63 5.85
C ASP B 719 -36.51 -7.53 4.38
N GLY B 720 -36.28 -6.32 3.87
CA GLY B 720 -35.84 -6.15 2.51
C GLY B 720 -36.94 -6.16 1.47
N HIS B 721 -38.21 -6.29 1.88
CA HIS B 721 -39.33 -6.36 0.96
C HIS B 721 -40.32 -5.24 1.23
N PHE B 722 -40.97 -4.78 0.15
CA PHE B 722 -41.98 -3.74 0.28
C PHE B 722 -43.04 -4.16 1.28
N ASP B 723 -43.39 -3.24 2.17
CA ASP B 723 -44.42 -3.52 3.18
C ASP B 723 -45.80 -3.57 2.56
N ALA B 724 -46.63 -4.47 3.09
CA ALA B 724 -48.05 -4.35 2.88
C ALA B 724 -48.58 -3.21 3.72
N PRO B 725 -49.72 -2.61 3.34
CA PRO B 725 -50.22 -1.47 4.12
C PRO B 725 -50.33 -1.74 5.62
N ASP B 726 -50.75 -2.94 6.01
CA ASP B 726 -50.95 -3.26 7.42
C ASP B 726 -49.64 -3.45 8.17
N GLU B 727 -48.49 -3.40 7.50
CA GLU B 727 -47.20 -3.47 8.16
C GLU B 727 -46.59 -2.10 8.41
N ILE B 728 -47.16 -1.03 7.86
CA ILE B 728 -46.61 0.30 7.99
C ILE B 728 -47.08 0.89 9.31
N THR B 729 -46.13 1.24 10.17
CA THR B 729 -46.42 1.60 11.56
C THR B 729 -46.40 3.10 11.81
N LYS B 730 -46.26 3.92 10.76
CA LYS B 730 -46.20 5.36 10.93
C LYS B 730 -46.92 6.03 9.77
N HIS B 731 -47.75 7.02 10.10
CA HIS B 731 -48.55 7.70 9.10
C HIS B 731 -48.55 9.19 9.38
N LEU B 732 -48.92 9.95 8.34
CA LEU B 732 -48.94 11.41 8.40
C LEU B 732 -50.15 11.88 9.21
N ALA B 733 -49.90 12.65 10.26
CA ALA B 733 -50.97 13.24 11.08
C ALA B 733 -51.84 12.11 11.60
N ASN B 734 -53.16 12.15 11.40
CA ASN B 734 -54.05 11.06 11.76
C ASN B 734 -54.65 10.42 10.51
N THR B 735 -53.93 10.50 9.40
CA THR B 735 -54.42 10.02 8.11
C THR B 735 -53.93 8.59 7.88
N ASP B 736 -54.18 8.06 6.68
CA ASP B 736 -53.63 6.79 6.24
C ASP B 736 -52.51 6.98 5.22
N VAL B 737 -51.94 8.18 5.14
CA VAL B 737 -50.80 8.46 4.27
C VAL B 737 -49.55 7.90 4.95
N PRO B 738 -48.88 6.92 4.36
CA PRO B 738 -47.74 6.30 5.05
C PRO B 738 -46.48 7.14 4.96
N ILE B 739 -45.66 7.01 5.99
CA ILE B 739 -44.37 7.69 6.07
C ILE B 739 -43.29 6.73 5.55
N PRO B 740 -42.56 7.06 4.49
CA PRO B 740 -41.53 6.16 3.99
C PRO B 740 -40.41 5.95 5.01
N THR B 741 -39.85 4.74 5.00
CA THR B 741 -38.61 4.48 5.71
C THR B 741 -37.38 4.85 4.89
N HIS B 742 -37.49 4.81 3.56
CA HIS B 742 -36.39 5.15 2.67
C HIS B 742 -36.96 5.82 1.42
N TYR B 743 -36.07 6.43 0.66
CA TYR B 743 -36.34 6.87 -0.69
C TYR B 743 -35.28 6.28 -1.61
N PHE B 744 -35.71 5.78 -2.76
CA PHE B 744 -34.78 5.31 -3.77
C PHE B 744 -34.62 6.35 -4.87
N VAL B 745 -33.42 6.40 -5.44
CA VAL B 745 -33.10 7.22 -6.61
C VAL B 745 -32.21 6.35 -7.48
N VAL B 746 -32.70 5.97 -8.65
CA VAL B 746 -31.93 5.20 -9.62
C VAL B 746 -31.59 6.11 -10.79
N LEU B 747 -30.29 6.28 -11.01
CA LEU B 747 -29.76 7.02 -12.16
C LEU B 747 -29.42 6.03 -13.26
N THR B 748 -29.96 6.22 -14.45
CA THR B 748 -29.73 5.34 -15.58
C THR B 748 -29.28 6.17 -16.78
N SER B 749 -28.18 5.78 -17.41
CA SER B 749 -27.67 6.46 -18.58
C SER B 749 -27.03 5.43 -19.51
N CYS B 750 -26.45 5.90 -20.60
CA CYS B 750 -25.85 5.02 -21.59
C CYS B 750 -24.41 4.70 -21.22
N LYS B 751 -24.04 3.43 -21.33
CA LYS B 751 -22.66 3.03 -21.06
C LYS B 751 -21.70 3.73 -22.01
N ASN B 752 -22.10 3.93 -23.27
CA ASN B 752 -21.35 4.76 -24.21
C ASN B 752 -21.79 6.20 -23.99
N LYS B 753 -20.95 7.00 -23.31
CA LYS B 753 -21.29 8.39 -23.03
C LYS B 753 -21.56 9.20 -24.29
N SER B 754 -21.24 8.68 -25.47
CA SER B 754 -21.56 9.37 -26.72
C SER B 754 -23.06 9.50 -26.94
N HIS B 755 -23.87 8.68 -26.27
CA HIS B 755 -25.32 8.68 -26.42
C HIS B 755 -25.99 9.23 -25.15
N THR B 756 -27.16 9.81 -25.33
CA THR B 756 -27.99 10.23 -24.21
C THR B 756 -28.88 9.08 -23.76
N PRO B 757 -29.47 9.19 -22.57
CA PRO B 757 -30.28 8.06 -22.08
C PRO B 757 -31.41 7.66 -23.00
N GLU B 758 -31.95 8.59 -23.80
CA GLU B 758 -33.05 8.26 -24.70
C GLU B 758 -32.58 7.58 -25.97
N ASN B 759 -31.38 7.90 -26.46
CA ASN B 759 -30.87 7.36 -27.72
C ASN B 759 -29.73 6.38 -27.48
N CYS B 760 -29.96 5.37 -26.64
CA CYS B 760 -28.93 4.42 -26.26
C CYS B 760 -29.27 3.03 -26.79
N PRO B 761 -28.73 2.62 -27.94
CA PRO B 761 -29.07 1.29 -28.45
C PRO B 761 -28.39 0.14 -27.70
N GLY B 762 -27.31 0.39 -26.98
CA GLY B 762 -26.51 -0.64 -26.35
C GLY B 762 -26.76 -0.76 -24.85
N TRP B 763 -25.71 -1.15 -24.13
CA TRP B 763 -25.80 -1.37 -22.69
C TRP B 763 -26.12 -0.08 -21.96
N LEU B 764 -26.75 -0.23 -20.79
CA LEU B 764 -27.01 0.87 -19.88
C LEU B 764 -25.99 0.88 -18.76
N ASP B 765 -25.98 1.98 -18.01
CA ASP B 765 -25.18 2.10 -16.79
C ASP B 765 -26.08 2.67 -15.70
N VAL B 766 -26.03 2.08 -14.50
CA VAL B 766 -26.96 2.41 -13.43
C VAL B 766 -26.19 2.81 -12.19
N LEU B 767 -26.74 3.78 -11.45
CA LEU B 767 -26.22 4.20 -10.16
C LEU B 767 -27.42 4.30 -9.22
N PRO B 768 -27.77 3.21 -8.51
CA PRO B 768 -28.93 3.24 -7.63
C PRO B 768 -28.59 3.58 -6.18
N PHE B 769 -29.44 4.44 -5.60
CA PHE B 769 -29.35 4.84 -4.21
C PHE B 769 -30.60 4.41 -3.47
N ILE B 770 -30.44 4.00 -2.21
CA ILE B 770 -31.56 3.75 -1.30
C ILE B 770 -31.24 4.48 -0.01
N ILE B 771 -31.63 5.75 0.05
CA ILE B 771 -31.24 6.64 1.14
C ILE B 771 -32.18 6.43 2.32
N PRO B 772 -31.68 6.35 3.55
CA PRO B 772 -32.58 6.27 4.70
C PRO B 772 -33.31 7.60 4.91
N HIS B 773 -34.60 7.49 5.21
CA HIS B 773 -35.44 8.66 5.49
C HIS B 773 -35.50 8.82 7.00
N ARG B 774 -34.54 9.58 7.55
CA ARG B 774 -34.35 9.71 8.98
C ARG B 774 -34.51 11.16 9.44
N PRO B 775 -35.07 11.36 10.65
CA PRO B 775 -35.34 12.74 11.10
C PRO B 775 -34.11 13.53 11.50
N THR B 776 -32.97 12.88 11.74
CA THR B 776 -31.71 13.58 11.97
C THR B 776 -30.66 13.06 11.00
N ASN B 777 -29.63 13.86 10.79
CA ASN B 777 -28.48 13.45 9.98
C ASN B 777 -27.31 13.03 10.85
N VAL B 778 -27.59 12.44 12.00
CA VAL B 778 -26.53 12.00 12.91
C VAL B 778 -25.62 10.99 12.21
N GLU B 779 -26.15 10.22 11.26
CA GLU B 779 -25.33 9.23 10.57
C GLU B 779 -24.18 9.88 9.83
N SER B 780 -24.33 11.15 9.43
CA SER B 780 -23.32 11.86 8.67
C SER B 780 -22.39 12.71 9.53
N CYS B 781 -22.64 12.80 10.83
CA CYS B 781 -21.87 13.61 11.76
C CYS B 781 -21.50 14.94 11.10
N PRO B 782 -22.49 15.77 10.76
CA PRO B 782 -22.19 16.99 10.02
C PRO B 782 -21.52 18.07 10.85
N GLU B 783 -21.75 18.08 12.16
CA GLU B 783 -21.05 18.98 13.09
C GLU B 783 -21.02 20.40 12.55
N GLY B 784 -22.14 20.84 11.99
CA GLY B 784 -22.26 22.19 11.47
C GLY B 784 -21.61 22.44 10.14
N LYS B 785 -21.10 21.40 9.47
CA LYS B 785 -20.44 21.59 8.19
C LYS B 785 -21.47 21.79 7.07
N PRO B 786 -21.08 22.45 5.97
CA PRO B 786 -22.00 22.61 4.84
C PRO B 786 -22.28 21.29 4.14
N GLU B 787 -23.44 21.26 3.47
CA GLU B 787 -23.89 20.03 2.82
C GLU B 787 -22.86 19.51 1.81
N ALA B 788 -22.10 20.39 1.19
CA ALA B 788 -21.11 19.94 0.23
C ALA B 788 -20.10 18.98 0.85
N LEU B 789 -19.98 18.98 2.18
CA LEU B 789 -18.96 18.21 2.87
C LEU B 789 -19.46 16.87 3.42
N TRP B 790 -20.73 16.52 3.23
CA TRP B 790 -21.21 15.27 3.82
C TRP B 790 -22.40 14.64 3.09
N VAL B 791 -23.15 15.41 2.31
CA VAL B 791 -24.32 14.84 1.63
C VAL B 791 -23.88 13.76 0.65
N GLU B 792 -22.97 14.09 -0.26
CA GLU B 792 -22.52 13.12 -1.25
C GLU B 792 -21.98 11.87 -0.58
N GLU B 793 -21.17 12.03 0.46
CA GLU B 793 -20.65 10.89 1.19
C GLU B 793 -21.79 10.01 1.71
N ARG B 794 -22.88 10.62 2.14
CA ARG B 794 -23.98 9.84 2.71
C ARG B 794 -24.72 9.05 1.64
N PHE B 795 -24.89 9.63 0.44
CA PHE B 795 -25.53 8.89 -0.64
C PHE B 795 -24.66 7.73 -1.11
N THR B 796 -23.36 7.95 -1.23
CA THR B 796 -22.46 6.89 -1.66
C THR B 796 -22.50 5.70 -0.71
N ALA B 797 -22.63 5.96 0.59
CA ALA B 797 -22.71 4.88 1.57
C ALA B 797 -23.99 4.06 1.45
N HIS B 798 -24.98 4.54 0.72
CA HIS B 798 -26.24 3.83 0.56
C HIS B 798 -26.52 3.53 -0.90
N ILE B 799 -25.46 3.36 -1.69
CA ILE B 799 -25.62 2.77 -3.01
C ILE B 799 -26.13 1.35 -2.85
N ALA B 800 -26.82 0.85 -3.88
CA ALA B 800 -27.35 -0.50 -3.85
C ALA B 800 -27.53 -0.98 -5.29
N ARG B 801 -28.05 -2.20 -5.42
CA ARG B 801 -28.42 -2.75 -6.71
C ARG B 801 -29.85 -2.38 -7.07
N VAL B 802 -30.12 -2.27 -8.37
CA VAL B 802 -31.49 -2.09 -8.82
C VAL B 802 -32.36 -3.21 -8.27
N ARG B 803 -31.82 -4.43 -8.24
CA ARG B 803 -32.57 -5.54 -7.69
C ARG B 803 -33.01 -5.27 -6.26
N ASP B 804 -32.16 -4.60 -5.47
CA ASP B 804 -32.54 -4.23 -4.12
C ASP B 804 -33.71 -3.25 -4.12
N VAL B 805 -33.72 -2.32 -5.08
CA VAL B 805 -34.82 -1.37 -5.19
C VAL B 805 -36.11 -2.08 -5.56
N GLU B 806 -36.05 -3.00 -6.53
CA GLU B 806 -37.23 -3.74 -6.93
C GLU B 806 -37.83 -4.51 -5.75
N LEU B 807 -36.98 -5.15 -4.93
CA LEU B 807 -37.50 -5.90 -3.81
C LEU B 807 -38.21 -4.99 -2.81
N LEU B 808 -37.64 -3.81 -2.55
CA LEU B 808 -38.20 -2.90 -1.56
C LEU B 808 -39.41 -2.12 -2.06
N THR B 809 -39.70 -2.15 -3.37
CA THR B 809 -40.78 -1.36 -3.94
C THR B 809 -41.88 -2.17 -4.58
N GLY B 810 -41.60 -3.41 -5.01
CA GLY B 810 -42.56 -4.15 -5.79
C GLY B 810 -42.65 -3.70 -7.23
N LEU B 811 -41.65 -2.94 -7.71
CA LEU B 811 -41.59 -2.48 -9.09
C LEU B 811 -40.55 -3.27 -9.86
N ASP B 812 -40.75 -3.36 -11.18
CA ASP B 812 -39.81 -4.01 -12.09
C ASP B 812 -39.47 -3.04 -13.20
N PHE B 813 -38.18 -2.83 -13.42
CA PHE B 813 -37.68 -1.80 -14.31
C PHE B 813 -37.19 -2.39 -15.64
N TYR B 814 -37.17 -1.54 -16.66
CA TYR B 814 -36.43 -1.76 -17.91
C TYR B 814 -37.07 -2.83 -18.80
N GLN B 815 -38.37 -3.08 -18.66
CA GLN B 815 -38.99 -4.15 -19.44
C GLN B 815 -39.09 -3.79 -20.92
N ASP B 816 -39.23 -2.51 -21.25
CA ASP B 816 -39.33 -2.09 -22.64
C ASP B 816 -37.97 -1.74 -23.23
N LYS B 817 -36.89 -2.16 -22.58
CA LYS B 817 -35.55 -2.00 -23.15
C LYS B 817 -35.23 -3.24 -23.97
N VAL B 818 -34.97 -3.04 -25.26
CA VAL B 818 -34.71 -4.16 -26.15
C VAL B 818 -33.32 -4.71 -25.88
N GLN B 819 -33.27 -5.85 -25.19
CA GLN B 819 -32.01 -6.49 -24.83
C GLN B 819 -32.33 -7.81 -24.16
N PRO B 820 -31.53 -8.86 -24.35
CA PRO B 820 -31.85 -10.15 -23.73
C PRO B 820 -32.09 -9.99 -22.24
N VAL B 821 -33.11 -10.69 -21.74
CA VAL B 821 -33.45 -10.60 -20.32
C VAL B 821 -32.21 -10.89 -19.47
N SER B 822 -31.45 -11.92 -19.83
CA SER B 822 -30.29 -12.31 -19.03
C SER B 822 -29.31 -11.16 -18.90
N GLU B 823 -29.20 -10.30 -19.92
CA GLU B 823 -28.32 -9.14 -19.81
C GLU B 823 -28.91 -8.09 -18.89
N ILE B 824 -30.22 -7.86 -18.99
CA ILE B 824 -30.86 -6.91 -18.07
C ILE B 824 -30.71 -7.37 -16.62
N LEU B 825 -30.69 -8.68 -16.39
CA LEU B 825 -30.48 -9.18 -15.03
C LEU B 825 -29.07 -8.90 -14.54
N GLN B 826 -28.08 -8.90 -15.44
CA GLN B 826 -26.74 -8.45 -15.06
C GLN B 826 -26.76 -6.99 -14.62
N LEU B 827 -27.53 -6.16 -15.32
CA LEU B 827 -27.64 -4.76 -14.95
C LEU B 827 -28.30 -4.60 -13.59
N LYS B 828 -29.28 -5.47 -13.28
CA LYS B 828 -30.05 -5.30 -12.07
C LYS B 828 -29.30 -5.80 -10.83
N THR B 829 -28.35 -6.72 -11.00
CA THR B 829 -27.56 -7.20 -9.88
C THR B 829 -26.24 -6.46 -9.72
N TYR B 830 -25.89 -5.60 -10.67
CA TYR B 830 -24.65 -4.83 -10.61
C TYR B 830 -24.66 -3.89 -9.41
N LEU B 831 -23.54 -3.86 -8.68
CA LEU B 831 -23.34 -2.90 -7.61
C LEU B 831 -22.26 -1.90 -8.03
N PRO B 832 -22.53 -0.60 -8.11
CA PRO B 832 -21.45 0.36 -8.31
C PRO B 832 -20.57 0.43 -7.07
N THR B 833 -19.26 0.49 -7.29
CA THR B 833 -18.28 0.46 -6.20
C THR B 833 -17.34 1.65 -6.31
N PHE B 834 -16.91 2.12 -5.15
CA PHE B 834 -15.98 3.24 -5.05
C PHE B 834 -15.06 3.08 -3.84
#